data_2A04
# 
_entry.id   2A04 
# 
_audit_conform.dict_name       mmcif_pdbx.dic 
_audit_conform.dict_version    5.387 
_audit_conform.dict_location   http://mmcif.pdb.org/dictionaries/ascii/mmcif_pdbx.dic 
# 
loop_
_database_2.database_id 
_database_2.database_code 
_database_2.pdbx_database_accession 
_database_2.pdbx_DOI 
PDB   2A04         pdb_00002a04 10.2210/pdb2a04/pdb 
NDB   DR0014       ?            ?                   
RCSB  RCSB033325   ?            ?                   
WWPDB D_1000033325 ?            ?                   
# 
loop_
_pdbx_audit_revision_history.ordinal 
_pdbx_audit_revision_history.data_content_type 
_pdbx_audit_revision_history.major_revision 
_pdbx_audit_revision_history.minor_revision 
_pdbx_audit_revision_history.revision_date 
1 'Structure model' 1 0 2005-09-20 
2 'Structure model' 1 1 2008-04-30 
3 'Structure model' 1 2 2011-07-13 
4 'Structure model' 1 3 2024-02-14 
# 
_pdbx_audit_revision_details.ordinal             1 
_pdbx_audit_revision_details.revision_ordinal    1 
_pdbx_audit_revision_details.data_content_type   'Structure model' 
_pdbx_audit_revision_details.provider            repository 
_pdbx_audit_revision_details.type                'Initial release' 
_pdbx_audit_revision_details.description         ? 
_pdbx_audit_revision_details.details             ? 
# 
loop_
_pdbx_audit_revision_group.ordinal 
_pdbx_audit_revision_group.revision_ordinal 
_pdbx_audit_revision_group.data_content_type 
_pdbx_audit_revision_group.group 
1 2 'Structure model' 'Version format compliance' 
2 3 'Structure model' 'Version format compliance' 
3 4 'Structure model' 'Data collection'           
4 4 'Structure model' 'Database references'       
5 4 'Structure model' 'Derived calculations'      
# 
loop_
_pdbx_audit_revision_category.ordinal 
_pdbx_audit_revision_category.revision_ordinal 
_pdbx_audit_revision_category.data_content_type 
_pdbx_audit_revision_category.category 
1 4 'Structure model' chem_comp_atom         
2 4 'Structure model' chem_comp_bond         
3 4 'Structure model' database_2             
4 4 'Structure model' pdbx_struct_conn_angle 
5 4 'Structure model' struct_conn            
6 4 'Structure model' struct_site            
# 
loop_
_pdbx_audit_revision_item.ordinal 
_pdbx_audit_revision_item.revision_ordinal 
_pdbx_audit_revision_item.data_content_type 
_pdbx_audit_revision_item.item 
1  4 'Structure model' '_database_2.pdbx_DOI'                        
2  4 'Structure model' '_database_2.pdbx_database_accession'         
3  4 'Structure model' '_pdbx_struct_conn_angle.ptnr1_auth_asym_id'  
4  4 'Structure model' '_pdbx_struct_conn_angle.ptnr1_auth_comp_id'  
5  4 'Structure model' '_pdbx_struct_conn_angle.ptnr1_auth_seq_id'   
6  4 'Structure model' '_pdbx_struct_conn_angle.ptnr1_label_asym_id' 
7  4 'Structure model' '_pdbx_struct_conn_angle.ptnr1_label_atom_id' 
8  4 'Structure model' '_pdbx_struct_conn_angle.ptnr1_label_comp_id' 
9  4 'Structure model' '_pdbx_struct_conn_angle.ptnr1_label_seq_id'  
10 4 'Structure model' '_pdbx_struct_conn_angle.ptnr1_symmetry'      
11 4 'Structure model' '_pdbx_struct_conn_angle.ptnr3_auth_asym_id'  
12 4 'Structure model' '_pdbx_struct_conn_angle.ptnr3_auth_comp_id'  
13 4 'Structure model' '_pdbx_struct_conn_angle.ptnr3_auth_seq_id'   
14 4 'Structure model' '_pdbx_struct_conn_angle.ptnr3_label_asym_id' 
15 4 'Structure model' '_pdbx_struct_conn_angle.ptnr3_label_atom_id' 
16 4 'Structure model' '_pdbx_struct_conn_angle.ptnr3_label_comp_id' 
17 4 'Structure model' '_pdbx_struct_conn_angle.ptnr3_label_seq_id'  
18 4 'Structure model' '_pdbx_struct_conn_angle.ptnr3_symmetry'      
19 4 'Structure model' '_struct_conn.pdbx_dist_value'                
20 4 'Structure model' '_struct_conn.ptnr1_auth_asym_id'             
21 4 'Structure model' '_struct_conn.ptnr1_auth_comp_id'             
22 4 'Structure model' '_struct_conn.ptnr1_auth_seq_id'              
23 4 'Structure model' '_struct_conn.ptnr1_label_asym_id'            
24 4 'Structure model' '_struct_conn.ptnr1_label_atom_id'            
25 4 'Structure model' '_struct_conn.ptnr1_label_comp_id'            
26 4 'Structure model' '_struct_conn.ptnr1_label_seq_id'             
27 4 'Structure model' '_struct_conn.ptnr1_symmetry'                 
28 4 'Structure model' '_struct_conn.ptnr2_auth_asym_id'             
29 4 'Structure model' '_struct_conn.ptnr2_auth_comp_id'             
30 4 'Structure model' '_struct_conn.ptnr2_auth_seq_id'              
31 4 'Structure model' '_struct_conn.ptnr2_label_asym_id'            
32 4 'Structure model' '_struct_conn.ptnr2_label_atom_id'            
33 4 'Structure model' '_struct_conn.ptnr2_label_comp_id'            
34 4 'Structure model' '_struct_conn.ptnr2_label_seq_id'             
35 4 'Structure model' '_struct_conn.ptnr2_symmetry'                 
36 4 'Structure model' '_struct_site.pdbx_auth_asym_id'              
37 4 'Structure model' '_struct_site.pdbx_auth_comp_id'              
38 4 'Structure model' '_struct_site.pdbx_auth_seq_id'               
# 
_pdbx_database_status.status_code                     REL 
_pdbx_database_status.entry_id                        2A04 
_pdbx_database_status.recvd_initial_deposition_date   2005-06-15 
_pdbx_database_status.deposit_site                    RCSB 
_pdbx_database_status.process_site                    RCSB 
_pdbx_database_status.status_code_sf                  REL 
_pdbx_database_status.status_code_mr                  ? 
_pdbx_database_status.SG_entry                        ? 
_pdbx_database_status.pdb_format_compatible           Y 
_pdbx_database_status.status_code_cs                  ? 
_pdbx_database_status.status_code_nmr_data            ? 
_pdbx_database_status.methods_development_category    ? 
# 
loop_
_pdbx_database_related.db_name 
_pdbx_database_related.db_id 
_pdbx_database_related.details 
_pdbx_database_related.content_type 
PDB 1ZX7 . unspecified 
PDB 1ZZ5 . unspecified 
# 
loop_
_audit_author.name 
_audit_author.pdbx_ordinal 
'Zhao, Q.'     1 
'Zhao, F.'     2 
'Blount, K.F.' 3 
'Han, Q.'      4 
'Tor, Y.'      5 
'Hermann, T.'  6 
# 
_citation.id                        primary 
_citation.title                     'Molecular recognition of RNA by neomycin and a restricted neomycin derivative' 
_citation.journal_abbrev            Angew.Chem.Int.Ed.Engl. 
_citation.journal_volume            44 
_citation.page_first                5329 
_citation.page_last                 5334 
_citation.year                      2005 
_citation.journal_id_ASTM           ACIEAY 
_citation.country                   GE 
_citation.journal_id_ISSN           0570-0833 
_citation.journal_id_CSD            0179 
_citation.book_publisher            ? 
_citation.pdbx_database_id_PubMed   16037995 
_citation.pdbx_database_id_DOI      10.1002/anie.200500903 
# 
loop_
_citation_author.citation_id 
_citation_author.name 
_citation_author.ordinal 
_citation_author.identifier_ORCID 
primary 'Zhao, F.'     1 ? 
primary 'Zhao, Q.'     2 ? 
primary 'Blount, K.F.' 3 ? 
primary 'Han, Q.'      4 ? 
primary 'Tor, Y.'      5 ? 
primary 'Hermann, T.'  6 ? 
# 
loop_
_entity.id 
_entity.type 
_entity.src_method 
_entity.pdbx_description 
_entity.formula_weight 
_entity.pdbx_number_of_molecules 
_entity.pdbx_ec 
_entity.pdbx_mutation 
_entity.pdbx_fragment 
_entity.details 
1 polymer     syn "5'-R(*GP*UP*GP*GP*UP*GP*AP*AP*GP*UP*CP*GP*CP*GP*G)-3'" 4903.961 2  ? ? 'Ribosomal RNA A-site' ? 
2 polymer     syn "5'-R(*CP*GP*CP*GP*UP*CP*AP*CP*AP*CP*CP*AP*CP*C)-3'"    4380.691 2  ? ? 'Ribosomal RNA A-site' ? 
3 non-polymer syn NEOMYCIN                                                614.644  4  ? ? ?                      ? 
4 non-polymer syn 'MAGNESIUM ION'                                         24.305   2  ? ? ?                      ? 
5 water       nat water                                                   18.015   20 ? ? ?                      ? 
# 
loop_
_entity_poly.entity_id 
_entity_poly.type 
_entity_poly.nstd_linkage 
_entity_poly.nstd_monomer 
_entity_poly.pdbx_seq_one_letter_code 
_entity_poly.pdbx_seq_one_letter_code_can 
_entity_poly.pdbx_strand_id 
_entity_poly.pdbx_target_identifier 
1 polyribonucleotide no no GUGGUGAAGUCGCGG GUGGUGAAGUCGCGG A,C ? 
2 polyribonucleotide no no CGCGUCACACCACC  CGCGUCACACCACC  B,D ? 
# 
loop_
_pdbx_entity_nonpoly.entity_id 
_pdbx_entity_nonpoly.name 
_pdbx_entity_nonpoly.comp_id 
3 NEOMYCIN        NMY 
4 'MAGNESIUM ION' MG  
5 water           HOH 
# 
loop_
_entity_poly_seq.entity_id 
_entity_poly_seq.num 
_entity_poly_seq.mon_id 
_entity_poly_seq.hetero 
1 1  G n 
1 2  U n 
1 3  G n 
1 4  G n 
1 5  U n 
1 6  G n 
1 7  A n 
1 8  A n 
1 9  G n 
1 10 U n 
1 11 C n 
1 12 G n 
1 13 C n 
1 14 G n 
1 15 G n 
2 1  C n 
2 2  G n 
2 3  C n 
2 4  G n 
2 5  U n 
2 6  C n 
2 7  A n 
2 8  C n 
2 9  A n 
2 10 C n 
2 11 C n 
2 12 A n 
2 13 C n 
2 14 C n 
# 
loop_
_pdbx_entity_src_syn.entity_id 
_pdbx_entity_src_syn.pdbx_src_id 
_pdbx_entity_src_syn.pdbx_alt_source_flag 
_pdbx_entity_src_syn.pdbx_beg_seq_num 
_pdbx_entity_src_syn.pdbx_end_seq_num 
_pdbx_entity_src_syn.organism_scientific 
_pdbx_entity_src_syn.organism_common_name 
_pdbx_entity_src_syn.ncbi_taxonomy_id 
_pdbx_entity_src_syn.details 
1 1 sample ? ? ? ? ? 
;This sequence occurs naturally in ESCHERICHIA COLI (bacteria) except one residue was removed near 3' terminal
;
2 1 sample ? ? ? ? ? 
;This sequence occurs naturally in ESCHERICHIA COLI (bacteria) except one residue was removed near 5' terminal
;
# 
loop_
_chem_comp.id 
_chem_comp.type 
_chem_comp.mon_nstd_flag 
_chem_comp.name 
_chem_comp.pdbx_synonyms 
_chem_comp.formula 
_chem_comp.formula_weight 
A   'RNA linking' y "ADENOSINE-5'-MONOPHOSPHATE" ?                                           'C10 H14 N5 O7 P' 347.221 
C   'RNA linking' y "CYTIDINE-5'-MONOPHOSPHATE"  ?                                           'C9 H14 N3 O8 P'  323.197 
G   'RNA linking' y "GUANOSINE-5'-MONOPHOSPHATE" ?                                           'C10 H14 N5 O8 P' 363.221 
HOH non-polymer   . WATER                        ?                                           'H2 O'            18.015  
MG  non-polymer   . 'MAGNESIUM ION'              ?                                           'Mg 2'            24.305  
NMY non-polymer   . NEOMYCIN                     'MYCIFRADIN; NEOMAS; PIMAVECORT; VONAMYCIN' 'C23 H46 N6 O13'  614.644 
U   'RNA linking' y "URIDINE-5'-MONOPHOSPHATE"   ?                                           'C9 H13 N2 O9 P'  324.181 
# 
loop_
_pdbx_poly_seq_scheme.asym_id 
_pdbx_poly_seq_scheme.entity_id 
_pdbx_poly_seq_scheme.seq_id 
_pdbx_poly_seq_scheme.mon_id 
_pdbx_poly_seq_scheme.ndb_seq_num 
_pdbx_poly_seq_scheme.pdb_seq_num 
_pdbx_poly_seq_scheme.auth_seq_num 
_pdbx_poly_seq_scheme.pdb_mon_id 
_pdbx_poly_seq_scheme.auth_mon_id 
_pdbx_poly_seq_scheme.pdb_strand_id 
_pdbx_poly_seq_scheme.pdb_ins_code 
_pdbx_poly_seq_scheme.hetero 
A 1 1  G 1  2  2  G GUA A . n 
A 1 2  U 2  3  3  U URI A . n 
A 1 3  G 3  4  4  G GUA A . n 
A 1 4  G 4  5  5  G GUA A . n 
A 1 5  U 5  6  6  U URI A . n 
A 1 6  G 6  7  7  G GUA A . n 
A 1 7  A 7  8  8  A ADE A . n 
A 1 8  A 8  9  9  A ADE A . n 
A 1 9  G 9  10 10 G GUA A . n 
A 1 10 U 10 11 11 U URI A . n 
A 1 11 C 11 12 12 C CYT A . n 
A 1 12 G 12 13 13 G GUA A . n 
A 1 13 C 13 14 14 C CYT A . n 
A 1 14 G 14 15 15 G GUA A . n 
A 1 15 G 15 16 16 G GUA A . n 
B 2 1  C 1  21 21 C CYT B . n 
B 2 2  G 2  22 22 G GUA B . n 
B 2 3  C 3  23 23 C CYT B . n 
B 2 4  G 4  24 24 G GUA B . n 
B 2 5  U 5  25 25 U URI B . n 
B 2 6  C 6  26 26 C CYT B . n 
B 2 7  A 7  27 27 A ADE B . n 
B 2 8  C 8  28 28 C CYT B . n 
B 2 9  A 9  29 29 A ADE B . n 
B 2 10 C 10 30 30 C CYT B . n 
B 2 11 C 11 31 31 C CYT B . n 
B 2 12 A 12 32 32 A ADE B . n 
B 2 13 C 13 33 33 C CYT B . n 
B 2 14 C 14 34 34 C CYT B . n 
C 1 1  G 1  2  2  G GUA C . n 
C 1 2  U 2  3  3  U URI C . n 
C 1 3  G 3  4  4  G GUA C . n 
C 1 4  G 4  5  5  G GUA C . n 
C 1 5  U 5  6  6  U URI C . n 
C 1 6  G 6  7  7  G GUA C . n 
C 1 7  A 7  8  8  A ADE C . n 
C 1 8  A 8  9  9  A ADE C . n 
C 1 9  G 9  10 10 G GUA C . n 
C 1 10 U 10 11 11 U URI C . n 
C 1 11 C 11 12 12 C CYT C . n 
C 1 12 G 12 13 13 G GUA C . n 
C 1 13 C 13 14 14 C CYT C . n 
C 1 14 G 14 15 15 G GUA C . n 
C 1 15 G 15 16 16 G GUA C . n 
D 2 1  C 1  21 21 C CYT D . n 
D 2 2  G 2  22 22 G GUA D . n 
D 2 3  C 3  23 23 C CYT D . n 
D 2 4  G 4  24 24 G GUA D . n 
D 2 5  U 5  25 25 U URI D . n 
D 2 6  C 6  26 26 C CYT D . n 
D 2 7  A 7  27 27 A ADE D . n 
D 2 8  C 8  28 28 C CYT D . n 
D 2 9  A 9  29 29 A ADE D . n 
D 2 10 C 10 30 30 C CYT D . n 
D 2 11 C 11 31 31 C CYT D . n 
D 2 12 A 12 32 32 A ADE D . n 
D 2 13 C 13 33 33 C CYT D . n 
D 2 14 C 14 34 34 C CYT D . n 
# 
loop_
_pdbx_nonpoly_scheme.asym_id 
_pdbx_nonpoly_scheme.entity_id 
_pdbx_nonpoly_scheme.mon_id 
_pdbx_nonpoly_scheme.ndb_seq_num 
_pdbx_nonpoly_scheme.pdb_seq_num 
_pdbx_nonpoly_scheme.auth_seq_num 
_pdbx_nonpoly_scheme.pdb_mon_id 
_pdbx_nonpoly_scheme.auth_mon_id 
_pdbx_nonpoly_scheme.pdb_strand_id 
_pdbx_nonpoly_scheme.pdb_ins_code 
E 3 NMY 1 17 2  NMY NEO A . 
F 3 NMY 1 18 4  NMY NEO A . 
G 4 MG  1 41 21 MG  MG2 A . 
H 3 NMY 1 1  1  NMY NEO C . 
I 3 NMY 1 17 3  NMY NEO C . 
J 4 MG  1 48 28 MG  MG2 C . 
K 5 HOH 1 42 8  HOH TIP A . 
K 5 HOH 2 43 16 HOH TIP A . 
K 5 HOH 3 44 22 HOH TIP A . 
K 5 HOH 4 45 25 HOH TIP A . 
K 5 HOH 5 46 26 HOH TIP A . 
K 5 HOH 6 47 29 HOH TIP A . 
L 5 HOH 1 35 7  HOH TIP B . 
L 5 HOH 2 36 9  HOH TIP B . 
L 5 HOH 3 37 23 HOH TIP B . 
L 5 HOH 4 38 30 HOH TIP B . 
M 5 HOH 1 49 12 HOH TIP C . 
M 5 HOH 2 50 13 HOH TIP C . 
M 5 HOH 3 51 20 HOH TIP C . 
M 5 HOH 4 52 24 HOH TIP C . 
M 5 HOH 5 53 27 HOH TIP C . 
M 5 HOH 6 54 31 HOH TIP C . 
N 5 HOH 1 6  3  HOH TIP D . 
N 5 HOH 2 10 10 HOH TIP D . 
N 5 HOH 3 14 14 HOH TIP D . 
N 5 HOH 4 15 15 HOH TIP D . 
# 
loop_
_software.name 
_software.classification 
_software.version 
_software.citation_id 
_software.pdbx_ordinal 
DENZO     'data reduction' .   ? 1 
SCALEPACK 'data scaling'   .   ? 2 
SOLVE     phasing          .   ? 3 
CNS       refinement       1.0 ? 4 
# 
_cell.entry_id           2A04 
_cell.length_a           49.800 
_cell.length_b           49.900 
_cell.length_c           144.600 
_cell.angle_alpha        90.00 
_cell.angle_beta         90.00 
_cell.angle_gamma        90.00 
_cell.Z_PDB              8 
_cell.pdbx_unique_axis   ? 
# 
_symmetry.entry_id                         2A04 
_symmetry.space_group_name_H-M             'P 21 21 21' 
_symmetry.pdbx_full_space_group_name_H-M   ? 
_symmetry.cell_setting                     ? 
_symmetry.Int_Tables_number                19 
_symmetry.space_group_name_Hall            ? 
# 
_exptl.entry_id          2A04 
_exptl.method            'X-RAY DIFFRACTION' 
_exptl.crystals_number   1 
# 
_exptl_crystal.id                    1 
_exptl_crystal.density_meas          ? 
_exptl_crystal.density_Matthews      4.5 
_exptl_crystal.density_percent_sol   72.6 
_exptl_crystal.description           ? 
_exptl_crystal.F_000                 ? 
_exptl_crystal.preparation           ? 
# 
_exptl_crystal_grow.crystal_id      1 
_exptl_crystal_grow.method          EVAPORATION 
_exptl_crystal_grow.temp            298 
_exptl_crystal_grow.temp_details    ? 
_exptl_crystal_grow.pH              6.0 
_exptl_crystal_grow.pdbx_details    
'MPD, magnesium sulfate, potassium chloride, sodium chloride, cacodylate, pH 6.0, EVAPORATION, temperature 298K' 
_exptl_crystal_grow.pdbx_pH_range   . 
# 
_diffrn.id                     1 
_diffrn.ambient_temp           103 
_diffrn.ambient_temp_details   ? 
_diffrn.crystal_id             1 
# 
_diffrn_detector.diffrn_id              1 
_diffrn_detector.detector               'IMAGE PLATE' 
_diffrn_detector.type                   'RIGAKU RAXIS IV' 
_diffrn_detector.pdbx_collection_date   2002-12-10 
_diffrn_detector.details                mirrors 
# 
_diffrn_radiation.diffrn_id                        1 
_diffrn_radiation.wavelength_id                    1 
_diffrn_radiation.pdbx_monochromatic_or_laue_m_l   M 
_diffrn_radiation.monochromator                    GRAPHITE 
_diffrn_radiation.pdbx_diffrn_protocol             'SINGLE WAVELENGTH' 
_diffrn_radiation.pdbx_scattering_type             x-ray 
# 
_diffrn_radiation_wavelength.id           1 
_diffrn_radiation_wavelength.wavelength   1.5418 
_diffrn_radiation_wavelength.wt           1.0 
# 
_diffrn_source.diffrn_id                   1 
_diffrn_source.source                      'ROTATING ANODE' 
_diffrn_source.type                        RIGAKU 
_diffrn_source.pdbx_synchrotron_site       ? 
_diffrn_source.pdbx_synchrotron_beamline   ? 
_diffrn_source.pdbx_wavelength             ? 
_diffrn_source.pdbx_wavelength_list        1.5418 
# 
_reflns.entry_id                     2A04 
_reflns.observed_criterion_sigma_F   3.0 
_reflns.observed_criterion_sigma_I   3.0 
_reflns.d_resolution_high            2.95 
_reflns.d_resolution_low             28.5 
_reflns.number_all                   ? 
_reflns.number_obs                   7103 
_reflns.percent_possible_obs         99.7 
_reflns.pdbx_Rmerge_I_obs            0.127 
_reflns.pdbx_Rsym_value              0.127 
_reflns.pdbx_netI_over_sigmaI        26.3 
_reflns.B_iso_Wilson_estimate        ? 
_reflns.pdbx_redundancy              ? 
_reflns.R_free_details               ? 
_reflns.pdbx_chi_squared             ? 
_reflns.pdbx_scaling_rejects         ? 
_reflns.pdbx_diffrn_id               1 
_reflns.pdbx_ordinal                 1 
# 
_reflns_shell.d_res_high             2.95 
_reflns_shell.d_res_low              3.06 
_reflns_shell.percent_possible_all   98.5 
_reflns_shell.Rmerge_I_obs           0.535 
_reflns_shell.pdbx_Rsym_value        0.535 
_reflns_shell.meanI_over_sigI_obs    2.7 
_reflns_shell.pdbx_redundancy        ? 
_reflns_shell.percent_possible_obs   ? 
_reflns_shell.number_unique_all      387 
_reflns_shell.number_measured_all    ? 
_reflns_shell.number_measured_obs    ? 
_reflns_shell.number_unique_obs      ? 
_reflns_shell.pdbx_chi_squared       ? 
_reflns_shell.pdbx_diffrn_id         ? 
_reflns_shell.pdbx_ordinal           1 
# 
_refine.entry_id                                 2A04 
_refine.ls_d_res_high                            2.95 
_refine.ls_d_res_low                             8.0 
_refine.pdbx_ls_sigma_F                          0 
_refine.pdbx_ls_sigma_I                          0 
_refine.ls_number_reflns_all                     7599 
_refine.ls_number_reflns_obs                     6650 
_refine.ls_number_reflns_R_free                  723 
_refine.ls_percent_reflns_obs                    88.2 
_refine.ls_R_factor_all                          0.2976 
_refine.ls_R_factor_obs                          0.2976 
_refine.ls_R_factor_R_work                       0.2535 
_refine.ls_R_factor_R_free                       0.3183 
_refine.ls_redundancy_reflns_obs                 ? 
_refine.pdbx_data_cutoff_high_absF               ? 
_refine.pdbx_data_cutoff_low_absF                ? 
_refine.ls_number_parameters                     ? 
_refine.ls_number_restraints                     ? 
_refine.ls_percent_reflns_R_free                 ? 
_refine.ls_R_factor_R_free_error                 ? 
_refine.ls_R_factor_R_free_error_details         ? 
_refine.pdbx_method_to_determine_struct          'MOLECULAR REPLACEMENT' 
_refine.pdbx_starting_model                      ? 
_refine.pdbx_ls_cross_valid_method               THROUGHOUT 
_refine.pdbx_R_Free_selection_details            RANDOM 
_refine.pdbx_stereochem_target_val_spec_case     ? 
_refine.pdbx_stereochemistry_target_values       'Engh & Huber' 
_refine.solvent_model_details                    ? 
_refine.solvent_model_param_bsol                 ? 
_refine.solvent_model_param_ksol                 ? 
_refine.occupancy_max                            ? 
_refine.occupancy_min                            ? 
_refine.pdbx_isotropic_thermal_model             ? 
_refine.B_iso_mean                               75.7 
_refine.aniso_B[1][1]                            ? 
_refine.aniso_B[1][2]                            ? 
_refine.aniso_B[1][3]                            ? 
_refine.aniso_B[2][2]                            ? 
_refine.aniso_B[2][3]                            ? 
_refine.aniso_B[3][3]                            ? 
_refine.details                                  ? 
_refine.correlation_coeff_Fo_to_Fc               ? 
_refine.correlation_coeff_Fo_to_Fc_free          ? 
_refine.pdbx_solvent_vdw_probe_radii             ? 
_refine.pdbx_solvent_ion_probe_radii             ? 
_refine.pdbx_solvent_shrinkage_radii             ? 
_refine.overall_SU_R_Cruickshank_DPI             ? 
_refine.overall_SU_R_free                        ? 
_refine.overall_SU_ML                            ? 
_refine.overall_SU_B                             ? 
_refine.pdbx_overall_ESU_R_Free                  ? 
_refine.pdbx_data_cutoff_high_rms_absF           ? 
_refine.pdbx_overall_ESU_R                       ? 
_refine.ls_wR_factor_R_free                      ? 
_refine.ls_wR_factor_R_work                      ? 
_refine.overall_FOM_free_R_set                   ? 
_refine.overall_FOM_work_R_set                   ? 
_refine.pdbx_refine_id                           'X-RAY DIFFRACTION' 
_refine.pdbx_diffrn_id                           1 
_refine.pdbx_TLS_residual_ADP_flag               ? 
_refine.pdbx_overall_phase_error                 ? 
_refine.pdbx_overall_SU_R_free_Cruickshank_DPI   ? 
_refine.pdbx_overall_SU_R_Blow_DPI               ? 
_refine.pdbx_overall_SU_R_free_Blow_DPI          ? 
# 
_refine_analyze.entry_id                        2A04 
_refine_analyze.Luzzati_coordinate_error_obs    0.46 
_refine_analyze.Luzzati_sigma_a_obs             0.62 
_refine_analyze.Luzzati_d_res_low_obs           5.00 
_refine_analyze.Luzzati_coordinate_error_free   0.57 
_refine_analyze.Luzzati_sigma_a_free            0.40 
_refine_analyze.Luzzati_d_res_low_free          ? 
_refine_analyze.number_disordered_residues      ? 
_refine_analyze.occupancy_sum_non_hydrogen      ? 
_refine_analyze.occupancy_sum_hydrogen          ? 
_refine_analyze.pdbx_refine_id                  'X-RAY DIFFRACTION' 
# 
_refine_hist.pdbx_refine_id                   'X-RAY DIFFRACTION' 
_refine_hist.cycle_id                         LAST 
_refine_hist.pdbx_number_atoms_protein        0 
_refine_hist.pdbx_number_atoms_nucleic_acid   1228 
_refine_hist.pdbx_number_atoms_ligand         170 
_refine_hist.number_atoms_solvent             20 
_refine_hist.number_atoms_total               1418 
_refine_hist.d_res_high                       2.95 
_refine_hist.d_res_low                        8.0 
# 
loop_
_refine_ls_restr.type 
_refine_ls_restr.dev_ideal 
_refine_ls_restr.dev_ideal_target 
_refine_ls_restr.weight 
_refine_ls_restr.number 
_refine_ls_restr.pdbx_refine_id 
_refine_ls_restr.pdbx_restraint_function 
c_bond_d           0.009 ? ? ? 'X-RAY DIFFRACTION' ? 
c_angle_deg        1.1   ? ? ? 'X-RAY DIFFRACTION' ? 
c_dihedral_angle_d 9.0   ? ? ? 'X-RAY DIFFRACTION' ? 
c_improper_angle_d 1.48  ? ? ? 'X-RAY DIFFRACTION' ? 
# 
_refine_ls_shell.pdbx_total_number_of_bins_used   ? 
_refine_ls_shell.d_res_high                       2.95 
_refine_ls_shell.d_res_low                        3.13 
_refine_ls_shell.number_reflns_R_work             ? 
_refine_ls_shell.R_factor_R_work                  0.395 
_refine_ls_shell.percent_reflns_obs               67.2 
_refine_ls_shell.R_factor_R_free                  0.412 
_refine_ls_shell.R_factor_R_free_error            0.046 
_refine_ls_shell.percent_reflns_R_free            ? 
_refine_ls_shell.number_reflns_R_free             79 
_refine_ls_shell.redundancy_reflns_obs            ? 
_refine_ls_shell.pdbx_refine_id                   'X-RAY DIFFRACTION' 
_refine_ls_shell.number_reflns_all                ? 
_refine_ls_shell.R_factor_all                     ? 
# 
_struct.entry_id                  2A04 
_struct.title                     'Molecular Recognition of RNA by Neomycin and a Restricted Neomycin Derivative' 
_struct.pdbx_model_details        ? 
_struct.pdbx_CASP_flag            ? 
_struct.pdbx_model_type_details   ? 
# 
_struct_keywords.entry_id        2A04 
_struct_keywords.pdbx_keywords   RNA 
_struct_keywords.text            'Ribosome, RNA, A-site. double helix, neomycin' 
# 
loop_
_struct_asym.id 
_struct_asym.pdbx_blank_PDB_chainid_flag 
_struct_asym.pdbx_modified 
_struct_asym.entity_id 
_struct_asym.details 
A N N 1 ? 
B N N 2 ? 
C N N 1 ? 
D N N 2 ? 
E N N 3 ? 
F N N 3 ? 
G N N 4 ? 
H N N 3 ? 
I N N 3 ? 
J N N 4 ? 
K N N 5 ? 
L N N 5 ? 
M N N 5 ? 
N N N 5 ? 
# 
loop_
_struct_ref.id 
_struct_ref.entity_id 
_struct_ref.db_name 
_struct_ref.db_code 
_struct_ref.pdbx_db_accession 
_struct_ref.pdbx_db_isoform 
_struct_ref.pdbx_seq_one_letter_code 
_struct_ref.pdbx_align_begin 
1 1 PDB 2A04 2A04 ? ? ? 
2 2 PDB 2A04 2A04 ? ? ? 
# 
loop_
_struct_ref_seq.align_id 
_struct_ref_seq.ref_id 
_struct_ref_seq.pdbx_PDB_id_code 
_struct_ref_seq.pdbx_strand_id 
_struct_ref_seq.seq_align_beg 
_struct_ref_seq.pdbx_seq_align_beg_ins_code 
_struct_ref_seq.seq_align_end 
_struct_ref_seq.pdbx_seq_align_end_ins_code 
_struct_ref_seq.pdbx_db_accession 
_struct_ref_seq.db_align_beg 
_struct_ref_seq.pdbx_db_align_beg_ins_code 
_struct_ref_seq.db_align_end 
_struct_ref_seq.pdbx_db_align_end_ins_code 
_struct_ref_seq.pdbx_auth_seq_align_beg 
_struct_ref_seq.pdbx_auth_seq_align_end 
1 1 2A04 A 1 ? 15 ? 2A04 2  ? 16 ? 2  16 
2 2 2A04 B 1 ? 14 ? 2A04 21 ? 34 ? 21 34 
3 1 2A04 C 1 ? 15 ? 2A04 2  ? 16 ? 2  16 
4 2 2A04 D 1 ? 14 ? 2A04 21 ? 34 ? 21 34 
# 
loop_
_pdbx_struct_assembly.id 
_pdbx_struct_assembly.details 
_pdbx_struct_assembly.method_details 
_pdbx_struct_assembly.oligomeric_details 
_pdbx_struct_assembly.oligomeric_count 
1 author_defined_assembly ? dimeric 2 
2 author_defined_assembly ? dimeric 2 
# 
loop_
_pdbx_struct_assembly_gen.assembly_id 
_pdbx_struct_assembly_gen.oper_expression 
_pdbx_struct_assembly_gen.asym_id_list 
1 1 A,B,E,F,G,K,L 
2 1 C,D,H,I,J,M,N 
# 
_pdbx_struct_oper_list.id                   1 
_pdbx_struct_oper_list.type                 'identity operation' 
_pdbx_struct_oper_list.name                 1_555 
_pdbx_struct_oper_list.symmetry_operation   x,y,z 
_pdbx_struct_oper_list.matrix[1][1]         1.0000000000 
_pdbx_struct_oper_list.matrix[1][2]         0.0000000000 
_pdbx_struct_oper_list.matrix[1][3]         0.0000000000 
_pdbx_struct_oper_list.vector[1]            0.0000000000 
_pdbx_struct_oper_list.matrix[2][1]         0.0000000000 
_pdbx_struct_oper_list.matrix[2][2]         1.0000000000 
_pdbx_struct_oper_list.matrix[2][3]         0.0000000000 
_pdbx_struct_oper_list.vector[2]            0.0000000000 
_pdbx_struct_oper_list.matrix[3][1]         0.0000000000 
_pdbx_struct_oper_list.matrix[3][2]         0.0000000000 
_pdbx_struct_oper_list.matrix[3][3]         1.0000000000 
_pdbx_struct_oper_list.vector[3]            0.0000000000 
# 
loop_
_struct_biol.id 
_struct_biol.details 
_struct_biol.pdbx_parent_biol_id 
1 
;The chains A and B, C and D form two double-helix RNA biological unit. The two units are related by non-crystallographic symmetry in the asymmetric unit.
;
? 
2 ? ? 
# 
loop_
_struct_conn.id 
_struct_conn.conn_type_id 
_struct_conn.pdbx_leaving_atom_flag 
_struct_conn.pdbx_PDB_id 
_struct_conn.ptnr1_label_asym_id 
_struct_conn.ptnr1_label_comp_id 
_struct_conn.ptnr1_label_seq_id 
_struct_conn.ptnr1_label_atom_id 
_struct_conn.pdbx_ptnr1_label_alt_id 
_struct_conn.pdbx_ptnr1_PDB_ins_code 
_struct_conn.pdbx_ptnr1_standard_comp_id 
_struct_conn.ptnr1_symmetry 
_struct_conn.ptnr2_label_asym_id 
_struct_conn.ptnr2_label_comp_id 
_struct_conn.ptnr2_label_seq_id 
_struct_conn.ptnr2_label_atom_id 
_struct_conn.pdbx_ptnr2_label_alt_id 
_struct_conn.pdbx_ptnr2_PDB_ins_code 
_struct_conn.ptnr1_auth_asym_id 
_struct_conn.ptnr1_auth_comp_id 
_struct_conn.ptnr1_auth_seq_id 
_struct_conn.ptnr2_auth_asym_id 
_struct_conn.ptnr2_auth_comp_id 
_struct_conn.ptnr2_auth_seq_id 
_struct_conn.ptnr2_symmetry 
_struct_conn.pdbx_ptnr3_label_atom_id 
_struct_conn.pdbx_ptnr3_label_seq_id 
_struct_conn.pdbx_ptnr3_label_comp_id 
_struct_conn.pdbx_ptnr3_label_asym_id 
_struct_conn.pdbx_ptnr3_label_alt_id 
_struct_conn.pdbx_ptnr3_PDB_ins_code 
_struct_conn.details 
_struct_conn.pdbx_dist_value 
_struct_conn.pdbx_value_order 
_struct_conn.pdbx_role 
metalc1  metalc ? ? A G   1  N7  ? ? ? 1_555 G MG .  MG ? ? A G   2  A MG 41 1_555 ? ? ? ? ? ? ?             2.994 ? ? 
metalc2  metalc ? ? F NMY .  O20 ? ? ? 2_664 J MG .  MG ? ? A NMY 18 C MG 48 1_555 ? ? ? ? ? ? ?             2.934 ? ? 
metalc3  metalc ? ? C G   1  N7  ? ? ? 1_555 J MG .  MG ? ? C G   2  C MG 48 1_555 ? ? ? ? ? ? ?             2.708 ? ? 
hydrog1  hydrog ? ? A G   1  N1  ? ? ? 1_555 B C  13 N3 ? ? A G   2  B C  33 1_555 ? ? ? ? ? ? WATSON-CRICK  ?     ? ? 
hydrog2  hydrog ? ? A G   1  N2  ? ? ? 1_555 B C  13 O2 ? ? A G   2  B C  33 1_555 ? ? ? ? ? ? WATSON-CRICK  ?     ? ? 
hydrog3  hydrog ? ? A G   1  O6  ? ? ? 1_555 B C  13 N4 ? ? A G   2  B C  33 1_555 ? ? ? ? ? ? WATSON-CRICK  ?     ? ? 
hydrog4  hydrog ? ? A U   2  N3  ? ? ? 1_555 B A  12 N1 ? ? A U   3  B A  32 1_555 ? ? ? ? ? ? WATSON-CRICK  ?     ? ? 
hydrog5  hydrog ? ? A U   2  O4  ? ? ? 1_555 B A  12 N6 ? ? A U   3  B A  32 1_555 ? ? ? ? ? ? WATSON-CRICK  ?     ? ? 
hydrog6  hydrog ? ? A G   3  N1  ? ? ? 1_555 B C  11 N3 ? ? A G   4  B C  31 1_555 ? ? ? ? ? ? WATSON-CRICK  ?     ? ? 
hydrog7  hydrog ? ? A G   3  N2  ? ? ? 1_555 B C  11 O2 ? ? A G   4  B C  31 1_555 ? ? ? ? ? ? WATSON-CRICK  ?     ? ? 
hydrog8  hydrog ? ? A G   3  O6  ? ? ? 1_555 B C  11 N4 ? ? A G   4  B C  31 1_555 ? ? ? ? ? ? WATSON-CRICK  ?     ? ? 
hydrog9  hydrog ? ? A G   4  N1  ? ? ? 1_555 B C  10 N3 ? ? A G   5  B C  30 1_555 ? ? ? ? ? ? WATSON-CRICK  ?     ? ? 
hydrog10 hydrog ? ? A G   4  N2  ? ? ? 1_555 B C  10 O2 ? ? A G   5  B C  30 1_555 ? ? ? ? ? ? WATSON-CRICK  ?     ? ? 
hydrog11 hydrog ? ? A G   4  O6  ? ? ? 1_555 B C  10 N4 ? ? A G   5  B C  30 1_555 ? ? ? ? ? ? WATSON-CRICK  ?     ? ? 
hydrog12 hydrog ? ? A U   5  N3  ? ? ? 1_555 B A  9  N1 ? ? A U   6  B A  29 1_555 ? ? ? ? ? ? WATSON-CRICK  ?     ? ? 
hydrog13 hydrog ? ? A U   5  O4  ? ? ? 1_555 B A  9  N6 ? ? A U   6  B A  29 1_555 ? ? ? ? ? ? WATSON-CRICK  ?     ? ? 
hydrog14 hydrog ? ? A G   6  N1  ? ? ? 1_555 B C  8  N3 ? ? A G   7  B C  28 1_555 ? ? ? ? ? ? WATSON-CRICK  ?     ? ? 
hydrog15 hydrog ? ? A G   6  N2  ? ? ? 1_555 B C  8  O2 ? ? A G   7  B C  28 1_555 ? ? ? ? ? ? WATSON-CRICK  ?     ? ? 
hydrog16 hydrog ? ? A G   6  O6  ? ? ? 1_555 B C  8  N4 ? ? A G   7  B C  28 1_555 ? ? ? ? ? ? WATSON-CRICK  ?     ? ? 
hydrog17 hydrog ? ? A G   9  N1  ? ? ? 1_555 B C  6  N3 ? ? A G   10 B C  26 1_555 ? ? ? ? ? ? WATSON-CRICK  ?     ? ? 
hydrog18 hydrog ? ? A G   9  N2  ? ? ? 1_555 B C  6  O2 ? ? A G   10 B C  26 1_555 ? ? ? ? ? ? WATSON-CRICK  ?     ? ? 
hydrog19 hydrog ? ? A G   9  O6  ? ? ? 1_555 B C  6  N4 ? ? A G   10 B C  26 1_555 ? ? ? ? ? ? WATSON-CRICK  ?     ? ? 
hydrog20 hydrog ? ? A U   10 N3  ? ? ? 1_555 B U  5  O4 ? ? A U   11 B U  25 1_555 ? ? ? ? ? ? 'U-U MISPAIR' ?     ? ? 
hydrog21 hydrog ? ? A C   11 N3  ? ? ? 1_555 B G  4  N1 ? ? A C   12 B G  24 1_555 ? ? ? ? ? ? WATSON-CRICK  ?     ? ? 
hydrog22 hydrog ? ? A C   11 N4  ? ? ? 1_555 B G  4  O6 ? ? A C   12 B G  24 1_555 ? ? ? ? ? ? WATSON-CRICK  ?     ? ? 
hydrog23 hydrog ? ? A C   11 O2  ? ? ? 1_555 B G  4  N2 ? ? A C   12 B G  24 1_555 ? ? ? ? ? ? WATSON-CRICK  ?     ? ? 
hydrog24 hydrog ? ? A G   12 N1  ? ? ? 1_555 B C  3  N3 ? ? A G   13 B C  23 1_555 ? ? ? ? ? ? WATSON-CRICK  ?     ? ? 
hydrog25 hydrog ? ? A G   12 N2  ? ? ? 1_555 B C  3  O2 ? ? A G   13 B C  23 1_555 ? ? ? ? ? ? WATSON-CRICK  ?     ? ? 
hydrog26 hydrog ? ? A G   12 O6  ? ? ? 1_555 B C  3  N4 ? ? A G   13 B C  23 1_555 ? ? ? ? ? ? WATSON-CRICK  ?     ? ? 
hydrog27 hydrog ? ? A C   13 O2  ? ? ? 1_555 B G  2  N1 ? ? A C   14 B G  22 1_555 ? ? ? ? ? ? 'C-G PAIR'    ?     ? ? 
hydrog28 hydrog ? ? A G   14 N1  ? ? ? 1_555 B C  1  N3 ? ? A G   15 B C  21 1_555 ? ? ? ? ? ? WATSON-CRICK  ?     ? ? 
hydrog29 hydrog ? ? A G   14 N2  ? ? ? 1_555 B C  1  O2 ? ? A G   15 B C  21 1_555 ? ? ? ? ? ? WATSON-CRICK  ?     ? ? 
hydrog30 hydrog ? ? A G   14 O6  ? ? ? 1_555 B C  1  N4 ? ? A G   15 B C  21 1_555 ? ? ? ? ? ? WATSON-CRICK  ?     ? ? 
hydrog31 hydrog ? ? B C   14 N3  ? ? ? 1_555 C G  15 N1 ? ? B C   34 C G  16 1_555 ? ? ? ? ? ? WATSON-CRICK  ?     ? ? 
hydrog32 hydrog ? ? B C   14 N4  ? ? ? 1_555 C G  15 O6 ? ? B C   34 C G  16 1_555 ? ? ? ? ? ? WATSON-CRICK  ?     ? ? 
hydrog33 hydrog ? ? B C   14 O2  ? ? ? 1_555 C G  15 N2 ? ? B C   34 C G  16 1_555 ? ? ? ? ? ? WATSON-CRICK  ?     ? ? 
hydrog34 hydrog ? ? C G   1  N1  ? ? ? 1_555 D C  13 N3 ? ? C G   2  D C  33 1_555 ? ? ? ? ? ? WATSON-CRICK  ?     ? ? 
hydrog35 hydrog ? ? C G   1  N2  ? ? ? 1_555 D C  13 O2 ? ? C G   2  D C  33 1_555 ? ? ? ? ? ? WATSON-CRICK  ?     ? ? 
hydrog36 hydrog ? ? C G   1  O6  ? ? ? 1_555 D C  13 N4 ? ? C G   2  D C  33 1_555 ? ? ? ? ? ? WATSON-CRICK  ?     ? ? 
hydrog37 hydrog ? ? C U   2  N3  ? ? ? 1_555 D A  12 N1 ? ? C U   3  D A  32 1_555 ? ? ? ? ? ? WATSON-CRICK  ?     ? ? 
hydrog38 hydrog ? ? C U   2  O4  ? ? ? 1_555 D A  12 N6 ? ? C U   3  D A  32 1_555 ? ? ? ? ? ? WATSON-CRICK  ?     ? ? 
hydrog39 hydrog ? ? C G   3  N1  ? ? ? 1_555 D C  11 N3 ? ? C G   4  D C  31 1_555 ? ? ? ? ? ? WATSON-CRICK  ?     ? ? 
hydrog40 hydrog ? ? C G   3  N2  ? ? ? 1_555 D C  11 O2 ? ? C G   4  D C  31 1_555 ? ? ? ? ? ? WATSON-CRICK  ?     ? ? 
hydrog41 hydrog ? ? C G   3  O6  ? ? ? 1_555 D C  11 N4 ? ? C G   4  D C  31 1_555 ? ? ? ? ? ? WATSON-CRICK  ?     ? ? 
hydrog42 hydrog ? ? C G   4  N1  ? ? ? 1_555 D C  10 N3 ? ? C G   5  D C  30 1_555 ? ? ? ? ? ? WATSON-CRICK  ?     ? ? 
hydrog43 hydrog ? ? C G   4  N2  ? ? ? 1_555 D C  10 O2 ? ? C G   5  D C  30 1_555 ? ? ? ? ? ? WATSON-CRICK  ?     ? ? 
hydrog44 hydrog ? ? C G   4  O6  ? ? ? 1_555 D C  10 N4 ? ? C G   5  D C  30 1_555 ? ? ? ? ? ? WATSON-CRICK  ?     ? ? 
hydrog45 hydrog ? ? C U   5  N3  ? ? ? 1_555 D A  9  N1 ? ? C U   6  D A  29 1_555 ? ? ? ? ? ? WATSON-CRICK  ?     ? ? 
hydrog46 hydrog ? ? C U   5  O4  ? ? ? 1_555 D A  9  N6 ? ? C U   6  D A  29 1_555 ? ? ? ? ? ? WATSON-CRICK  ?     ? ? 
hydrog47 hydrog ? ? C G   6  N1  ? ? ? 1_555 D C  8  N3 ? ? C G   7  D C  28 1_555 ? ? ? ? ? ? WATSON-CRICK  ?     ? ? 
hydrog48 hydrog ? ? C G   6  N2  ? ? ? 1_555 D C  8  O2 ? ? C G   7  D C  28 1_555 ? ? ? ? ? ? WATSON-CRICK  ?     ? ? 
hydrog49 hydrog ? ? C G   6  O6  ? ? ? 1_555 D C  8  N4 ? ? C G   7  D C  28 1_555 ? ? ? ? ? ? WATSON-CRICK  ?     ? ? 
hydrog50 hydrog ? ? C G   9  N1  ? ? ? 1_555 D C  6  N3 ? ? C G   10 D C  26 1_555 ? ? ? ? ? ? WATSON-CRICK  ?     ? ? 
hydrog51 hydrog ? ? C G   9  N2  ? ? ? 1_555 D C  6  O2 ? ? C G   10 D C  26 1_555 ? ? ? ? ? ? WATSON-CRICK  ?     ? ? 
hydrog52 hydrog ? ? C G   9  O6  ? ? ? 1_555 D C  6  N4 ? ? C G   10 D C  26 1_555 ? ? ? ? ? ? WATSON-CRICK  ?     ? ? 
hydrog53 hydrog ? ? C C   11 N3  ? ? ? 1_555 D G  4  N1 ? ? C C   12 D G  24 1_555 ? ? ? ? ? ? WATSON-CRICK  ?     ? ? 
hydrog54 hydrog ? ? C C   11 N4  ? ? ? 1_555 D G  4  O6 ? ? C C   12 D G  24 1_555 ? ? ? ? ? ? WATSON-CRICK  ?     ? ? 
hydrog55 hydrog ? ? C C   11 O2  ? ? ? 1_555 D G  4  N2 ? ? C C   12 D G  24 1_555 ? ? ? ? ? ? WATSON-CRICK  ?     ? ? 
hydrog56 hydrog ? ? C G   12 N1  ? ? ? 1_555 D C  3  N3 ? ? C G   13 D C  23 1_555 ? ? ? ? ? ? WATSON-CRICK  ?     ? ? 
hydrog57 hydrog ? ? C G   12 N2  ? ? ? 1_555 D C  3  O2 ? ? C G   13 D C  23 1_555 ? ? ? ? ? ? WATSON-CRICK  ?     ? ? 
hydrog58 hydrog ? ? C G   12 O6  ? ? ? 1_555 D C  3  N4 ? ? C G   13 D C  23 1_555 ? ? ? ? ? ? WATSON-CRICK  ?     ? ? 
hydrog59 hydrog ? ? C C   13 N3  ? ? ? 1_555 D G  2  N1 ? ? C C   14 D G  22 1_555 ? ? ? ? ? ? WATSON-CRICK  ?     ? ? 
hydrog60 hydrog ? ? C C   13 N4  ? ? ? 1_555 D G  2  O6 ? ? C C   14 D G  22 1_555 ? ? ? ? ? ? WATSON-CRICK  ?     ? ? 
hydrog61 hydrog ? ? C C   13 O2  ? ? ? 1_555 D G  2  N2 ? ? C C   14 D G  22 1_555 ? ? ? ? ? ? WATSON-CRICK  ?     ? ? 
hydrog62 hydrog ? ? C G   14 N1  ? ? ? 1_555 D C  1  N3 ? ? C G   15 D C  21 1_555 ? ? ? ? ? ? WATSON-CRICK  ?     ? ? 
hydrog63 hydrog ? ? C G   14 N2  ? ? ? 1_555 D C  1  O2 ? ? C G   15 D C  21 1_555 ? ? ? ? ? ? WATSON-CRICK  ?     ? ? 
hydrog64 hydrog ? ? C G   14 O6  ? ? ? 1_555 D C  1  N4 ? ? C G   15 D C  21 1_555 ? ? ? ? ? ? WATSON-CRICK  ?     ? ? 
# 
loop_
_struct_conn_type.id 
_struct_conn_type.criteria 
_struct_conn_type.reference 
metalc ? ? 
hydrog ? ? 
# 
_pdbx_struct_conn_angle.id                    1 
_pdbx_struct_conn_angle.ptnr1_label_atom_id   O20 
_pdbx_struct_conn_angle.ptnr1_label_alt_id    ? 
_pdbx_struct_conn_angle.ptnr1_label_asym_id   F 
_pdbx_struct_conn_angle.ptnr1_label_comp_id   NMY 
_pdbx_struct_conn_angle.ptnr1_label_seq_id    . 
_pdbx_struct_conn_angle.ptnr1_auth_atom_id    ? 
_pdbx_struct_conn_angle.ptnr1_auth_asym_id    A 
_pdbx_struct_conn_angle.ptnr1_auth_comp_id    NMY 
_pdbx_struct_conn_angle.ptnr1_auth_seq_id     18 
_pdbx_struct_conn_angle.ptnr1_PDB_ins_code    ? 
_pdbx_struct_conn_angle.ptnr1_symmetry        2_664 
_pdbx_struct_conn_angle.ptnr2_label_atom_id   MG 
_pdbx_struct_conn_angle.ptnr2_label_alt_id    ? 
_pdbx_struct_conn_angle.ptnr2_label_asym_id   J 
_pdbx_struct_conn_angle.ptnr2_label_comp_id   MG 
_pdbx_struct_conn_angle.ptnr2_label_seq_id    . 
_pdbx_struct_conn_angle.ptnr2_auth_atom_id    ? 
_pdbx_struct_conn_angle.ptnr2_auth_asym_id    C 
_pdbx_struct_conn_angle.ptnr2_auth_comp_id    MG 
_pdbx_struct_conn_angle.ptnr2_auth_seq_id     48 
_pdbx_struct_conn_angle.ptnr2_PDB_ins_code    ? 
_pdbx_struct_conn_angle.ptnr2_symmetry        1_555 
_pdbx_struct_conn_angle.ptnr3_label_atom_id   N7 
_pdbx_struct_conn_angle.ptnr3_label_alt_id    ? 
_pdbx_struct_conn_angle.ptnr3_label_asym_id   C 
_pdbx_struct_conn_angle.ptnr3_label_comp_id   G 
_pdbx_struct_conn_angle.ptnr3_label_seq_id    1 
_pdbx_struct_conn_angle.ptnr3_auth_atom_id    ? 
_pdbx_struct_conn_angle.ptnr3_auth_asym_id    C 
_pdbx_struct_conn_angle.ptnr3_auth_comp_id    G 
_pdbx_struct_conn_angle.ptnr3_auth_seq_id     2 
_pdbx_struct_conn_angle.ptnr3_PDB_ins_code    ? 
_pdbx_struct_conn_angle.ptnr3_symmetry        1_555 
_pdbx_struct_conn_angle.value                 60.6 
_pdbx_struct_conn_angle.value_esd             ? 
# 
loop_
_struct_site.id 
_struct_site.pdbx_evidence_code 
_struct_site.pdbx_auth_asym_id 
_struct_site.pdbx_auth_comp_id 
_struct_site.pdbx_auth_seq_id 
_struct_site.pdbx_auth_ins_code 
_struct_site.pdbx_num_residues 
_struct_site.details 
AC1 Software C NMY 1  ? 13 'BINDING SITE FOR RESIDUE NMY C 1'  
AC2 Software A NMY 17 ? 11 'BINDING SITE FOR RESIDUE NMY A 17' 
AC3 Software C NMY 17 ? 11 'BINDING SITE FOR RESIDUE NMY C 17' 
AC4 Software A NMY 18 ? 12 'BINDING SITE FOR RESIDUE NMY A 18' 
AC5 Software A MG  41 ? 1  'BINDING SITE FOR RESIDUE MG A 41'  
AC6 Software C MG  48 ? 2  'BINDING SITE FOR RESIDUE MG C 48'  
1   ?        ? ?   ?  ? ?  ?                                   
# 
loop_
_struct_site_gen.id 
_struct_site_gen.site_id 
_struct_site_gen.pdbx_num_res 
_struct_site_gen.label_comp_id 
_struct_site_gen.label_asym_id 
_struct_site_gen.label_seq_id 
_struct_site_gen.pdbx_auth_ins_code 
_struct_site_gen.auth_comp_id 
_struct_site_gen.auth_asym_id 
_struct_site_gen.auth_seq_id 
_struct_site_gen.label_atom_id 
_struct_site_gen.label_alt_id 
_struct_site_gen.symmetry 
_struct_site_gen.details 
1  AC1 13 U   C 5  ? U   C 6  . ? 1_555 ? 
2  AC1 13 G   C 6  ? G   C 7  . ? 1_555 ? 
3  AC1 13 A   C 7  ? A   C 8  . ? 1_555 ? 
4  AC1 13 A   C 8  ? A   C 9  . ? 1_555 ? 
5  AC1 13 G   C 9  ? G   C 10 . ? 1_555 ? 
6  AC1 13 U   C 10 ? U   C 11 . ? 1_555 ? 
7  AC1 13 HOH M .  ? HOH C 50 . ? 1_555 ? 
8  AC1 13 HOH M .  ? HOH C 51 . ? 1_555 ? 
9  AC1 13 G   D 4  ? G   D 24 . ? 1_555 ? 
10 AC1 13 U   D 5  ? U   D 25 . ? 1_555 ? 
11 AC1 13 C   D 6  ? C   D 26 . ? 1_555 ? 
12 AC1 13 A   D 7  ? A   D 27 . ? 1_555 ? 
13 AC1 13 C   D 8  ? C   D 28 . ? 1_555 ? 
14 AC2 11 U   A 5  ? U   A 6  . ? 1_555 ? 
15 AC2 11 G   A 6  ? G   A 7  . ? 1_555 ? 
16 AC2 11 A   A 7  ? A   A 8  . ? 1_555 ? 
17 AC2 11 A   A 8  ? A   A 9  . ? 1_555 ? 
18 AC2 11 G   A 9  ? G   A 10 . ? 1_555 ? 
19 AC2 11 U   A 10 ? U   A 11 . ? 1_555 ? 
20 AC2 11 G   B 4  ? G   B 24 . ? 1_555 ? 
21 AC2 11 U   B 5  ? U   B 25 . ? 1_555 ? 
22 AC2 11 C   B 6  ? C   B 26 . ? 1_555 ? 
23 AC2 11 A   B 7  ? A   B 27 . ? 1_555 ? 
24 AC2 11 C   B 8  ? C   B 28 . ? 1_555 ? 
25 AC3 11 G   A 1  ? G   A 2  . ? 1_555 ? 
26 AC3 11 C   B 13 ? C   B 33 . ? 1_555 ? 
27 AC3 11 C   B 14 ? C   B 34 . ? 1_555 ? 
28 AC3 11 U   C 10 ? U   C 11 . ? 1_555 ? 
29 AC3 11 C   C 11 ? C   C 12 . ? 1_555 ? 
30 AC3 11 C   C 13 ? C   C 14 . ? 1_555 ? 
31 AC3 11 G   C 14 ? G   C 15 . ? 1_555 ? 
32 AC3 11 G   C 15 ? G   C 16 . ? 1_555 ? 
33 AC3 11 A   D 12 ? A   D 32 . ? 4_465 ? 
34 AC3 11 C   D 13 ? C   D 33 . ? 4_465 ? 
35 AC3 11 C   D 14 ? C   D 34 . ? 4_465 ? 
36 AC4 12 U   A 10 ? U   A 11 . ? 1_555 ? 
37 AC4 12 C   A 11 ? C   A 12 . ? 1_555 ? 
38 AC4 12 C   A 13 ? C   A 14 . ? 1_555 ? 
39 AC4 12 G   A 14 ? G   A 15 . ? 1_555 ? 
40 AC4 12 G   A 15 ? G   A 16 . ? 1_555 ? 
41 AC4 12 A   B 12 ? A   B 32 . ? 3_645 ? 
42 AC4 12 C   B 13 ? C   B 33 . ? 3_645 ? 
43 AC4 12 C   B 14 ? C   B 34 . ? 3_645 ? 
44 AC4 12 G   C 1  ? G   C 2  . ? 2_665 ? 
45 AC4 12 MG  J .  ? MG  C 48 . ? 2_665 ? 
46 AC4 12 C   D 13 ? C   D 33 . ? 2_665 ? 
47 AC4 12 C   D 14 ? C   D 34 . ? 2_665 ? 
48 AC5 1  G   A 1  ? G   A 2  . ? 1_555 ? 
49 AC6 2  NMY F .  ? NMY A 18 . ? 2_664 ? 
50 AC6 2  G   C 1  ? G   C 2  . ? 1_555 ? 
# 
_pdbx_validate_close_contact.id               1 
_pdbx_validate_close_contact.PDB_model_num    1 
_pdbx_validate_close_contact.auth_atom_id_1   O 
_pdbx_validate_close_contact.auth_asym_id_1   D 
_pdbx_validate_close_contact.auth_comp_id_1   HOH 
_pdbx_validate_close_contact.auth_seq_id_1    10 
_pdbx_validate_close_contact.PDB_ins_code_1   ? 
_pdbx_validate_close_contact.label_alt_id_1   ? 
_pdbx_validate_close_contact.auth_atom_id_2   O 
_pdbx_validate_close_contact.auth_asym_id_2   D 
_pdbx_validate_close_contact.auth_comp_id_2   HOH 
_pdbx_validate_close_contact.auth_seq_id_2    14 
_pdbx_validate_close_contact.PDB_ins_code_2   ? 
_pdbx_validate_close_contact.label_alt_id_2   ? 
_pdbx_validate_close_contact.dist             1.08 
# 
loop_
_pdbx_validate_planes.id 
_pdbx_validate_planes.PDB_model_num 
_pdbx_validate_planes.auth_comp_id 
_pdbx_validate_planes.auth_asym_id 
_pdbx_validate_planes.auth_seq_id 
_pdbx_validate_planes.PDB_ins_code 
_pdbx_validate_planes.label_alt_id 
_pdbx_validate_planes.rmsd 
_pdbx_validate_planes.type 
1 1 U A 3  ? ? 0.064 'SIDE CHAIN' 
2 1 U D 25 ? ? 0.074 'SIDE CHAIN' 
3 1 A D 29 ? ? 0.055 'SIDE CHAIN' 
# 
_struct_site_keywords.site_id   1 
_struct_site_keywords.text      bisintercalation 
# 
loop_
_chem_comp_atom.comp_id 
_chem_comp_atom.atom_id 
_chem_comp_atom.type_symbol 
_chem_comp_atom.pdbx_aromatic_flag 
_chem_comp_atom.pdbx_stereo_config 
_chem_comp_atom.pdbx_ordinal 
A   OP3    O  N N 1   
A   P      P  N N 2   
A   OP1    O  N N 3   
A   OP2    O  N N 4   
A   "O5'"  O  N N 5   
A   "C5'"  C  N N 6   
A   "C4'"  C  N R 7   
A   "O4'"  O  N N 8   
A   "C3'"  C  N S 9   
A   "O3'"  O  N N 10  
A   "C2'"  C  N R 11  
A   "O2'"  O  N N 12  
A   "C1'"  C  N R 13  
A   N9     N  Y N 14  
A   C8     C  Y N 15  
A   N7     N  Y N 16  
A   C5     C  Y N 17  
A   C6     C  Y N 18  
A   N6     N  N N 19  
A   N1     N  Y N 20  
A   C2     C  Y N 21  
A   N3     N  Y N 22  
A   C4     C  Y N 23  
A   HOP3   H  N N 24  
A   HOP2   H  N N 25  
A   "H5'"  H  N N 26  
A   "H5''" H  N N 27  
A   "H4'"  H  N N 28  
A   "H3'"  H  N N 29  
A   "HO3'" H  N N 30  
A   "H2'"  H  N N 31  
A   "HO2'" H  N N 32  
A   "H1'"  H  N N 33  
A   H8     H  N N 34  
A   H61    H  N N 35  
A   H62    H  N N 36  
A   H2     H  N N 37  
C   OP3    O  N N 38  
C   P      P  N N 39  
C   OP1    O  N N 40  
C   OP2    O  N N 41  
C   "O5'"  O  N N 42  
C   "C5'"  C  N N 43  
C   "C4'"  C  N R 44  
C   "O4'"  O  N N 45  
C   "C3'"  C  N S 46  
C   "O3'"  O  N N 47  
C   "C2'"  C  N R 48  
C   "O2'"  O  N N 49  
C   "C1'"  C  N R 50  
C   N1     N  N N 51  
C   C2     C  N N 52  
C   O2     O  N N 53  
C   N3     N  N N 54  
C   C4     C  N N 55  
C   N4     N  N N 56  
C   C5     C  N N 57  
C   C6     C  N N 58  
C   HOP3   H  N N 59  
C   HOP2   H  N N 60  
C   "H5'"  H  N N 61  
C   "H5''" H  N N 62  
C   "H4'"  H  N N 63  
C   "H3'"  H  N N 64  
C   "HO3'" H  N N 65  
C   "H2'"  H  N N 66  
C   "HO2'" H  N N 67  
C   "H1'"  H  N N 68  
C   H41    H  N N 69  
C   H42    H  N N 70  
C   H5     H  N N 71  
C   H6     H  N N 72  
G   OP3    O  N N 73  
G   P      P  N N 74  
G   OP1    O  N N 75  
G   OP2    O  N N 76  
G   "O5'"  O  N N 77  
G   "C5'"  C  N N 78  
G   "C4'"  C  N R 79  
G   "O4'"  O  N N 80  
G   "C3'"  C  N S 81  
G   "O3'"  O  N N 82  
G   "C2'"  C  N R 83  
G   "O2'"  O  N N 84  
G   "C1'"  C  N R 85  
G   N9     N  Y N 86  
G   C8     C  Y N 87  
G   N7     N  Y N 88  
G   C5     C  Y N 89  
G   C6     C  N N 90  
G   O6     O  N N 91  
G   N1     N  N N 92  
G   C2     C  N N 93  
G   N2     N  N N 94  
G   N3     N  N N 95  
G   C4     C  Y N 96  
G   HOP3   H  N N 97  
G   HOP2   H  N N 98  
G   "H5'"  H  N N 99  
G   "H5''" H  N N 100 
G   "H4'"  H  N N 101 
G   "H3'"  H  N N 102 
G   "HO3'" H  N N 103 
G   "H2'"  H  N N 104 
G   "HO2'" H  N N 105 
G   "H1'"  H  N N 106 
G   H8     H  N N 107 
G   H1     H  N N 108 
G   H21    H  N N 109 
G   H22    H  N N 110 
HOH O      O  N N 111 
HOH H1     H  N N 112 
HOH H2     H  N N 113 
MG  MG     MG N N 114 
NMY C1     C  N R 115 
NMY O1     O  N N 116 
NMY C2     C  N R 117 
NMY N2     N  N N 118 
NMY C3     C  N R 119 
NMY O3     O  N N 120 
NMY C4     C  N S 121 
NMY O4     O  N N 122 
NMY C5     C  N R 123 
NMY O5     O  N N 124 
NMY C6     C  N N 125 
NMY C7     C  N R 126 
NMY N7     N  N N 127 
NMY C12    C  N S 128 
NMY C11    C  N R 129 
NMY O11    O  N N 130 
NMY C10    C  N R 131 
NMY C9     C  N S 132 
NMY N9     N  N N 133 
NMY C8     C  N N 134 
NMY C13    C  N S 135 
NMY C14    C  N R 136 
NMY C15    C  N S 137 
NMY C16    C  N R 138 
NMY O16    O  N N 139 
NMY C17    C  N N 140 
NMY C21    C  N S 141 
NMY C20    C  N R 142 
NMY C19    C  N R 143 
NMY C18    C  N R 144 
NMY O18    O  N N 145 
NMY C22    C  N S 146 
NMY O22    O  N N 147 
NMY C23    C  N N 148 
NMY N6     N  N N 149 
NMY O14    O  N N 150 
NMY O20    O  N N 151 
NMY O21    O  N N 152 
NMY O17    O  N N 153 
NMY O12    O  N N 154 
NMY N19    N  N N 155 
NMY N23    N  N N 156 
NMY H1     H  N N 157 
NMY H2     H  N N 158 
NMY HN21   H  N N 159 
NMY HN22   H  N N 160 
NMY H3     H  N N 161 
NMY HO3    H  N N 162 
NMY H4     H  N N 163 
NMY HO4    H  N N 164 
NMY H5     H  N N 165 
NMY H61    H  N N 166 
NMY H62    H  N N 167 
NMY H7     H  N N 168 
NMY H71    H  N N 169 
NMY H72    H  N N 170 
NMY H12    H  N N 171 
NMY H11    H  N N 172 
NMY H10    H  N N 173 
NMY H9     H  N N 174 
NMY H91    H  N N 175 
NMY H92    H  N N 176 
NMY H81    H  N N 177 
NMY H82    H  N N 178 
NMY H13    H  N N 179 
NMY H14    H  N N 180 
NMY H15    H  N N 181 
NMY H16    H  N N 182 
NMY H171   H  N N 183 
NMY H172   H  N N 184 
NMY H21    H  N N 185 
NMY H20    H  N N 186 
NMY H19    H  N N 187 
NMY H18    H  N N 188 
NMY H22    H  N N 189 
NMY H231   H  N N 190 
NMY H232   H  N N 191 
NMY HN61   H  N N 192 
NMY HN62   H  N N 193 
NMY HO41   H  N N 194 
NMY HO22   H  N N 195 
NMY HO21   H  N N 196 
NMY H17    H  N N 197 
NMY HO12   H  N N 198 
NMY H191   H  N N 199 
NMY H192   H  N N 200 
NMY HN31   H  N N 201 
NMY HN32   H  N N 202 
U   OP3    O  N N 203 
U   P      P  N N 204 
U   OP1    O  N N 205 
U   OP2    O  N N 206 
U   "O5'"  O  N N 207 
U   "C5'"  C  N N 208 
U   "C4'"  C  N R 209 
U   "O4'"  O  N N 210 
U   "C3'"  C  N S 211 
U   "O3'"  O  N N 212 
U   "C2'"  C  N R 213 
U   "O2'"  O  N N 214 
U   "C1'"  C  N R 215 
U   N1     N  N N 216 
U   C2     C  N N 217 
U   O2     O  N N 218 
U   N3     N  N N 219 
U   C4     C  N N 220 
U   O4     O  N N 221 
U   C5     C  N N 222 
U   C6     C  N N 223 
U   HOP3   H  N N 224 
U   HOP2   H  N N 225 
U   "H5'"  H  N N 226 
U   "H5''" H  N N 227 
U   "H4'"  H  N N 228 
U   "H3'"  H  N N 229 
U   "HO3'" H  N N 230 
U   "H2'"  H  N N 231 
U   "HO2'" H  N N 232 
U   "H1'"  H  N N 233 
U   H3     H  N N 234 
U   H5     H  N N 235 
U   H6     H  N N 236 
# 
loop_
_chem_comp_bond.comp_id 
_chem_comp_bond.atom_id_1 
_chem_comp_bond.atom_id_2 
_chem_comp_bond.value_order 
_chem_comp_bond.pdbx_aromatic_flag 
_chem_comp_bond.pdbx_stereo_config 
_chem_comp_bond.pdbx_ordinal 
A   OP3   P      sing N N 1   
A   OP3   HOP3   sing N N 2   
A   P     OP1    doub N N 3   
A   P     OP2    sing N N 4   
A   P     "O5'"  sing N N 5   
A   OP2   HOP2   sing N N 6   
A   "O5'" "C5'"  sing N N 7   
A   "C5'" "C4'"  sing N N 8   
A   "C5'" "H5'"  sing N N 9   
A   "C5'" "H5''" sing N N 10  
A   "C4'" "O4'"  sing N N 11  
A   "C4'" "C3'"  sing N N 12  
A   "C4'" "H4'"  sing N N 13  
A   "O4'" "C1'"  sing N N 14  
A   "C3'" "O3'"  sing N N 15  
A   "C3'" "C2'"  sing N N 16  
A   "C3'" "H3'"  sing N N 17  
A   "O3'" "HO3'" sing N N 18  
A   "C2'" "O2'"  sing N N 19  
A   "C2'" "C1'"  sing N N 20  
A   "C2'" "H2'"  sing N N 21  
A   "O2'" "HO2'" sing N N 22  
A   "C1'" N9     sing N N 23  
A   "C1'" "H1'"  sing N N 24  
A   N9    C8     sing Y N 25  
A   N9    C4     sing Y N 26  
A   C8    N7     doub Y N 27  
A   C8    H8     sing N N 28  
A   N7    C5     sing Y N 29  
A   C5    C6     sing Y N 30  
A   C5    C4     doub Y N 31  
A   C6    N6     sing N N 32  
A   C6    N1     doub Y N 33  
A   N6    H61    sing N N 34  
A   N6    H62    sing N N 35  
A   N1    C2     sing Y N 36  
A   C2    N3     doub Y N 37  
A   C2    H2     sing N N 38  
A   N3    C4     sing Y N 39  
C   OP3   P      sing N N 40  
C   OP3   HOP3   sing N N 41  
C   P     OP1    doub N N 42  
C   P     OP2    sing N N 43  
C   P     "O5'"  sing N N 44  
C   OP2   HOP2   sing N N 45  
C   "O5'" "C5'"  sing N N 46  
C   "C5'" "C4'"  sing N N 47  
C   "C5'" "H5'"  sing N N 48  
C   "C5'" "H5''" sing N N 49  
C   "C4'" "O4'"  sing N N 50  
C   "C4'" "C3'"  sing N N 51  
C   "C4'" "H4'"  sing N N 52  
C   "O4'" "C1'"  sing N N 53  
C   "C3'" "O3'"  sing N N 54  
C   "C3'" "C2'"  sing N N 55  
C   "C3'" "H3'"  sing N N 56  
C   "O3'" "HO3'" sing N N 57  
C   "C2'" "O2'"  sing N N 58  
C   "C2'" "C1'"  sing N N 59  
C   "C2'" "H2'"  sing N N 60  
C   "O2'" "HO2'" sing N N 61  
C   "C1'" N1     sing N N 62  
C   "C1'" "H1'"  sing N N 63  
C   N1    C2     sing N N 64  
C   N1    C6     sing N N 65  
C   C2    O2     doub N N 66  
C   C2    N3     sing N N 67  
C   N3    C4     doub N N 68  
C   C4    N4     sing N N 69  
C   C4    C5     sing N N 70  
C   N4    H41    sing N N 71  
C   N4    H42    sing N N 72  
C   C5    C6     doub N N 73  
C   C5    H5     sing N N 74  
C   C6    H6     sing N N 75  
G   OP3   P      sing N N 76  
G   OP3   HOP3   sing N N 77  
G   P     OP1    doub N N 78  
G   P     OP2    sing N N 79  
G   P     "O5'"  sing N N 80  
G   OP2   HOP2   sing N N 81  
G   "O5'" "C5'"  sing N N 82  
G   "C5'" "C4'"  sing N N 83  
G   "C5'" "H5'"  sing N N 84  
G   "C5'" "H5''" sing N N 85  
G   "C4'" "O4'"  sing N N 86  
G   "C4'" "C3'"  sing N N 87  
G   "C4'" "H4'"  sing N N 88  
G   "O4'" "C1'"  sing N N 89  
G   "C3'" "O3'"  sing N N 90  
G   "C3'" "C2'"  sing N N 91  
G   "C3'" "H3'"  sing N N 92  
G   "O3'" "HO3'" sing N N 93  
G   "C2'" "O2'"  sing N N 94  
G   "C2'" "C1'"  sing N N 95  
G   "C2'" "H2'"  sing N N 96  
G   "O2'" "HO2'" sing N N 97  
G   "C1'" N9     sing N N 98  
G   "C1'" "H1'"  sing N N 99  
G   N9    C8     sing Y N 100 
G   N9    C4     sing Y N 101 
G   C8    N7     doub Y N 102 
G   C8    H8     sing N N 103 
G   N7    C5     sing Y N 104 
G   C5    C6     sing N N 105 
G   C5    C4     doub Y N 106 
G   C6    O6     doub N N 107 
G   C6    N1     sing N N 108 
G   N1    C2     sing N N 109 
G   N1    H1     sing N N 110 
G   C2    N2     sing N N 111 
G   C2    N3     doub N N 112 
G   N2    H21    sing N N 113 
G   N2    H22    sing N N 114 
G   N3    C4     sing N N 115 
HOH O     H1     sing N N 116 
HOH O     H2     sing N N 117 
NMY C1    O5     sing N N 118 
NMY C1    O1     sing N N 119 
NMY C1    C2     sing N N 120 
NMY C1    H1     sing N N 121 
NMY O1    C10    sing N N 122 
NMY C2    N2     sing N N 123 
NMY C2    C3     sing N N 124 
NMY C2    H2     sing N N 125 
NMY N2    HN21   sing N N 126 
NMY N2    HN22   sing N N 127 
NMY C3    C4     sing N N 128 
NMY C3    O3     sing N N 129 
NMY C3    H3     sing N N 130 
NMY O3    HO3    sing N N 131 
NMY C4    C5     sing N N 132 
NMY C4    O4     sing N N 133 
NMY C4    H4     sing N N 134 
NMY O4    HO4    sing N N 135 
NMY C5    O5     sing N N 136 
NMY C5    C6     sing N N 137 
NMY C5    H5     sing N N 138 
NMY C6    N6     sing N N 139 
NMY C6    H61    sing N N 140 
NMY C6    H62    sing N N 141 
NMY C7    N7     sing N N 142 
NMY C7    C12    sing N N 143 
NMY C7    C8     sing N N 144 
NMY C7    H7     sing N N 145 
NMY N7    H71    sing N N 146 
NMY N7    H72    sing N N 147 
NMY C12   O12    sing N N 148 
NMY C12   C11    sing N N 149 
NMY C12   H12    sing N N 150 
NMY C11   O11    sing N N 151 
NMY C11   C10    sing N N 152 
NMY C11   H11    sing N N 153 
NMY O11   C13    sing N N 154 
NMY C10   C9     sing N N 155 
NMY C10   H10    sing N N 156 
NMY C9    C8     sing N N 157 
NMY C9    N9     sing N N 158 
NMY C9    H9     sing N N 159 
NMY N9    H91    sing N N 160 
NMY N9    H92    sing N N 161 
NMY C8    H81    sing N N 162 
NMY C8    H82    sing N N 163 
NMY C13   C14    sing N N 164 
NMY C13   O16    sing N N 165 
NMY C13   H13    sing N N 166 
NMY C14   O14    sing N N 167 
NMY C14   C15    sing N N 168 
NMY C14   H14    sing N N 169 
NMY C15   O18    sing N N 170 
NMY C15   C16    sing N N 171 
NMY C15   H15    sing N N 172 
NMY C16   O16    sing N N 173 
NMY C16   C17    sing N N 174 
NMY C16   H16    sing N N 175 
NMY C17   O17    sing N N 176 
NMY C17   H171   sing N N 177 
NMY C17   H172   sing N N 178 
NMY C21   C20    sing N N 179 
NMY C21   C22    sing N N 180 
NMY C21   O21    sing N N 181 
NMY C21   H21    sing N N 182 
NMY C20   C19    sing N N 183 
NMY C20   O20    sing N N 184 
NMY C20   H20    sing N N 185 
NMY C19   N23    sing N N 186 
NMY C19   C18    sing N N 187 
NMY C19   H19    sing N N 188 
NMY C18   O22    sing N N 189 
NMY C18   O18    sing N N 190 
NMY C18   H18    sing N N 191 
NMY C22   O22    sing N N 192 
NMY C22   C23    sing N N 193 
NMY C22   H22    sing N N 194 
NMY C23   N19    sing N N 195 
NMY C23   H231   sing N N 196 
NMY C23   H232   sing N N 197 
NMY N6    HN61   sing N N 198 
NMY N6    HN62   sing N N 199 
NMY O14   HO41   sing N N 200 
NMY O20   HO22   sing N N 201 
NMY O21   HO21   sing N N 202 
NMY O17   H17    sing N N 203 
NMY O12   HO12   sing N N 204 
NMY N19   H191   sing N N 205 
NMY N19   H192   sing N N 206 
NMY N23   HN31   sing N N 207 
NMY N23   HN32   sing N N 208 
U   OP3   P      sing N N 209 
U   OP3   HOP3   sing N N 210 
U   P     OP1    doub N N 211 
U   P     OP2    sing N N 212 
U   P     "O5'"  sing N N 213 
U   OP2   HOP2   sing N N 214 
U   "O5'" "C5'"  sing N N 215 
U   "C5'" "C4'"  sing N N 216 
U   "C5'" "H5'"  sing N N 217 
U   "C5'" "H5''" sing N N 218 
U   "C4'" "O4'"  sing N N 219 
U   "C4'" "C3'"  sing N N 220 
U   "C4'" "H4'"  sing N N 221 
U   "O4'" "C1'"  sing N N 222 
U   "C3'" "O3'"  sing N N 223 
U   "C3'" "C2'"  sing N N 224 
U   "C3'" "H3'"  sing N N 225 
U   "O3'" "HO3'" sing N N 226 
U   "C2'" "O2'"  sing N N 227 
U   "C2'" "C1'"  sing N N 228 
U   "C2'" "H2'"  sing N N 229 
U   "O2'" "HO2'" sing N N 230 
U   "C1'" N1     sing N N 231 
U   "C1'" "H1'"  sing N N 232 
U   N1    C2     sing N N 233 
U   N1    C6     sing N N 234 
U   C2    O2     doub N N 235 
U   C2    N3     sing N N 236 
U   N3    C4     sing N N 237 
U   N3    H3     sing N N 238 
U   C4    O4     doub N N 239 
U   C4    C5     sing N N 240 
U   C5    C6     doub N N 241 
U   C5    H5     sing N N 242 
U   C6    H6     sing N N 243 
# 
loop_
_ndb_struct_conf_na.entry_id 
_ndb_struct_conf_na.feature 
2A04 'double helix'         
2A04 'a-form double helix'  
2A04 'mismatched base pair' 
2A04 'internal loop'        
# 
loop_
_ndb_struct_na_base_pair.model_number 
_ndb_struct_na_base_pair.i_label_asym_id 
_ndb_struct_na_base_pair.i_label_comp_id 
_ndb_struct_na_base_pair.i_label_seq_id 
_ndb_struct_na_base_pair.i_symmetry 
_ndb_struct_na_base_pair.j_label_asym_id 
_ndb_struct_na_base_pair.j_label_comp_id 
_ndb_struct_na_base_pair.j_label_seq_id 
_ndb_struct_na_base_pair.j_symmetry 
_ndb_struct_na_base_pair.shear 
_ndb_struct_na_base_pair.stretch 
_ndb_struct_na_base_pair.stagger 
_ndb_struct_na_base_pair.buckle 
_ndb_struct_na_base_pair.propeller 
_ndb_struct_na_base_pair.opening 
_ndb_struct_na_base_pair.pair_number 
_ndb_struct_na_base_pair.pair_name 
_ndb_struct_na_base_pair.i_auth_asym_id 
_ndb_struct_na_base_pair.i_auth_seq_id 
_ndb_struct_na_base_pair.i_PDB_ins_code 
_ndb_struct_na_base_pair.j_auth_asym_id 
_ndb_struct_na_base_pair.j_auth_seq_id 
_ndb_struct_na_base_pair.j_PDB_ins_code 
_ndb_struct_na_base_pair.hbond_type_28 
_ndb_struct_na_base_pair.hbond_type_12 
1 B C 8  1_555 A G 6  1_555 0.077  -0.483 0.124  4.495  -15.722 1.386   1  B_C28:G7_A  B 28 ? A 7  ? 19 1 
1 B A 9  1_555 A U 5  1_555 -0.671 -0.257 0.090  2.541  -16.454 5.038   2  B_A29:U6_A  B 29 ? A 6  ? 20 1 
1 B C 10 1_555 A G 4  1_555 -0.503 -0.328 0.103  6.594  -16.728 -5.648  3  B_C30:G5_A  B 30 ? A 5  ? 19 1 
1 B C 11 1_555 A G 3  1_555 0.176  -0.099 -0.041 9.573  -16.381 -1.228  4  B_C31:G4_A  B 31 ? A 4  ? 19 1 
1 B A 12 1_555 A U 2  1_555 0.438  -0.372 0.283  -4.846 -14.155 -0.830  5  B_A32:U3_A  B 32 ? A 3  ? 20 1 
1 B C 13 1_555 A G 1  1_555 0.544  -0.621 0.649  -8.915 -12.320 -8.094  6  B_C33:G2_A  B 33 ? A 2  ? 19 1 
1 B C 14 1_555 C G 15 1_555 0.507  -0.413 -0.135 7.293  -10.306 -1.329  7  B_C34:G16_C B 34 ? C 16 ? 19 1 
1 D C 1  1_555 C G 14 1_555 0.723  -0.320 -0.272 8.580  -13.705 2.714   8  D_C21:G15_C D 21 ? C 15 ? 19 1 
1 D G 2  1_555 C C 13 1_555 0.048  0.009  -0.325 -7.577 -14.663 11.598  9  D_G22:C14_C D 22 ? C 14 ? 19 1 
1 D C 3  1_555 C G 12 1_555 0.308  0.047  0.015  1.789  -6.758  4.752   10 D_C23:G13_C D 23 ? C 13 ? 19 1 
1 D G 4  1_555 C C 11 1_555 0.489  -0.117 0.243  -0.655 -7.058  0.390   11 D_G24:C12_C D 24 ? C 12 ? 19 1 
1 A G 9  1_555 B C 6  1_555 -0.279 -0.216 -0.084 -8.104 -0.135  -3.253  12 A_G10:C26_B A 10 ? B 26 ? 19 1 
1 A U 10 1_555 B U 5  1_555 1.715  -0.977 -0.499 -5.230 -13.708 -19.105 13 A_U11:U25_B A 11 ? B 25 ? ?  ? 
1 A C 11 1_555 B G 4  1_555 -0.239 -0.107 0.160  -2.575 -3.950  4.579   14 A_C12:G24_B A 12 ? B 24 ? 19 1 
1 A G 12 1_555 B C 3  1_555 0.083  -0.084 0.004  -3.643 -10.306 1.611   15 A_G13:C23_B A 13 ? B 23 ? 19 1 
1 A C 13 1_555 B G 2  1_555 1.527  0.178  0.396  -5.474 -10.442 17.137  16 A_C14:G22_B A 14 ? B 22 ? ?  1 
1 A G 14 1_555 B C 1  1_555 -0.207 -0.233 -0.136 -2.171 -9.637  2.651   17 A_G15:C21_B A 15 ? B 21 ? 19 1 
1 C G 1  1_555 D C 13 1_555 -0.148 -0.352 0.711  7.891  -13.035 -6.281  18 C_G2:C33_D  C 2  ? D 33 ? 19 1 
1 C U 2  1_555 D A 12 1_555 -0.346 -0.380 0.243  4.714  -15.366 -0.779  19 C_U3:A32_D  C 3  ? D 32 ? 20 1 
1 C G 3  1_555 D C 11 1_555 -0.096 -0.030 0.066  -2.537 -10.564 -4.792  20 C_G4:C31_D  C 4  ? D 31 ? 19 1 
1 C G 4  1_555 D C 10 1_555 0.576  0.000  0.100  -2.338 -11.540 1.319   21 C_G5:C30_D  C 5  ? D 30 ? 19 1 
1 C U 5  1_555 D A 9  1_555 0.184  -0.134 0.184  -0.870 -15.714 7.659   22 C_U6:A29_D  C 6  ? D 29 ? 20 1 
1 C G 6  1_555 D C 8  1_555 -0.081 -0.429 0.189  -1.150 -15.336 0.131   23 C_G7:C28_D  C 7  ? D 28 ? 19 1 
1 C G 9  1_555 D C 6  1_555 -0.356 -0.220 -0.028 5.249  4.059   2.339   24 C_G10:C26_D C 10 ? D 26 ? 19 1 
# 
loop_
_ndb_struct_na_base_pair_step.model_number 
_ndb_struct_na_base_pair_step.i_label_asym_id_1 
_ndb_struct_na_base_pair_step.i_label_comp_id_1 
_ndb_struct_na_base_pair_step.i_label_seq_id_1 
_ndb_struct_na_base_pair_step.i_symmetry_1 
_ndb_struct_na_base_pair_step.j_label_asym_id_1 
_ndb_struct_na_base_pair_step.j_label_comp_id_1 
_ndb_struct_na_base_pair_step.j_label_seq_id_1 
_ndb_struct_na_base_pair_step.j_symmetry_1 
_ndb_struct_na_base_pair_step.i_label_asym_id_2 
_ndb_struct_na_base_pair_step.i_label_comp_id_2 
_ndb_struct_na_base_pair_step.i_label_seq_id_2 
_ndb_struct_na_base_pair_step.i_symmetry_2 
_ndb_struct_na_base_pair_step.j_label_asym_id_2 
_ndb_struct_na_base_pair_step.j_label_comp_id_2 
_ndb_struct_na_base_pair_step.j_label_seq_id_2 
_ndb_struct_na_base_pair_step.j_symmetry_2 
_ndb_struct_na_base_pair_step.shift 
_ndb_struct_na_base_pair_step.slide 
_ndb_struct_na_base_pair_step.rise 
_ndb_struct_na_base_pair_step.tilt 
_ndb_struct_na_base_pair_step.roll 
_ndb_struct_na_base_pair_step.twist 
_ndb_struct_na_base_pair_step.x_displacement 
_ndb_struct_na_base_pair_step.y_displacement 
_ndb_struct_na_base_pair_step.helical_rise 
_ndb_struct_na_base_pair_step.inclination 
_ndb_struct_na_base_pair_step.tip 
_ndb_struct_na_base_pair_step.helical_twist 
_ndb_struct_na_base_pair_step.step_number 
_ndb_struct_na_base_pair_step.step_name 
_ndb_struct_na_base_pair_step.i_auth_asym_id_1 
_ndb_struct_na_base_pair_step.i_auth_seq_id_1 
_ndb_struct_na_base_pair_step.i_PDB_ins_code_1 
_ndb_struct_na_base_pair_step.j_auth_asym_id_1 
_ndb_struct_na_base_pair_step.j_auth_seq_id_1 
_ndb_struct_na_base_pair_step.j_PDB_ins_code_1 
_ndb_struct_na_base_pair_step.i_auth_asym_id_2 
_ndb_struct_na_base_pair_step.i_auth_seq_id_2 
_ndb_struct_na_base_pair_step.i_PDB_ins_code_2 
_ndb_struct_na_base_pair_step.j_auth_asym_id_2 
_ndb_struct_na_base_pair_step.j_auth_seq_id_2 
_ndb_struct_na_base_pair_step.j_PDB_ins_code_2 
1 B C 8  1_555 A G 6  1_555 B A 9  1_555 A U 5  1_555 0.259  -1.629 3.158 -0.211 13.310 29.861 -4.899  -0.493 2.246 24.364 0.386   
32.632 1  BB_C28A29:U6G7_AA   B 28 ? A 7  ? B 29 ? A 6  ? 
1 B A 9  1_555 A U 5  1_555 B C 10 1_555 A G 4  1_555 -0.771 -1.201 3.200 -1.756 1.353  31.922 -2.417  1.090  3.185 2.456  3.188   
31.997 2  BB_A29C30:G5U6_AA   B 29 ? A 6  ? B 30 ? A 5  ? 
1 B C 10 1_555 A G 4  1_555 B C 11 1_555 A G 3  1_555 0.703  -1.754 3.245 5.391  4.858  35.411 -3.497  -0.392 3.056 7.885  -8.750  
36.123 3  BB_C30C31:G4G5_AA   B 30 ? A 5  ? B 31 ? A 4  ? 
1 B C 11 1_555 A G 3  1_555 B A 12 1_555 A U 2  1_555 0.508  -1.928 3.398 1.136  14.642 32.800 -5.072  -0.675 2.367 24.460 -1.898  
35.855 4  BB_C31A32:U3G4_AA   B 31 ? A 4  ? B 32 ? A 3  ? 
1 B A 12 1_555 A U 2  1_555 B C 13 1_555 A G 1  1_555 -0.339 -1.815 3.285 1.621  2.281  35.623 -3.282  0.783  3.148 3.721  -2.645  
35.729 5  BB_A32C33:G2U3_AA   B 32 ? A 3  ? B 33 ? A 2  ? 
1 B C 13 1_555 A G 1  1_555 B C 14 1_555 C G 15 1_555 -2.523 -1.303 2.837 5.069  6.222  8.316  -11.248 16.421 0.238 34.155 -27.823 
11.552 6  BB_C33C34:G16G2_CA  B 33 ? A 2  ? B 34 ? C 16 ? 
1 B C 14 1_555 C G 15 1_555 D C 1  1_555 C G 14 1_555 -0.949 -1.838 3.435 0.096  -0.834 39.992 -2.586  1.399  3.469 -1.220 -0.141  
40.001 7  BD_C34C21:G15G16_CC B 34 ? C 16 ? D 21 ? C 15 ? 
1 D C 1  1_555 C G 14 1_555 D G 2  1_555 C C 13 1_555 -0.091 -1.600 3.698 3.113  13.838 22.784 -7.032  1.001  2.327 31.420 -7.068  
26.788 8  DD_C21G22:C14G15_CC D 21 ? C 15 ? D 22 ? C 14 ? 
1 D G 2  1_555 C C 13 1_555 D C 3  1_555 C G 12 1_555 -0.253 -1.004 3.040 -2.549 7.617  34.021 -2.710  0.075  2.769 12.798 4.283   
34.929 9  DD_G22C23:G13C14_CC D 22 ? C 14 ? D 23 ? C 13 ? 
1 D C 3  1_555 C G 12 1_555 D G 4  1_555 C C 11 1_555 -0.230 -1.709 3.136 -0.517 4.732  31.367 -3.928  0.333  2.858 8.689  0.948   
31.718 10 DD_C23G24:C12G13_CC D 23 ? C 13 ? D 24 ? C 12 ? 
1 A G 9  1_555 B C 6  1_555 A U 10 1_555 B U 5  1_555 -1.981 -2.406 3.168 1.918  2.700  39.626 -3.829  3.120  2.909 3.974  -2.824  
39.758 11 AA_G10U11:U25C26_BB A 10 ? B 26 ? A 11 ? B 25 ? 
1 A U 10 1_555 B U 5  1_555 A C 11 1_555 B G 4  1_555 0.731  -2.321 3.281 -6.228 2.239  20.919 -6.913  -4.178 2.692 5.976  16.626  
21.930 12 AA_U11C12:G24U25_BB A 11 ? B 25 ? A 12 ? B 24 ? 
1 A C 11 1_555 B G 4  1_555 A G 12 1_555 B C 3  1_555 -0.117 -1.723 3.163 -0.406 4.623  32.410 -3.800  0.142  2.898 8.230  0.723   
32.732 13 AA_C12G13:C23G24_BB A 12 ? B 24 ? A 13 ? B 23 ? 
1 A G 12 1_555 B C 3  1_555 A C 13 1_555 B G 2  1_555 0.484  -0.939 3.346 -0.737 4.726  37.135 -2.087  -0.852 3.197 7.384  1.152   
37.431 14 AA_G13C14:G22C23_BB A 13 ? B 23 ? A 14 ? B 22 ? 
1 A C 13 1_555 B G 2  1_555 A G 14 1_555 B C 1  1_555 -0.392 -1.995 2.993 1.610  9.778  20.130 -7.937  1.471  1.802 26.033 -4.287  
22.415 15 AA_C14G15:C21G22_BB A 14 ? B 22 ? A 15 ? B 21 ? 
1 C G 1  1_555 D C 13 1_555 C U 2  1_555 D A 12 1_555 0.153  -1.824 3.216 -0.616 2.350  35.754 -3.289  -0.334 3.091 3.821  1.002   
35.834 16 CC_G2U3:A32C33_DD   C 2  ? D 33 ? C 3  ? D 32 ? 
1 C U 2  1_555 D A 12 1_555 C G 3  1_555 D C 11 1_555 -0.467 -2.200 3.208 -2.429 12.544 30.011 -5.801  0.470  2.169 22.958 4.446   
32.560 17 CC_U3G4:C31A32_DD   C 3  ? D 32 ? C 4  ? D 31 ? 
1 C G 3  1_555 D C 11 1_555 C G 4  1_555 D C 10 1_555 -0.163 -1.521 3.367 -2.315 3.776  38.638 -2.749  -0.039 3.214 5.684  3.485   
38.881 18 CC_G4G5:C30C31_DD   C 4  ? D 31 ? C 5  ? D 30 ? 
1 C G 4  1_555 D C 10 1_555 C U 5  1_555 D A 9  1_555 0.696  -1.171 3.172 2.074  4.447  27.981 -3.359  -0.965 2.996 9.107  -4.248  
28.400 19 CC_G5U6:A29C30_DD   C 5  ? D 30 ? C 6  ? D 29 ? 
1 C U 5  1_555 D A 9  1_555 C G 6  1_555 D C 8  1_555 -0.315 -1.796 3.098 -0.274 12.550 30.940 -4.898  0.510  2.224 22.403 0.490   
33.332 20 CC_U6G7:C28A29_DD   C 6  ? D 29 ? C 7  ? D 28 ? 
# 
_atom_sites.entry_id                    2A04 
_atom_sites.fract_transf_matrix[1][1]   0.01242931 
_atom_sites.fract_transf_matrix[1][2]   -0.00076776 
_atom_sites.fract_transf_matrix[1][3]   0.01575211 
_atom_sites.fract_transf_matrix[2][1]   -0.00072336 
_atom_sites.fract_transf_matrix[2][2]   -0.02002284 
_atom_sites.fract_transf_matrix[2][3]   -0.00040514 
_atom_sites.fract_transf_matrix[3][1]   0.00542608 
_atom_sites.fract_transf_matrix[3][2]   -0.00010929 
_atom_sites.fract_transf_matrix[3][3]   -0.00428681 
_atom_sites.fract_transf_vector[1]      0.640270 
_atom_sites.fract_transf_vector[2]      0.586038 
_atom_sites.fract_transf_vector[3]      0.158654 
# 
loop_
_atom_type.symbol 
C  
MG 
N  
O  
P  
# 
loop_
_atom_site.group_PDB 
_atom_site.id 
_atom_site.type_symbol 
_atom_site.label_atom_id 
_atom_site.label_alt_id 
_atom_site.label_comp_id 
_atom_site.label_asym_id 
_atom_site.label_entity_id 
_atom_site.label_seq_id 
_atom_site.pdbx_PDB_ins_code 
_atom_site.Cartn_x 
_atom_site.Cartn_y 
_atom_site.Cartn_z 
_atom_site.occupancy 
_atom_site.B_iso_or_equiv 
_atom_site.pdbx_formal_charge 
_atom_site.auth_seq_id 
_atom_site.auth_comp_id 
_atom_site.auth_asym_id 
_atom_site.auth_atom_id 
_atom_site.pdbx_PDB_model_num 
ATOM   1    O  "O5'" . G   A 1 1  ? 7.476   1.382   -1.985  1.00 72.54  ? 2  G   A "O5'" 1 
ATOM   2    C  "C5'" . G   A 1 1  ? 7.703   0.778   -0.693  1.00 69.11  ? 2  G   A "C5'" 1 
ATOM   3    C  "C4'" . G   A 1 1  ? 7.155   -0.622  -0.672  1.00 66.18  ? 2  G   A "C4'" 1 
ATOM   4    O  "O4'" . G   A 1 1  ? 5.799   -0.605  -0.169  1.00 66.10  ? 2  G   A "O4'" 1 
ATOM   5    C  "C3'" . G   A 1 1  ? 7.023   -1.236  -2.046  1.00 65.77  ? 2  G   A "C3'" 1 
ATOM   6    O  "O3'" . G   A 1 1  ? 8.265   -1.778  -2.446  1.00 65.64  ? 2  G   A "O3'" 1 
ATOM   7    C  "C2'" . G   A 1 1  ? 5.964   -2.301  -1.822  1.00 66.43  ? 2  G   A "C2'" 1 
ATOM   8    O  "O2'" . G   A 1 1  ? 6.494   -3.479  -1.244  1.00 67.00  ? 2  G   A "O2'" 1 
ATOM   9    C  "C1'" . G   A 1 1  ? 5.030   -1.595  -0.834  1.00 66.14  ? 2  G   A "C1'" 1 
ATOM   10   N  N9    . G   A 1 1  ? 3.862   -0.955  -1.449  1.00 64.64  ? 2  G   A N9    1 
ATOM   11   C  C8    . G   A 1 1  ? 3.539   0.392   -1.461  1.00 64.36  ? 2  G   A C8    1 
ATOM   12   N  N7    . G   A 1 1  ? 2.417   0.645   -2.081  1.00 63.14  ? 2  G   A N7    1 
ATOM   13   C  C5    . G   A 1 1  ? 1.970   -0.611  -2.502  1.00 64.19  ? 2  G   A C5    1 
ATOM   14   C  C6    . G   A 1 1  ? 0.789   -0.993  -3.218  1.00 64.72  ? 2  G   A C6    1 
ATOM   15   O  O6    . G   A 1 1  ? -0.130  -0.282  -3.639  1.00 68.39  ? 2  G   A O6    1 
ATOM   16   N  N1    . G   A 1 1  ? 0.740   -2.359  -3.435  1.00 60.90  ? 2  G   A N1    1 
ATOM   17   C  C2    . G   A 1 1  ? 1.678   -3.251  -3.033  1.00 60.25  ? 2  G   A C2    1 
ATOM   18   N  N2    . G   A 1 1  ? 1.435   -4.521  -3.372  1.00 59.39  ? 2  G   A N2    1 
ATOM   19   N  N3    . G   A 1 1  ? 2.772   -2.926  -2.359  1.00 60.41  ? 2  G   A N3    1 
ATOM   20   C  C4    . G   A 1 1  ? 2.852   -1.601  -2.128  1.00 62.65  ? 2  G   A C4    1 
ATOM   21   P  P     . U   A 1 2  ? 8.795   -1.521  -3.936  1.00 65.68  ? 3  U   A P     1 
ATOM   22   O  OP1   . U   A 1 2  ? 10.218  -1.929  -3.972  1.00 63.59  ? 3  U   A OP1   1 
ATOM   23   O  OP2   . U   A 1 2  ? 8.424   -0.136  -4.323  1.00 64.70  ? 3  U   A OP2   1 
ATOM   24   O  "O5'" . U   A 1 2  ? 7.922   -2.528  -4.805  1.00 63.85  ? 3  U   A "O5'" 1 
ATOM   25   C  "C5'" . U   A 1 2  ? 7.855   -3.912  -4.480  1.00 62.43  ? 3  U   A "C5'" 1 
ATOM   26   C  "C4'" . U   A 1 2  ? 6.699   -4.552  -5.210  1.00 62.04  ? 3  U   A "C4'" 1 
ATOM   27   O  "O4'" . U   A 1 2  ? 5.460   -4.112  -4.613  1.00 60.86  ? 3  U   A "O4'" 1 
ATOM   28   C  "C3'" . U   A 1 2  ? 6.533   -4.135  -6.661  1.00 62.47  ? 3  U   A "C3'" 1 
ATOM   29   O  "O3'" . U   A 1 2  ? 7.411   -4.837  -7.531  1.00 64.72  ? 3  U   A "O3'" 1 
ATOM   30   C  "C2'" . U   A 1 2  ? 5.066   -4.452  -6.937  1.00 61.22  ? 3  U   A "C2'" 1 
ATOM   31   O  "O2'" . U   A 1 2  ? 4.784   -5.784  -7.282  1.00 63.30  ? 3  U   A "O2'" 1 
ATOM   32   C  "C1'" . U   A 1 2  ? 4.431   -4.165  -5.585  1.00 59.44  ? 3  U   A "C1'" 1 
ATOM   33   N  N1    . U   A 1 2  ? 3.748   -2.881  -5.623  1.00 55.88  ? 3  U   A N1    1 
ATOM   34   C  C2    . U   A 1 2  ? 2.535   -2.843  -6.257  1.00 56.94  ? 3  U   A C2    1 
ATOM   35   O  O2    . U   A 1 2  ? 1.996   -3.835  -6.725  1.00 57.63  ? 3  U   A O2    1 
ATOM   36   N  N3    . U   A 1 2  ? 1.967   -1.606  -6.323  1.00 55.05  ? 3  U   A N3    1 
ATOM   37   C  C4    . U   A 1 2  ? 2.482   -0.446  -5.822  1.00 53.46  ? 3  U   A C4    1 
ATOM   38   O  O4    . U   A 1 2  ? 1.954   0.610   -6.129  1.00 55.18  ? 3  U   A O4    1 
ATOM   39   C  C5    . U   A 1 2  ? 3.720   -0.585  -5.142  1.00 53.01  ? 3  U   A C5    1 
ATOM   40   C  C6    . U   A 1 2  ? 4.297   -1.772  -5.073  1.00 53.87  ? 3  U   A C6    1 
ATOM   41   P  P     . G   A 1 3  ? 7.909   -4.131  -8.887  1.00 65.28  ? 4  G   A P     1 
ATOM   42   O  OP1   . G   A 1 3  ? 9.024   -4.967  -9.418  1.00 66.62  ? 4  G   A OP1   1 
ATOM   43   O  OP2   . G   A 1 3  ? 8.145   -2.692  -8.594  1.00 64.17  ? 4  G   A OP2   1 
ATOM   44   O  "O5'" . G   A 1 3  ? 6.648   -4.269  -9.858  1.00 64.21  ? 4  G   A "O5'" 1 
ATOM   45   C  "C5'" . G   A 1 3  ? 6.190   -5.558  -10.265 1.00 63.08  ? 4  G   A "C5'" 1 
ATOM   46   C  "C4'" . G   A 1 3  ? 4.871   -5.460  -10.997 1.00 62.83  ? 4  G   A "C4'" 1 
ATOM   47   O  "O4'" . G   A 1 3  ? 3.836   -5.007  -10.095 1.00 62.77  ? 4  G   A "O4'" 1 
ATOM   48   C  "C3'" . G   A 1 3  ? 4.785   -4.457  -12.131 1.00 63.14  ? 4  G   A "C3'" 1 
ATOM   49   O  "O3'" . G   A 1 3  ? 5.390   -4.943  -13.314 1.00 64.48  ? 4  G   A "O3'" 1 
ATOM   50   C  "C2'" . G   A 1 3  ? 3.283   -4.326  -12.291 1.00 62.39  ? 4  G   A "C2'" 1 
ATOM   51   O  "O2'" . G   A 1 3  ? 2.721   -5.454  -12.919 1.00 62.27  ? 4  G   A "O2'" 1 
ATOM   52   C  "C1'" . G   A 1 3  ? 2.845   -4.306  -10.831 1.00 62.32  ? 4  G   A "C1'" 1 
ATOM   53   N  N9    . G   A 1 3  ? 2.760   -2.950  -10.308 1.00 61.42  ? 4  G   A N9    1 
ATOM   54   C  C8    . G   A 1 3  ? 3.593   -2.353  -9.395  1.00 59.82  ? 4  G   A C8    1 
ATOM   55   N  N7    . G   A 1 3  ? 3.243   -1.128  -9.110  1.00 59.78  ? 4  G   A N7    1 
ATOM   56   C  C5    . G   A 1 3  ? 2.112   -0.905  -9.882  1.00 59.52  ? 4  G   A C5    1 
ATOM   57   C  C6    . G   A 1 3  ? 1.290   0.246   -10.000 1.00 59.62  ? 4  G   A C6    1 
ATOM   58   O  O6    . G   A 1 3  ? 1.390   1.324   -9.408  1.00 59.54  ? 4  G   A O6    1 
ATOM   59   N  N1    . G   A 1 3  ? 0.264   0.055   -10.920 1.00 59.69  ? 4  G   A N1    1 
ATOM   60   C  C2    . G   A 1 3  ? 0.052   -1.099  -11.636 1.00 60.97  ? 4  G   A C2    1 
ATOM   61   N  N2    . G   A 1 3  ? -0.979  -1.088  -12.493 1.00 61.23  ? 4  G   A N2    1 
ATOM   62   N  N3    . G   A 1 3  ? 0.803   -2.186  -11.525 1.00 60.71  ? 4  G   A N3    1 
ATOM   63   C  C4    . G   A 1 3  ? 1.808   -2.018  -10.636 1.00 60.84  ? 4  G   A C4    1 
ATOM   64   P  P     . G   A 1 4  ? 5.913   -3.905  -14.417 1.00 64.92  ? 5  G   A P     1 
ATOM   65   O  OP1   . G   A 1 4  ? 6.600   -4.708  -15.461 1.00 64.10  ? 5  G   A OP1   1 
ATOM   66   O  OP2   . G   A 1 4  ? 6.655   -2.825  -13.722 1.00 63.63  ? 5  G   A OP2   1 
ATOM   67   O  "O5'" . G   A 1 4  ? 4.567   -3.304  -15.023 1.00 62.93  ? 5  G   A "O5'" 1 
ATOM   68   C  "C5'" . G   A 1 4  ? 3.665   -4.139  -15.730 1.00 62.13  ? 5  G   A "C5'" 1 
ATOM   69   C  "C4'" . G   A 1 4  ? 2.490   -3.340  -16.229 1.00 62.58  ? 5  G   A "C4'" 1 
ATOM   70   O  "O4'" . G   A 1 4  ? 1.755   -2.804  -15.100 1.00 62.44  ? 5  G   A "O4'" 1 
ATOM   71   C  "C3'" . G   A 1 4  ? 2.827   -2.114  -17.054 1.00 63.06  ? 5  G   A "C3'" 1 
ATOM   72   O  "O3'" . G   A 1 4  ? 3.083   -2.458  -18.407 1.00 65.17  ? 5  G   A "O3'" 1 
ATOM   73   C  "C2'" . G   A 1 4  ? 1.556   -1.283  -16.909 1.00 62.60  ? 5  G   A "C2'" 1 
ATOM   74   O  "O2'" . G   A 1 4  ? 0.487   -1.707  -17.739 1.00 61.41  ? 5  G   A "O2'" 1 
ATOM   75   C  "C1'" . G   A 1 4  ? 1.201   -1.543  -15.446 1.00 61.57  ? 5  G   A "C1'" 1 
ATOM   76   N  N9    . G   A 1 4  ? 1.750   -0.542  -14.536 1.00 59.24  ? 5  G   A N9    1 
ATOM   77   C  C8    . G   A 1 4  ? 2.844   -0.688  -13.717 1.00 58.27  ? 5  G   A C8    1 
ATOM   78   N  N7    . G   A 1 4  ? 3.072   0.364   -12.979 1.00 57.76  ? 5  G   A N7    1 
ATOM   79   C  C5    . G   A 1 4  ? 2.078   1.264   -13.340 1.00 56.48  ? 5  G   A C5    1 
ATOM   80   C  C6    . G   A 1 4  ? 1.814   2.583   -12.871 1.00 55.92  ? 5  G   A C6    1 
ATOM   81   O  O6    . G   A 1 4  ? 2.431   3.241   -12.026 1.00 54.88  ? 5  G   A O6    1 
ATOM   82   N  N1    . G   A 1 4  ? 0.708   3.136   -13.499 1.00 55.82  ? 5  G   A N1    1 
ATOM   83   C  C2    . G   A 1 4  ? -0.044  2.516   -14.467 1.00 55.92  ? 5  G   A C2    1 
ATOM   84   N  N2    . G   A 1 4  ? -1.077  3.224   -14.948 1.00 54.25  ? 5  G   A N2    1 
ATOM   85   N  N3    . G   A 1 4  ? 0.197   1.292   -14.925 1.00 56.43  ? 5  G   A N3    1 
ATOM   86   C  C4    . G   A 1 4  ? 1.261   0.727   -14.314 1.00 57.21  ? 5  G   A C4    1 
ATOM   87   P  P     . U   A 1 5  ? 4.137   -1.593  -19.258 1.00 68.00  ? 6  U   A P     1 
ATOM   88   O  OP1   . U   A 1 5  ? 4.131   -2.192  -20.617 1.00 66.86  ? 6  U   A OP1   1 
ATOM   89   O  OP2   . U   A 1 5  ? 5.418   -1.495  -18.503 1.00 66.32  ? 6  U   A OP2   1 
ATOM   90   O  "O5'" . U   A 1 5  ? 3.445   -0.159  -19.351 1.00 64.43  ? 6  U   A "O5'" 1 
ATOM   91   C  "C5'" . U   A 1 5  ? 2.272   0.004   -20.136 1.00 62.07  ? 6  U   A "C5'" 1 
ATOM   92   C  "C4'" . U   A 1 5  ? 1.629   1.346   -19.876 1.00 61.29  ? 6  U   A "C4'" 1 
ATOM   93   O  "O4'" . U   A 1 5  ? 1.299   1.470   -18.469 1.00 60.86  ? 6  U   A "O4'" 1 
ATOM   94   C  "C3'" . U   A 1 5  ? 2.471   2.577   -20.131 1.00 61.08  ? 6  U   A "C3'" 1 
ATOM   95   O  "O3'" . U   A 1 5  ? 2.506   2.893   -21.513 1.00 63.30  ? 6  U   A "O3'" 1 
ATOM   96   C  "C2'" . U   A 1 5  ? 1.707   3.628   -19.338 1.00 60.07  ? 6  U   A "C2'" 1 
ATOM   97   O  "O2'" . U   A 1 5  ? 0.518   4.042   -19.975 1.00 59.90  ? 6  U   A "O2'" 1 
ATOM   98   C  "C1'" . U   A 1 5  ? 1.342   2.834   -18.088 1.00 58.42  ? 6  U   A "C1'" 1 
ATOM   99   N  N1    . U   A 1 5  ? 2.369   2.995   -17.057 1.00 54.83  ? 6  U   A N1    1 
ATOM   100  C  C2    . U   A 1 5  ? 2.286   4.113   -16.273 1.00 53.13  ? 6  U   A C2    1 
ATOM   101  O  O2    . U   A 1 5  ? 1.412   4.946   -16.408 1.00 54.18  ? 6  U   A O2    1 
ATOM   102  N  N3    . U   A 1 5  ? 3.255   4.232   -15.324 1.00 51.95  ? 6  U   A N3    1 
ATOM   103  C  C4    . U   A 1 5  ? 4.273   3.361   -15.079 1.00 52.55  ? 6  U   A C4    1 
ATOM   104  O  O4    . U   A 1 5  ? 5.055   3.602   -14.154 1.00 54.36  ? 6  U   A O4    1 
ATOM   105  C  C5    . U   A 1 5  ? 4.299   2.213   -15.946 1.00 52.68  ? 6  U   A C5    1 
ATOM   106  C  C6    . U   A 1 5  ? 3.367   2.078   -16.884 1.00 52.90  ? 6  U   A C6    1 
ATOM   107  P  P     . G   A 1 6  ? 3.751   3.715   -22.109 1.00 64.05  ? 7  G   A P     1 
ATOM   108  O  OP1   . G   A 1 6  ? 3.555   3.684   -23.580 1.00 63.54  ? 7  G   A OP1   1 
ATOM   109  O  OP2   . G   A 1 6  ? 5.009   3.176   -21.525 1.00 62.54  ? 7  G   A OP2   1 
ATOM   110  O  "O5'" . G   A 1 6  ? 3.509   5.197   -21.565 1.00 63.60  ? 7  G   A "O5'" 1 
ATOM   111  C  "C5'" . G   A 1 6  ? 2.410   5.971   -22.039 1.00 64.19  ? 7  G   A "C5'" 1 
ATOM   112  C  "C4'" . G   A 1 6  ? 2.379   7.329   -21.373 1.00 64.11  ? 7  G   A "C4'" 1 
ATOM   113  O  "O4'" . G   A 1 6  ? 2.130   7.172   -19.955 1.00 61.87  ? 7  G   A "O4'" 1 
ATOM   114  C  "C3'" . G   A 1 6  ? 3.671   8.120   -21.426 1.00 65.62  ? 7  G   A "C3'" 1 
ATOM   115  O  "O3'" . G   A 1 6  ? 3.836   8.776   -22.670 1.00 68.32  ? 7  G   A "O3'" 1 
ATOM   116  C  "C2'" . G   A 1 6  ? 3.502   9.093   -20.268 1.00 64.93  ? 7  G   A "C2'" 1 
ATOM   117  O  "O2'" . G   A 1 6  ? 2.759   10.249  -20.605 1.00 65.71  ? 7  G   A "O2'" 1 
ATOM   118  C  "C1'" . G   A 1 6  ? 2.769   8.217   -19.243 1.00 62.63  ? 7  G   A "C1'" 1 
ATOM   119  N  N9    . G   A 1 6  ? 3.690   7.611   -18.287 1.00 60.17  ? 7  G   A N9    1 
ATOM   120  C  C8    . G   A 1 6  ? 4.281   6.375   -18.373 1.00 59.89  ? 7  G   A C8    1 
ATOM   121  N  N7    . G   A 1 6  ? 5.104   6.131   -17.389 1.00 59.66  ? 7  G   A N7    1 
ATOM   122  C  C5    . G   A 1 6  ? 5.037   7.270   -16.599 1.00 61.71  ? 7  G   A C5    1 
ATOM   123  C  C6    . G   A 1 6  ? 5.720   7.602   -15.387 1.00 62.20  ? 7  G   A C6    1 
ATOM   124  O  O6    . G   A 1 6  ? 6.537   6.917   -14.751 1.00 65.92  ? 7  G   A O6    1 
ATOM   125  N  N1    . G   A 1 6  ? 5.366   8.875   -14.927 1.00 59.81  ? 7  G   A N1    1 
ATOM   126  C  C2    . G   A 1 6  ? 4.472   9.718   -15.551 1.00 59.35  ? 7  G   A C2    1 
ATOM   127  N  N2    . G   A 1 6  ? 4.269   10.906  -14.973 1.00 54.86  ? 7  G   A N2    1 
ATOM   128  N  N3    . G   A 1 6  ? 3.824   9.413   -16.671 1.00 60.66  ? 7  G   A N3    1 
ATOM   129  C  C4    . G   A 1 6  ? 4.158   8.188   -17.136 1.00 60.88  ? 7  G   A C4    1 
ATOM   130  P  P     . A   A 1 7  ? 4.985   8.269   -23.675 1.00 73.89  ? 8  A   A P     1 
ATOM   131  O  OP1   . A   A 1 7  ? 4.340   7.408   -24.696 1.00 74.37  ? 8  A   A OP1   1 
ATOM   132  O  OP2   . A   A 1 7  ? 6.114   7.726   -22.873 1.00 72.91  ? 8  A   A OP2   1 
ATOM   133  O  "O5'" . A   A 1 7  ? 5.461   9.596   -24.411 1.00 73.65  ? 8  A   A "O5'" 1 
ATOM   134  C  "C5'" . A   A 1 7  ? 6.123   10.633  -23.695 1.00 75.35  ? 8  A   A "C5'" 1 
ATOM   135  C  "C4'" . A   A 1 7  ? 7.273   11.167  -24.510 1.00 76.04  ? 8  A   A "C4'" 1 
ATOM   136  O  "O4'" . A   A 1 7  ? 6.767   11.797  -25.711 1.00 77.45  ? 8  A   A "O4'" 1 
ATOM   137  C  "C3'" . A   A 1 7  ? 8.091   12.250  -23.843 1.00 75.46  ? 8  A   A "C3'" 1 
ATOM   138  O  "O3'" . A   A 1 7  ? 9.056   11.642  -23.007 1.00 72.42  ? 8  A   A "O3'" 1 
ATOM   139  C  "C2'" . A   A 1 7  ? 8.722   12.972  -25.032 1.00 76.87  ? 8  A   A "C2'" 1 
ATOM   140  O  "O2'" . A   A 1 7  ? 9.883   12.352  -25.544 1.00 76.95  ? 8  A   A "O2'" 1 
ATOM   141  C  "C1'" . A   A 1 7  ? 7.608   12.874  -26.075 1.00 78.36  ? 8  A   A "C1'" 1 
ATOM   142  N  N9    . A   A 1 7  ? 6.786   14.075  -26.170 1.00 81.40  ? 8  A   A N9    1 
ATOM   143  C  C8    . A   A 1 7  ? 5.549   14.306  -25.621 1.00 83.31  ? 8  A   A C8    1 
ATOM   144  N  N7    . A   A 1 7  ? 5.056   15.487  -25.907 1.00 84.57  ? 8  A   A N7    1 
ATOM   145  C  C5    . A   A 1 7  ? 6.038   16.073  -26.693 1.00 84.27  ? 8  A   A C5    1 
ATOM   146  C  C6    . A   A 1 7  ? 6.123   17.322  -27.314 1.00 84.12  ? 8  A   A C6    1 
ATOM   147  N  N6    . A   A 1 7  ? 5.162   18.250  -27.251 1.00 85.43  ? 8  A   A N6    1 
ATOM   148  N  N1    . A   A 1 7  ? 7.244   17.596  -28.013 1.00 84.05  ? 8  A   A N1    1 
ATOM   149  C  C2    . A   A 1 7  ? 8.208   16.667  -28.078 1.00 83.92  ? 8  A   A C2    1 
ATOM   150  N  N3    . A   A 1 7  ? 8.243   15.457  -27.544 1.00 83.14  ? 8  A   A N3    1 
ATOM   151  C  C4    . A   A 1 7  ? 7.113   15.217  -26.856 1.00 83.32  ? 8  A   A C4    1 
ATOM   152  P  P     . A   A 1 8  ? 9.147   12.079  -21.482 1.00 71.42  ? 9  A   A P     1 
ATOM   153  O  OP1   . A   A 1 8  ? 9.848   11.006  -20.749 1.00 70.28  ? 9  A   A OP1   1 
ATOM   154  O  OP2   . A   A 1 8  ? 7.794   12.492  -21.058 1.00 68.56  ? 9  A   A OP2   1 
ATOM   155  O  "O5'" . A   A 1 8  ? 10.062  13.381  -21.525 1.00 71.27  ? 9  A   A "O5'" 1 
ATOM   156  C  "C5'" . A   A 1 8  ? 11.399  13.329  -22.010 1.00 70.72  ? 9  A   A "C5'" 1 
ATOM   157  C  "C4'" . A   A 1 8  ? 11.887  14.719  -22.357 1.00 70.20  ? 9  A   A "C4'" 1 
ATOM   158  O  "O4'" . A   A 1 8  ? 11.167  15.210  -23.517 1.00 71.02  ? 9  A   A "O4'" 1 
ATOM   159  C  "C3'" . A   A 1 8  ? 11.658  15.778  -21.293 1.00 69.52  ? 9  A   A "C3'" 1 
ATOM   160  O  "O3'" . A   A 1 8  ? 12.706  15.772  -20.331 1.00 66.33  ? 9  A   A "O3'" 1 
ATOM   161  C  "C2'" . A   A 1 8  ? 11.670  17.059  -22.123 1.00 71.24  ? 9  A   A "C2'" 1 
ATOM   162  O  "O2'" . A   A 1 8  ? 12.972  17.493  -22.451 1.00 73.06  ? 9  A   A "O2'" 1 
ATOM   163  C  "C1'" . A   A 1 8  ? 10.967  16.609  -23.404 1.00 71.66  ? 9  A   A "C1'" 1 
ATOM   164  N  N9    . A   A 1 8  ? 9.529   16.872  -23.391 1.00 72.91  ? 9  A   A N9    1 
ATOM   165  C  C8    . A   A 1 8  ? 8.561   16.116  -22.788 1.00 74.57  ? 9  A   A C8    1 
ATOM   166  N  N7    . A   A 1 8  ? 7.348   16.595  -22.927 1.00 75.03  ? 9  A   A N7    1 
ATOM   167  C  C5    . A   A 1 8  ? 7.532   17.744  -23.672 1.00 75.07  ? 9  A   A C5    1 
ATOM   168  C  C6    . A   A 1 8  ? 6.631   18.710  -24.144 1.00 76.59  ? 9  A   A C6    1 
ATOM   169  N  N6    . A   A 1 8  ? 5.319   18.663  -23.918 1.00 79.59  ? 9  A   A N6    1 
ATOM   170  N  N1    . A   A 1 8  ? 7.128   19.739  -24.858 1.00 77.36  ? 9  A   A N1    1 
ATOM   171  C  C2    . A   A 1 8  ? 8.452   19.782  -25.072 1.00 77.31  ? 9  A   A C2    1 
ATOM   172  N  N3    . A   A 1 8  ? 9.403   18.933  -24.673 1.00 76.16  ? 9  A   A N3    1 
ATOM   173  C  C4    . A   A 1 8  ? 8.870   17.926  -23.971 1.00 74.25  ? 9  A   A C4    1 
ATOM   174  P  P     . G   A 1 9  ? 12.599  14.822  -19.043 1.00 66.24  ? 10 G   A P     1 
ATOM   175  O  OP1   . G   A 1 9  ? 13.103  13.484  -19.405 1.00 64.80  ? 10 G   A OP1   1 
ATOM   176  O  OP2   . G   A 1 9  ? 11.242  14.957  -18.453 1.00 67.13  ? 10 G   A OP2   1 
ATOM   177  O  "O5'" . G   A 1 9  ? 13.620  15.446  -18.005 1.00 63.49  ? 10 G   A "O5'" 1 
ATOM   178  C  "C5'" . G   A 1 9  ? 13.551  16.814  -17.668 1.00 62.19  ? 10 G   A "C5'" 1 
ATOM   179  C  "C4'" . G   A 1 9  ? 13.690  16.981  -16.179 1.00 61.86  ? 10 G   A "C4'" 1 
ATOM   180  O  "O4'" . G   A 1 9  ? 12.492  16.486  -15.531 1.00 60.56  ? 10 G   A "O4'" 1 
ATOM   181  C  "C3'" . G   A 1 9  ? 14.834  16.202  -15.547 1.00 60.91  ? 10 G   A "C3'" 1 
ATOM   182  O  "O3'" . G   A 1 9  ? 16.034  16.961  -15.578 1.00 61.55  ? 10 G   A "O3'" 1 
ATOM   183  C  "C2'" . G   A 1 9  ? 14.332  16.021  -14.127 1.00 60.22  ? 10 G   A "C2'" 1 
ATOM   184  O  "O2'" . G   A 1 9  ? 14.473  17.220  -13.404 1.00 60.85  ? 10 G   A "O2'" 1 
ATOM   185  C  "C1'" . G   A 1 9  ? 12.846  15.751  -14.376 1.00 59.61  ? 10 G   A "C1'" 1 
ATOM   186  N  N9    . G   A 1 9  ? 12.581  14.346  -14.660 1.00 56.61  ? 10 G   A N9    1 
ATOM   187  C  C8    . G   A 1 9  ? 11.987  13.832  -15.783 1.00 56.41  ? 10 G   A C8    1 
ATOM   188  N  N7    . G   A 1 9  ? 11.952  12.533  -15.788 1.00 55.54  ? 10 G   A N7    1 
ATOM   189  C  C5    . G   A 1 9  ? 12.549  12.177  -14.594 1.00 55.35  ? 10 G   A C5    1 
ATOM   190  C  C6    . G   A 1 9  ? 12.826  10.917  -14.071 1.00 57.89  ? 10 G   A C6    1 
ATOM   191  O  O6    . G   A 1 9  ? 12.603  9.814   -14.582 1.00 62.18  ? 10 G   A O6    1 
ATOM   192  N  N1    . G   A 1 9  ? 13.437  11.002  -12.826 1.00 56.55  ? 10 G   A N1    1 
ATOM   193  C  C2    . G   A 1 9  ? 13.745  12.163  -12.185 1.00 54.97  ? 10 G   A C2    1 
ATOM   194  N  N2    . G   A 1 9  ? 14.321  12.044  -10.990 1.00 54.51  ? 10 G   A N2    1 
ATOM   195  N  N3    . G   A 1 9  ? 13.506  13.355  -12.680 1.00 53.99  ? 10 G   A N3    1 
ATOM   196  C  C4    . G   A 1 9  ? 12.914  13.285  -13.878 1.00 54.06  ? 10 G   A C4    1 
ATOM   197  P  P     . U   A 1 10 ? 17.443  16.208  -15.670 1.00 62.26  ? 11 U   A P     1 
ATOM   198  O  OP1   . U   A 1 10 ? 18.454  17.281  -15.812 1.00 61.36  ? 11 U   A OP1   1 
ATOM   199  O  OP2   . U   A 1 10 ? 17.364  15.130  -16.688 1.00 59.77  ? 11 U   A OP2   1 
ATOM   200  O  "O5'" . U   A 1 10 ? 17.604  15.529  -14.242 1.00 62.81  ? 11 U   A "O5'" 1 
ATOM   201  C  "C5'" . U   A 1 10 ? 17.907  16.300  -13.089 1.00 64.30  ? 11 U   A "C5'" 1 
ATOM   202  C  "C4'" . U   A 1 10 ? 18.257  15.389  -11.937 1.00 66.54  ? 11 U   A "C4'" 1 
ATOM   203  O  "O4'" . U   A 1 10 ? 17.096  14.587  -11.589 1.00 67.00  ? 11 U   A "O4'" 1 
ATOM   204  C  "C3'" . U   A 1 10 ? 19.319  14.345  -12.228 1.00 68.18  ? 11 U   A "C3'" 1 
ATOM   205  O  "O3'" . U   A 1 10 ? 20.635  14.852  -12.113 1.00 71.39  ? 11 U   A "O3'" 1 
ATOM   206  C  "C2'" . U   A 1 10 ? 19.032  13.311  -11.156 1.00 67.63  ? 11 U   A "C2'" 1 
ATOM   207  O  "O2'" . U   A 1 10 ? 19.475  13.734  -9.890  1.00 69.41  ? 11 U   A "O2'" 1 
ATOM   208  C  "C1'" . U   A 1 10 ? 17.509  13.289  -11.185 1.00 67.43  ? 11 U   A "C1'" 1 
ATOM   209  N  N1    . U   A 1 10 ? 17.031  12.301  -12.166 1.00 68.15  ? 11 U   A N1    1 
ATOM   210  C  C2    . U   A 1 10 ? 17.044  10.989  -11.779 1.00 69.90  ? 11 U   A C2    1 
ATOM   211  O  O2    . U   A 1 10 ? 17.368  10.646  -10.652 1.00 74.58  ? 11 U   A O2    1 
ATOM   212  N  N3    . U   A 1 10 ? 16.660  10.089  -12.744 1.00 68.85  ? 11 U   A N3    1 
ATOM   213  C  C4    . U   A 1 10 ? 16.252  10.369  -14.023 1.00 67.58  ? 11 U   A C4    1 
ATOM   214  O  O4    . U   A 1 10 ? 16.036  9.441   -14.809 1.00 67.75  ? 11 U   A O4    1 
ATOM   215  C  C5    . U   A 1 10 ? 16.225  11.757  -14.338 1.00 66.54  ? 11 U   A C5    1 
ATOM   216  C  C6    . U   A 1 10 ? 16.610  12.655  -13.424 1.00 67.51  ? 11 U   A C6    1 
ATOM   217  P  P     . C   A 1 11 ? 21.827  14.122  -12.902 1.00 75.55  ? 12 C   A P     1 
ATOM   218  O  OP1   . C   A 1 11 ? 22.999  15.040  -12.902 1.00 76.11  ? 12 C   A OP1   1 
ATOM   219  O  OP2   . C   A 1 11 ? 21.304  13.621  -14.203 1.00 75.39  ? 12 C   A OP2   1 
ATOM   220  O  "O5'" . C   A 1 11 ? 22.130  12.855  -11.986 1.00 76.55  ? 12 C   A "O5'" 1 
ATOM   221  C  "C5'" . C   A 1 11 ? 22.367  12.997  -10.589 1.00 78.83  ? 12 C   A "C5'" 1 
ATOM   222  C  "C4'" . C   A 1 11 ? 22.502  11.639  -9.946  1.00 80.06  ? 12 C   A "C4'" 1 
ATOM   223  O  "O4'" . C   A 1 11 ? 21.224  10.957  -10.014 1.00 79.19  ? 12 C   A "O4'" 1 
ATOM   224  C  "C3'" . C   A 1 11 ? 23.487  10.705  -10.628 1.00 81.68  ? 12 C   A "C3'" 1 
ATOM   225  O  "O3'" . C   A 1 11 ? 24.796  10.887  -10.102 1.00 84.51  ? 12 C   A "O3'" 1 
ATOM   226  C  "C2'" . C   A 1 11 ? 22.937  9.328   -10.280 1.00 80.78  ? 12 C   A "C2'" 1 
ATOM   227  O  "O2'" . C   A 1 11 ? 23.327  8.883   -8.999  1.00 82.04  ? 12 C   A "O2'" 1 
ATOM   228  C  "C1'" . C   A 1 11 ? 21.429  9.586   -10.299 1.00 79.11  ? 12 C   A "C1'" 1 
ATOM   229  N  N1    . C   A 1 11 ? 20.826  9.296   -11.600 1.00 75.76  ? 12 C   A N1    1 
ATOM   230  C  C2    . C   A 1 11 ? 20.664  7.976   -11.973 1.00 75.88  ? 12 C   A C2    1 
ATOM   231  O  O2    . C   A 1 11 ? 21.009  7.090   -11.186 1.00 76.20  ? 12 C   A O2    1 
ATOM   232  N  N3    . C   A 1 11 ? 20.129  7.690   -13.178 1.00 76.04  ? 12 C   A N3    1 
ATOM   233  C  C4    . C   A 1 11 ? 19.749  8.677   -13.986 1.00 75.19  ? 12 C   A C4    1 
ATOM   234  N  N4    . C   A 1 11 ? 19.221  8.346   -15.165 1.00 75.84  ? 12 C   A N4    1 
ATOM   235  C  C5    . C   A 1 11 ? 19.892  10.040  -13.621 1.00 74.13  ? 12 C   A C5    1 
ATOM   236  C  C6    . C   A 1 11 ? 20.435  10.303  -12.432 1.00 74.72  ? 12 C   A C6    1 
ATOM   237  P  P     . G   A 1 12 ? 26.079  10.494  -10.994 1.00 88.63  ? 13 G   A P     1 
ATOM   238  O  OP1   . G   A 1 12 ? 27.282  10.903  -10.215 1.00 87.91  ? 13 G   A OP1   1 
ATOM   239  O  OP2   . G   A 1 12 ? 25.890  11.009  -12.378 1.00 88.12  ? 13 G   A OP2   1 
ATOM   240  O  "O5'" . G   A 1 12 ? 26.029  8.903   -11.082 1.00 88.29  ? 13 G   A "O5'" 1 
ATOM   241  C  "C5'" . G   A 1 12 ? 26.155  8.096   -9.918  1.00 88.48  ? 13 G   A "C5'" 1 
ATOM   242  C  "C4'" . G   A 1 12 ? 25.835  6.658   -10.247 1.00 88.48  ? 13 G   A "C4'" 1 
ATOM   243  O  "O4'" . G   A 1 12 ? 24.454  6.560   -10.684 1.00 88.41  ? 13 G   A "O4'" 1 
ATOM   244  C  "C3'" . G   A 1 12 ? 26.601  6.060   -11.412 1.00 89.06  ? 13 G   A "C3'" 1 
ATOM   245  O  "O3'" . G   A 1 12 ? 27.893  5.633   -11.020 1.00 91.01  ? 13 G   A "O3'" 1 
ATOM   246  C  "C2'" . G   A 1 12 ? 25.714  4.883   -11.793 1.00 88.83  ? 13 G   A "C2'" 1 
ATOM   247  O  "O2'" . G   A 1 12 ? 25.874  3.774   -10.929 1.00 88.66  ? 13 G   A "O2'" 1 
ATOM   248  C  "C1'" . G   A 1 12 ? 24.321  5.488   -11.607 1.00 87.69  ? 13 G   A "C1'" 1 
ATOM   249  N  N9    . G   A 1 12 ? 23.735  6.000   -12.845 1.00 85.31  ? 13 G   A N9    1 
ATOM   250  C  C8    . G   A 1 12 ? 23.563  7.316   -13.203 1.00 85.01  ? 13 G   A C8    1 
ATOM   251  N  N7    . G   A 1 12 ? 23.003  7.461   -14.375 1.00 84.04  ? 13 G   A N7    1 
ATOM   252  C  C5    . G   A 1 12 ? 22.791  6.161   -14.816 1.00 84.16  ? 13 G   A C5    1 
ATOM   253  C  C6    . G   A 1 12 ? 22.207  5.677   -16.025 1.00 84.67  ? 13 G   A C6    1 
ATOM   254  O  O6    . G   A 1 12 ? 21.732  6.318   -16.971 1.00 84.16  ? 13 G   A O6    1 
ATOM   255  N  N1    . G   A 1 12 ? 22.202  4.287   -16.064 1.00 84.54  ? 13 G   A N1    1 
ATOM   256  C  C2    . G   A 1 12 ? 22.682  3.467   -15.078 1.00 83.85  ? 13 G   A C2    1 
ATOM   257  N  N2    . G   A 1 12 ? 22.583  2.153   -15.306 1.00 84.60  ? 13 G   A N2    1 
ATOM   258  N  N3    . G   A 1 12 ? 23.218  3.903   -13.950 1.00 83.57  ? 13 G   A N3    1 
ATOM   259  C  C4    . G   A 1 12 ? 23.242  5.250   -13.887 1.00 83.83  ? 13 G   A C4    1 
ATOM   260  P  P     . C   A 1 13 ? 29.118  5.761   -12.053 1.00 92.54  ? 14 C   A P     1 
ATOM   261  O  OP1   . C   A 1 13 ? 30.376  5.683   -11.267 1.00 92.57  ? 14 C   A OP1   1 
ATOM   262  O  OP2   . C   A 1 13 ? 28.883  6.928   -12.939 1.00 92.40  ? 14 C   A OP2   1 
ATOM   263  O  "O5'" . C   A 1 13 ? 29.000  4.447   -12.938 1.00 92.95  ? 14 C   A "O5'" 1 
ATOM   264  C  "C5'" . C   A 1 13 ? 28.758  3.180   -12.343 1.00 94.04  ? 14 C   A "C5'" 1 
ATOM   265  C  "C4'" . C   A 1 13 ? 28.294  2.219   -13.399 1.00 95.12  ? 14 C   A "C4'" 1 
ATOM   266  O  "O4'" . C   A 1 13 ? 26.911  2.501   -13.745 1.00 95.60  ? 14 C   A "O4'" 1 
ATOM   267  C  "C3'" . C   A 1 13 ? 29.038  2.405   -14.706 1.00 96.15  ? 14 C   A "C3'" 1 
ATOM   268  O  "O3'" . C   A 1 13 ? 30.292  1.741   -14.686 1.00 97.19  ? 14 C   A "O3'" 1 
ATOM   269  C  "C2'" . C   A 1 13 ? 28.047  1.859   -15.724 1.00 96.00  ? 14 C   A "C2'" 1 
ATOM   270  O  "O2'" . C   A 1 13 ? 28.008  0.450   -15.779 1.00 96.08  ? 14 C   A "O2'" 1 
ATOM   271  C  "C1'" . C   A 1 13 ? 26.730  2.378   -15.152 1.00 95.76  ? 14 C   A "C1'" 1 
ATOM   272  N  N1    . C   A 1 13 ? 26.374  3.702   -15.691 1.00 95.34  ? 14 C   A N1    1 
ATOM   273  C  C2    . C   A 1 13 ? 25.720  3.774   -16.920 1.00 94.57  ? 14 C   A C2    1 
ATOM   274  O  O2    . C   A 1 13 ? 25.480  2.724   -17.531 1.00 93.76  ? 14 C   A O2    1 
ATOM   275  N  N3    . C   A 1 13 ? 25.376  4.991   -17.417 1.00 94.60  ? 14 C   A N3    1 
ATOM   276  C  C4    . C   A 1 13 ? 25.682  6.102   -16.735 1.00 94.83  ? 14 C   A C4    1 
ATOM   277  N  N4    . C   A 1 13 ? 25.337  7.280   -17.259 1.00 94.50  ? 14 C   A N4    1 
ATOM   278  C  C5    . C   A 1 13 ? 26.360  6.054   -15.486 1.00 95.20  ? 14 C   A C5    1 
ATOM   279  C  C6    . C   A 1 13 ? 26.680  4.845   -15.003 1.00 96.11  ? 14 C   A C6    1 
ATOM   280  P  P     . G   A 1 14 ? 31.528  2.363   -15.505 1.00 98.45  ? 15 G   A P     1 
ATOM   281  O  OP1   . G   A 1 14 ? 32.729  1.598   -15.078 1.00 98.18  ? 15 G   A OP1   1 
ATOM   282  O  OP2   . G   A 1 14 ? 31.499  3.846   -15.358 1.00 97.97  ? 15 G   A OP2   1 
ATOM   283  O  "O5'" . G   A 1 14 ? 31.192  1.981   -17.016 1.00 96.46  ? 15 G   A "O5'" 1 
ATOM   284  C  "C5'" . G   A 1 14 ? 30.961  0.623   -17.365 1.00 93.72  ? 15 G   A "C5'" 1 
ATOM   285  C  "C4'" . G   A 1 14 ? 30.218  0.515   -18.675 1.00 91.88  ? 15 G   A "C4'" 1 
ATOM   286  O  "O4'" . G   A 1 14 ? 28.886  1.082   -18.578 1.00 90.99  ? 15 G   A "O4'" 1 
ATOM   287  C  "C3'" . G   A 1 14 ? 30.773  1.255   -19.871 1.00 90.94  ? 15 G   A "C3'" 1 
ATOM   288  O  "O3'" . G   A 1 14 ? 31.907  0.629   -20.421 1.00 89.64  ? 15 G   A "O3'" 1 
ATOM   289  C  "C2'" . G   A 1 14 ? 29.602  1.158   -20.833 1.00 91.13  ? 15 G   A "C2'" 1 
ATOM   290  O  "O2'" . G   A 1 14 ? 29.497  -0.118  -21.431 1.00 91.80  ? 15 G   A "O2'" 1 
ATOM   291  C  "C1'" . G   A 1 14 ? 28.422  1.379   -19.889 1.00 90.55  ? 15 G   A "C1'" 1 
ATOM   292  N  N9    . G   A 1 14 ? 27.986  2.767   -19.954 1.00 89.58  ? 15 G   A N9    1 
ATOM   293  C  C8    . G   A 1 14 ? 28.248  3.779   -19.067 1.00 89.43  ? 15 G   A C8    1 
ATOM   294  N  N7    . G   A 1 14 ? 27.731  4.920   -19.429 1.00 88.61  ? 15 G   A N7    1 
ATOM   295  C  C5    . G   A 1 14 ? 27.079  4.642   -20.621 1.00 89.12  ? 15 G   A C5    1 
ATOM   296  C  C6    . G   A 1 14 ? 26.320  5.480   -21.471 1.00 89.63  ? 15 G   A C6    1 
ATOM   297  O  O6    . G   A 1 14 ? 26.043  6.671   -21.326 1.00 90.25  ? 15 G   A O6    1 
ATOM   298  N  N1    . G   A 1 14 ? 25.850  4.792   -22.587 1.00 89.68  ? 15 G   A N1    1 
ATOM   299  C  C2    . G   A 1 14 ? 26.067  3.464   -22.840 1.00 89.49  ? 15 G   A C2    1 
ATOM   300  N  N2    . G   A 1 14 ? 25.536  2.982   -23.975 1.00 87.42  ? 15 G   A N2    1 
ATOM   301  N  N3    . G   A 1 14 ? 26.757  2.667   -22.042 1.00 89.63  ? 15 G   A N3    1 
ATOM   302  C  C4    . G   A 1 14 ? 27.231  3.319   -20.959 1.00 89.29  ? 15 G   A C4    1 
ATOM   303  P  P     . G   A 1 15 ? 32.885  1.486   -21.346 1.00 90.15  ? 16 G   A P     1 
ATOM   304  O  OP1   . G   A 1 15 ? 34.007  0.602   -21.750 1.00 90.26  ? 16 G   A OP1   1 
ATOM   305  O  OP2   . G   A 1 15 ? 33.170  2.748   -20.618 1.00 90.13  ? 16 G   A OP2   1 
ATOM   306  O  "O5'" . G   A 1 15 ? 32.001  1.829   -22.633 1.00 87.89  ? 16 G   A "O5'" 1 
ATOM   307  C  "C5'" . G   A 1 15 ? 31.650  0.815   -23.569 1.00 84.55  ? 16 G   A "C5'" 1 
ATOM   308  C  "C4'" . G   A 1 15 ? 30.795  1.378   -24.685 1.00 82.67  ? 16 G   A "C4'" 1 
ATOM   309  O  "O4'" . G   A 1 15 ? 29.561  1.929   -24.153 1.00 81.40  ? 16 G   A "O4'" 1 
ATOM   310  C  "C3'" . G   A 1 15 ? 31.351  2.538   -25.489 1.00 82.22  ? 16 G   A "C3'" 1 
ATOM   311  O  "O3'" . G   A 1 15 ? 32.449  2.267   -26.363 1.00 83.16  ? 16 G   A "O3'" 1 
ATOM   312  C  "C2'" . G   A 1 15 ? 30.090  3.056   -26.172 1.00 81.36  ? 16 G   A "C2'" 1 
ATOM   313  O  "O2'" . G   A 1 15 ? 29.666  2.271   -27.266 1.00 80.91  ? 16 G   A "O2'" 1 
ATOM   314  C  "C1'" . G   A 1 15 ? 29.074  2.937   -25.034 1.00 80.30  ? 16 G   A "C1'" 1 
ATOM   315  N  N9    . G   A 1 15 ? 29.015  4.203   -24.316 1.00 77.68  ? 16 G   A N9    1 
ATOM   316  C  C8    . G   A 1 15 ? 29.616  4.513   -23.122 1.00 76.55  ? 16 G   A C8    1 
ATOM   317  N  N7    . G   A 1 15 ? 29.467  5.764   -22.783 1.00 75.27  ? 16 G   A N7    1 
ATOM   318  C  C5    . G   A 1 15 ? 28.703  6.308   -23.805 1.00 74.97  ? 16 G   A C5    1 
ATOM   319  C  C6    . G   A 1 15 ? 28.237  7.636   -24.000 1.00 74.31  ? 16 G   A C6    1 
ATOM   320  O  O6    . G   A 1 15 ? 28.438  8.639   -23.296 1.00 74.78  ? 16 G   A O6    1 
ATOM   321  N  N1    . G   A 1 15 ? 27.479  7.744   -25.161 1.00 72.26  ? 16 G   A N1    1 
ATOM   322  C  C2    . G   A 1 15 ? 27.221  6.719   -26.031 1.00 71.75  ? 16 G   A C2    1 
ATOM   323  N  N2    . G   A 1 15 ? 26.476  7.030   -27.092 1.00 70.05  ? 16 G   A N2    1 
ATOM   324  N  N3    . G   A 1 15 ? 27.663  5.483   -25.873 1.00 72.46  ? 16 G   A N3    1 
ATOM   325  C  C4    . G   A 1 15 ? 28.391  5.350   -24.746 1.00 75.44  ? 16 G   A C4    1 
ATOM   326  O  "O5'" . C   B 2 1  ? 20.433  8.389   -27.773 1.00 80.16  ? 21 C   B "O5'" 1 
ATOM   327  C  "C5'" . C   B 2 1  ? 20.262  7.560   -28.932 1.00 81.35  ? 21 C   B "C5'" 1 
ATOM   328  C  "C4'" . C   B 2 1  ? 20.954  6.217   -28.845 1.00 81.38  ? 21 C   B "C4'" 1 
ATOM   329  O  "O4'" . C   B 2 1  ? 22.388  6.410   -28.701 1.00 80.70  ? 21 C   B "O4'" 1 
ATOM   330  C  "C3'" . C   B 2 1  ? 20.569  5.382   -27.640 1.00 82.86  ? 21 C   B "C3'" 1 
ATOM   331  O  "O3'" . C   B 2 1  ? 19.365  4.663   -27.861 1.00 86.16  ? 21 C   B "O3'" 1 
ATOM   332  C  "C2'" . C   B 2 1  ? 21.782  4.483   -27.477 1.00 81.70  ? 21 C   B "C2'" 1 
ATOM   333  O  "O2'" . C   B 2 1  ? 21.811  3.425   -28.407 1.00 81.99  ? 21 C   B "O2'" 1 
ATOM   334  C  "C1'" . C   B 2 1  ? 22.909  5.475   -27.770 1.00 79.81  ? 21 C   B "C1'" 1 
ATOM   335  N  N1    . C   B 2 1  ? 23.283  6.212   -26.554 1.00 77.28  ? 21 C   B N1    1 
ATOM   336  C  C2    . C   B 2 1  ? 24.122  5.592   -25.621 1.00 76.06  ? 21 C   B C2    1 
ATOM   337  O  O2    . C   B 2 1  ? 24.561  4.452   -25.871 1.00 76.11  ? 21 C   B O2    1 
ATOM   338  N  N3    . C   B 2 1  ? 24.437  6.254   -24.478 1.00 72.72  ? 21 C   B N3    1 
ATOM   339  C  C4    . C   B 2 1  ? 23.962  7.482   -24.264 1.00 71.21  ? 21 C   B C4    1 
ATOM   340  N  N4    . C   B 2 1  ? 24.302  8.096   -23.133 1.00 70.13  ? 21 C   B N4    1 
ATOM   341  C  C5    . C   B 2 1  ? 23.118  8.138   -25.203 1.00 71.61  ? 21 C   B C5    1 
ATOM   342  C  C6    . C   B 2 1  ? 22.809  7.475   -26.324 1.00 74.29  ? 21 C   B C6    1 
ATOM   343  P  P     . G   B 2 2  ? 18.403  4.328   -26.614 1.00 88.62  ? 22 G   B P     1 
ATOM   344  O  OP1   . G   B 2 2  ? 17.132  3.801   -27.165 1.00 88.66  ? 22 G   B OP1   1 
ATOM   345  O  OP2   . G   B 2 2  ? 18.370  5.489   -25.678 1.00 87.72  ? 22 G   B OP2   1 
ATOM   346  O  "O5'" . G   B 2 2  ? 19.171  3.137   -25.901 1.00 88.74  ? 22 G   B "O5'" 1 
ATOM   347  C  "C5'" . G   B 2 2  ? 19.449  1.945   -26.609 1.00 89.92  ? 22 G   B "C5'" 1 
ATOM   348  C  "C4'" . G   B 2 2  ? 20.164  0.986   -25.711 1.00 91.73  ? 22 G   B "C4'" 1 
ATOM   349  O  "O4'" . G   B 2 2  ? 21.482  1.515   -25.415 1.00 91.31  ? 22 G   B "O4'" 1 
ATOM   350  C  "C3'" . G   B 2 2  ? 19.528  0.831   -24.340 1.00 93.56  ? 22 G   B "C3'" 1 
ATOM   351  O  "O3'" . G   B 2 2  ? 18.409  -0.054  -24.359 1.00 96.44  ? 22 G   B "O3'" 1 
ATOM   352  C  "C2'" . G   B 2 2  ? 20.704  0.327   -23.516 1.00 92.94  ? 22 G   B "C2'" 1 
ATOM   353  O  "O2'" . G   B 2 2  ? 20.983  -1.049  -23.725 1.00 91.76  ? 22 G   B "O2'" 1 
ATOM   354  C  "C1'" . G   B 2 2  ? 21.835  1.199   -24.074 1.00 91.77  ? 22 G   B "C1'" 1 
ATOM   355  N  N9    . G   B 2 2  ? 21.981  2.453   -23.341 1.00 90.53  ? 22 G   B N9    1 
ATOM   356  C  C8    . G   B 2 2  ? 21.427  3.670   -23.662 1.00 90.30  ? 22 G   B C8    1 
ATOM   357  N  N7    . G   B 2 2  ? 21.722  4.608   -22.801 1.00 89.84  ? 22 G   B N7    1 
ATOM   358  C  C5    . G   B 2 2  ? 22.525  3.974   -21.861 1.00 89.18  ? 22 G   B C5    1 
ATOM   359  C  C6    . G   B 2 2  ? 23.151  4.480   -20.693 1.00 88.39  ? 22 G   B C6    1 
ATOM   360  O  O6    . G   B 2 2  ? 23.124  5.627   -20.237 1.00 88.70  ? 22 G   B O6    1 
ATOM   361  N  N1    . G   B 2 2  ? 23.868  3.494   -20.031 1.00 87.18  ? 22 G   B N1    1 
ATOM   362  C  C2    . G   B 2 2  ? 23.972  2.191   -20.436 1.00 87.46  ? 22 G   B C2    1 
ATOM   363  N  N2    . G   B 2 2  ? 24.708  1.389   -19.656 1.00 87.29  ? 22 G   B N2    1 
ATOM   364  N  N3    . G   B 2 2  ? 23.398  1.707   -21.523 1.00 88.38  ? 22 G   B N3    1 
ATOM   365  C  C4    . G   B 2 2  ? 22.694  2.646   -22.182 1.00 89.51  ? 22 G   B C4    1 
ATOM   366  P  P     . C   B 2 3  ? 17.194  0.174   -23.324 1.00 98.23  ? 23 C   B P     1 
ATOM   367  O  OP1   . C   B 2 3  ? 16.045  -0.653  -23.789 1.00 98.22  ? 23 C   B OP1   1 
ATOM   368  O  OP2   . C   B 2 3  ? 16.998  1.634   -23.104 1.00 99.04  ? 23 C   B OP2   1 
ATOM   369  O  "O5'" . C   B 2 3  ? 17.765  -0.445  -21.976 1.00 97.06  ? 23 C   B "O5'" 1 
ATOM   370  C  "C5'" . C   B 2 3  ? 18.319  -1.748  -21.968 1.00 95.21  ? 23 C   B "C5'" 1 
ATOM   371  C  "C4'" . C   B 2 3  ? 19.146  -1.943  -20.732 1.00 94.26  ? 23 C   B "C4'" 1 
ATOM   372  O  "O4'" . C   B 2 3  ? 20.308  -1.077  -20.794 1.00 93.21  ? 23 C   B "O4'" 1 
ATOM   373  C  "C3'" . C   B 2 3  ? 18.477  -1.536  -19.432 1.00 93.75  ? 23 C   B "C3'" 1 
ATOM   374  O  "O3'" . C   B 2 3  ? 17.583  -2.529  -18.950 1.00 94.68  ? 23 C   B "O3'" 1 
ATOM   375  C  "C2'" . C   B 2 3  ? 19.681  -1.341  -18.522 1.00 92.95  ? 23 C   B "C2'" 1 
ATOM   376  O  "O2'" . C   B 2 3  ? 20.215  -2.556  -18.032 1.00 92.27  ? 23 C   B "O2'" 1 
ATOM   377  C  "C1'" . C   B 2 3  ? 20.664  -0.670  -19.485 1.00 91.97  ? 23 C   B "C1'" 1 
ATOM   378  N  N1    . C   B 2 3  ? 20.555  0.790   -19.417 1.00 90.19  ? 23 C   B N1    1 
ATOM   379  C  C2    . C   B 2 3  ? 21.194  1.456   -18.373 1.00 89.49  ? 23 C   B C2    1 
ATOM   380  O  O2    . C   B 2 3  ? 21.859  0.798   -17.561 1.00 89.40  ? 23 C   B O2    1 
ATOM   381  N  N3    . C   B 2 3  ? 21.077  2.794   -18.272 1.00 88.57  ? 23 C   B N3    1 
ATOM   382  C  C4    . C   B 2 3  ? 20.356  3.467   -19.165 1.00 88.55  ? 23 C   B C4    1 
ATOM   383  N  N4    . C   B 2 3  ? 20.251  4.790   -19.007 1.00 88.55  ? 23 C   B N4    1 
ATOM   384  C  C5    . C   B 2 3  ? 19.706  2.815   -20.256 1.00 88.46  ? 23 C   B C5    1 
ATOM   385  C  C6    . C   B 2 3  ? 19.832  1.486   -20.342 1.00 88.64  ? 23 C   B C6    1 
ATOM   386  P  P     . G   B 2 4  ? 16.398  -2.106  -17.949 1.00 95.57  ? 24 G   B P     1 
ATOM   387  O  OP1   . G   B 2 4  ? 15.604  -3.323  -17.654 1.00 96.28  ? 24 G   B OP1   1 
ATOM   388  O  OP2   . G   B 2 4  ? 15.711  -0.899  -18.469 1.00 95.80  ? 24 G   B OP2   1 
ATOM   389  O  "O5'" . G   B 2 4  ? 17.184  -1.698  -16.631 1.00 94.40  ? 24 G   B "O5'" 1 
ATOM   390  C  "C5'" . G   B 2 4  ? 17.969  -2.651  -15.947 1.00 93.36  ? 24 G   B "C5'" 1 
ATOM   391  C  "C4'" . G   B 2 4  ? 18.481  -2.058  -14.671 1.00 92.71  ? 24 G   B "C4'" 1 
ATOM   392  O  "O4'" . G   B 2 4  ? 19.526  -1.099  -14.970 1.00 92.74  ? 24 G   B "O4'" 1 
ATOM   393  C  "C3'" . G   B 2 4  ? 17.459  -1.257  -13.892 1.00 92.82  ? 24 G   B "C3'" 1 
ATOM   394  O  "O3'" . G   B 2 4  ? 16.611  -2.102  -13.123 1.00 93.76  ? 24 G   B "O3'" 1 
ATOM   395  C  "C2'" . G   B 2 4  ? 18.364  -0.386  -13.038 1.00 92.71  ? 24 G   B "C2'" 1 
ATOM   396  O  "O2'" . G   B 2 4  ? 18.913  -1.111  -11.962 1.00 92.09  ? 24 G   B "O2'" 1 
ATOM   397  C  "C1'" . G   B 2 4  ? 19.462  -0.022  -14.047 1.00 92.40  ? 24 G   B "C1'" 1 
ATOM   398  N  N9    . G   B 2 4  ? 19.152  1.195   -14.796 1.00 90.91  ? 24 G   B N9    1 
ATOM   399  C  C8    . G   B 2 4  ? 18.505  1.270   -16.005 1.00 90.58  ? 24 G   B C8    1 
ATOM   400  N  N7    . G   B 2 4  ? 18.295  2.496   -16.402 1.00 89.09  ? 24 G   B N7    1 
ATOM   401  C  C5    . G   B 2 4  ? 18.855  3.280   -15.407 1.00 88.51  ? 24 G   B C5    1 
ATOM   402  C  C6    . G   B 2 4  ? 18.916  4.683   -15.284 1.00 88.45  ? 24 G   B C6    1 
ATOM   403  O  O6    . G   B 2 4  ? 18.476  5.542   -16.054 1.00 88.58  ? 24 G   B O6    1 
ATOM   404  N  N1    . G   B 2 4  ? 19.565  5.062   -14.116 1.00 88.29  ? 24 G   B N1    1 
ATOM   405  C  C2    . G   B 2 4  ? 20.080  4.198   -13.182 1.00 88.86  ? 24 G   B C2    1 
ATOM   406  N  N2    . G   B 2 4  ? 20.646  4.762   -12.108 1.00 88.38  ? 24 G   B N2    1 
ATOM   407  N  N3    . G   B 2 4  ? 20.035  2.880   -13.291 1.00 89.02  ? 24 G   B N3    1 
ATOM   408  C  C4    . G   B 2 4  ? 19.406  2.493   -14.418 1.00 89.41  ? 24 G   B C4    1 
ATOM   409  P  P     . U   B 2 5  ? 15.318  -1.482  -12.390 1.00 95.44  ? 25 U   B P     1 
ATOM   410  O  OP1   . U   B 2 5  ? 14.499  -2.599  -11.859 1.00 95.94  ? 25 U   B OP1   1 
ATOM   411  O  OP2   . U   B 2 5  ? 14.674  -0.476  -13.269 1.00 95.73  ? 25 U   B OP2   1 
ATOM   412  O  "O5'" . U   B 2 5  ? 15.963  -0.724  -11.151 1.00 94.98  ? 25 U   B "O5'" 1 
ATOM   413  C  "C5'" . U   B 2 5  ? 15.308  0.378   -10.557 1.00 95.27  ? 25 U   B "C5'" 1 
ATOM   414  C  "C4'" . U   B 2 5  ? 16.223  1.045   -9.574  1.00 95.49  ? 25 U   B "C4'" 1 
ATOM   415  O  "O4'" . U   B 2 5  ? 17.368  1.611   -10.270 1.00 96.14  ? 25 U   B "O4'" 1 
ATOM   416  C  "C3'" . U   B 2 5  ? 15.606  2.242   -8.894  1.00 95.10  ? 25 U   B "C3'" 1 
ATOM   417  O  "O3'" . U   B 2 5  ? 14.751  1.829   -7.855  1.00 93.26  ? 25 U   B "O3'" 1 
ATOM   418  C  "C2'" . U   B 2 5  ? 16.838  3.000   -8.440  1.00 96.23  ? 25 U   B "C2'" 1 
ATOM   419  O  "O2'" . U   B 2 5  ? 17.464  2.395   -7.326  1.00 96.60  ? 25 U   B "O2'" 1 
ATOM   420  C  "C1'" . U   B 2 5  ? 17.712  2.865   -9.689  1.00 96.98  ? 25 U   B "C1'" 1 
ATOM   421  N  N1    . U   B 2 5  ? 17.386  3.923   -10.660 1.00 97.75  ? 25 U   B N1    1 
ATOM   422  C  C2    . U   B 2 5  ? 17.828  5.212   -10.398 1.00 98.18  ? 25 U   B C2    1 
ATOM   423  O  O2    . U   B 2 5  ? 18.542  5.487   -9.453  1.00 98.69  ? 25 U   B O2    1 
ATOM   424  N  N3    . U   B 2 5  ? 17.406  6.165   -11.295 1.00 98.02  ? 25 U   B N3    1 
ATOM   425  C  C4    . U   B 2 5  ? 16.628  5.962   -12.422 1.00 98.02  ? 25 U   B C4    1 
ATOM   426  O  O4    . U   B 2 5  ? 16.276  6.930   -13.106 1.00 96.24  ? 25 U   B O4    1 
ATOM   427  C  C5    . U   B 2 5  ? 16.256  4.597   -12.648 1.00 98.31  ? 25 U   B C5    1 
ATOM   428  C  C6    . U   B 2 5  ? 16.637  3.649   -11.782 1.00 98.14  ? 25 U   B C6    1 
ATOM   429  P  P     . C   B 2 6  ? 13.202  2.222   -7.933  1.00 93.13  ? 26 C   B P     1 
ATOM   430  O  OP1   . C   B 2 6  ? 12.453  1.369   -6.978  1.00 93.85  ? 26 C   B OP1   1 
ATOM   431  O  OP2   . C   B 2 6  ? 12.826  2.223   -9.368  1.00 92.85  ? 26 C   B OP2   1 
ATOM   432  O  "O5'" . C   B 2 6  ? 13.176  3.732   -7.425  1.00 91.22  ? 26 C   B "O5'" 1 
ATOM   433  C  "C5'" . C   B 2 6  ? 14.113  4.186   -6.456  1.00 87.59  ? 26 C   B "C5'" 1 
ATOM   434  C  "C4'" . C   B 2 6  ? 14.368  5.662   -6.620  1.00 84.99  ? 26 C   B "C4'" 1 
ATOM   435  O  "O4'" . C   B 2 6  ? 15.129  5.920   -7.832  1.00 83.42  ? 26 C   B "O4'" 1 
ATOM   436  C  "C3'" . C   B 2 6  ? 13.146  6.522   -6.844  1.00 84.69  ? 26 C   B "C3'" 1 
ATOM   437  O  "O3'" . C   B 2 6  ? 12.384  6.727   -5.672  1.00 84.95  ? 26 C   B "O3'" 1 
ATOM   438  C  "C2'" . C   B 2 6  ? 13.779  7.803   -7.359  1.00 83.84  ? 26 C   B "C2'" 1 
ATOM   439  O  "O2'" . C   B 2 6  ? 14.406  8.559   -6.345  1.00 84.26  ? 26 C   B "O2'" 1 
ATOM   440  C  "C1'" . C   B 2 6  ? 14.849  7.238   -8.286  1.00 82.57  ? 26 C   B "C1'" 1 
ATOM   441  N  N1    . C   B 2 6  ? 14.344  7.192   -9.663  1.00 80.22  ? 26 C   B N1    1 
ATOM   442  C  C2    . C   B 2 6  ? 14.239  8.391   -10.352 1.00 79.32  ? 26 C   B C2    1 
ATOM   443  O  O2    . C   B 2 6  ? 14.602  9.429   -9.787  1.00 81.48  ? 26 C   B O2    1 
ATOM   444  N  N3    . C   B 2 6  ? 13.748  8.398   -11.607 1.00 75.97  ? 26 C   B N3    1 
ATOM   445  C  C4    . C   B 2 6  ? 13.369  7.263   -12.173 1.00 73.36  ? 26 C   B C4    1 
ATOM   446  N  N4    . C   B 2 6  ? 12.872  7.325   -13.402 1.00 71.98  ? 26 C   B N4    1 
ATOM   447  C  C5    . C   B 2 6  ? 13.477  6.016   -11.501 1.00 75.17  ? 26 C   B C5    1 
ATOM   448  C  C6    . C   B 2 6  ? 13.969  6.025   -10.256 1.00 78.24  ? 26 C   B C6    1 
ATOM   449  P  P     . A   B 2 7  ? 10.787  6.826   -5.795  1.00 86.59  ? 27 A   B P     1 
ATOM   450  O  OP1   . A   B 2 7  ? 10.209  6.567   -4.450  1.00 88.53  ? 27 A   B OP1   1 
ATOM   451  O  OP2   . A   B 2 7  ? 10.357  5.996   -6.951  1.00 86.28  ? 27 A   B OP2   1 
ATOM   452  O  "O5'" . A   B 2 7  ? 10.512  8.344   -6.191  1.00 84.79  ? 27 A   B "O5'" 1 
ATOM   453  C  "C5'" . A   B 2 7  ? 11.203  9.410   -5.552  1.00 81.34  ? 27 A   B "C5'" 1 
ATOM   454  C  "C4'" . A   B 2 7  ? 11.166  10.636  -6.427  1.00 78.97  ? 27 A   B "C4'" 1 
ATOM   455  O  "O4'" . A   B 2 7  ? 11.919  10.384  -7.640  1.00 78.12  ? 27 A   B "O4'" 1 
ATOM   456  C  "C3'" . A   B 2 7  ? 9.795   10.992  -6.967  1.00 77.59  ? 27 A   B "C3'" 1 
ATOM   457  O  "O3'" . A   B 2 7  ? 9.039   11.711  -6.024  1.00 76.08  ? 27 A   B "O3'" 1 
ATOM   458  C  "C2'" . A   B 2 7  ? 10.130  11.859  -8.170  1.00 77.38  ? 27 A   B "C2'" 1 
ATOM   459  O  "O2'" . A   B 2 7  ? 10.418  13.196  -7.829  1.00 78.70  ? 27 A   B "O2'" 1 
ATOM   460  C  "C1'" . A   B 2 7  ? 11.379  11.158  -8.699  1.00 77.06  ? 27 A   B "C1'" 1 
ATOM   461  N  N9    . A   B 2 7  ? 11.016  10.274  -9.795  1.00 75.08  ? 27 A   B N9    1 
ATOM   462  C  C8    . A   B 2 7  ? 10.992  8.906   -9.865  1.00 74.34  ? 27 A   B C8    1 
ATOM   463  N  N7    . A   B 2 7  ? 10.538  8.449   -11.004 1.00 73.62  ? 27 A   B N7    1 
ATOM   464  C  C5    . A   B 2 7  ? 10.264  9.594   -11.737 1.00 73.17  ? 27 A   B C5    1 
ATOM   465  C  C6    . A   B 2 7  ? 9.745   9.797   -13.023 1.00 72.80  ? 27 A   B C6    1 
ATOM   466  N  N6    . A   B 2 7  ? 9.389   8.809   -13.846 1.00 73.70  ? 27 A   B N6    1 
ATOM   467  N  N1    . A   B 2 7  ? 9.595   11.070  -13.443 1.00 72.00  ? 27 A   B N1    1 
ATOM   468  C  C2    . A   B 2 7  ? 9.944   12.062  -12.622 1.00 72.43  ? 27 A   B C2    1 
ATOM   469  N  N3    . A   B 2 7  ? 10.439  11.999  -11.394 1.00 73.10  ? 27 A   B N3    1 
ATOM   470  C  C4    . A   B 2 7  ? 10.571  10.722  -11.008 1.00 74.01  ? 27 A   B C4    1 
ATOM   471  P  P     . C   B 2 8  ? 7.518   11.300  -5.773  1.00 73.99  ? 28 C   B P     1 
ATOM   472  O  OP1   . C   B 2 8  ? 7.081   11.971  -4.527  1.00 74.95  ? 28 C   B OP1   1 
ATOM   473  O  OP2   . C   B 2 8  ? 7.446   9.824   -5.887  1.00 73.72  ? 28 C   B OP2   1 
ATOM   474  O  "O5'" . C   B 2 8  ? 6.735   11.936  -6.999  1.00 72.03  ? 28 C   B "O5'" 1 
ATOM   475  C  "C5'" . C   B 2 8  ? 6.792   13.326  -7.237  1.00 68.42  ? 28 C   B "C5'" 1 
ATOM   476  C  "C4'" . C   B 2 8  ? 6.238   13.640  -8.598  1.00 66.17  ? 28 C   B "C4'" 1 
ATOM   477  O  "O4'" . C   B 2 8  ? 7.101   13.092  -9.626  1.00 64.34  ? 28 C   B "O4'" 1 
ATOM   478  C  "C3'" . C   B 2 8  ? 4.918   12.983  -8.915  1.00 65.87  ? 28 C   B "C3'" 1 
ATOM   479  O  "O3'" . C   B 2 8  ? 3.841   13.629  -8.280  1.00 67.19  ? 28 C   B "O3'" 1 
ATOM   480  C  "C2'" . C   B 2 8  ? 4.869   13.105  -10.426 1.00 64.59  ? 28 C   B "C2'" 1 
ATOM   481  O  "O2'" . C   B 2 8  ? 4.522   14.411  -10.833 1.00 63.89  ? 28 C   B "O2'" 1 
ATOM   482  C  "C1'" . C   B 2 8  ? 6.324   12.800  -10.782 1.00 63.83  ? 28 C   B "C1'" 1 
ATOM   483  N  N1    . C   B 2 8  ? 6.527   11.391  -11.135 1.00 61.73  ? 28 C   B N1    1 
ATOM   484  C  C2    . C   B 2 8  ? 6.104   10.950  -12.387 1.00 62.27  ? 28 C   B C2    1 
ATOM   485  O  O2    . C   B 2 8  ? 5.618   11.772  -13.170 1.00 61.76  ? 28 C   B O2    1 
ATOM   486  N  N3    . C   B 2 8  ? 6.248   9.643   -12.719 1.00 62.41  ? 28 C   B N3    1 
ATOM   487  C  C4    . C   B 2 8  ? 6.820   8.798   -11.855 1.00 62.74  ? 28 C   B C4    1 
ATOM   488  N  N4    . C   B 2 8  ? 6.960   7.522   -12.226 1.00 62.30  ? 28 C   B N4    1 
ATOM   489  C  C5    . C   B 2 8  ? 7.279   9.228   -10.572 1.00 62.43  ? 28 C   B C5    1 
ATOM   490  C  C6    . C   B 2 8  ? 7.111   10.522  -10.257 1.00 62.47  ? 28 C   B C6    1 
ATOM   491  P  P     . A   B 2 9  ? 2.679   12.732  -7.653  1.00 69.30  ? 29 A   B P     1 
ATOM   492  O  OP1   . A   B 2 9  ? 1.943   13.568  -6.678  1.00 70.37  ? 29 A   B OP1   1 
ATOM   493  O  OP2   . A   B 2 9  ? 3.307   11.457  -7.210  1.00 68.62  ? 29 A   B OP2   1 
ATOM   494  O  "O5'" . A   B 2 9  ? 1.716   12.435  -8.881  1.00 66.30  ? 29 A   B "O5'" 1 
ATOM   495  C  "C5'" . A   B 2 9  ? 1.178   13.505  -9.623  1.00 63.39  ? 29 A   B "C5'" 1 
ATOM   496  C  "C4'" . A   B 2 9  ? 0.694   13.014  -10.954 1.00 61.94  ? 29 A   B "C4'" 1 
ATOM   497  O  "O4'" . A   B 2 9  ? 1.799   12.452  -11.717 1.00 59.93  ? 29 A   B "O4'" 1 
ATOM   498  C  "C3'" . A   B 2 9  ? -0.271  11.857  -10.883 1.00 62.33  ? 29 A   B "C3'" 1 
ATOM   499  O  "O3'" . A   B 2 9  ? -1.560  12.300  -10.491 1.00 65.92  ? 29 A   B "O3'" 1 
ATOM   500  C  "C2'" . A   B 2 9  ? -0.193  11.330  -12.310 1.00 60.92  ? 29 A   B "C2'" 1 
ATOM   501  O  "O2'" . A   B 2 9  ? -0.841  12.180  -13.239 1.00 60.54  ? 29 A   B "O2'" 1 
ATOM   502  C  "C1'" . A   B 2 9  ? 1.315   11.404  -12.551 1.00 58.00  ? 29 A   B "C1'" 1 
ATOM   503  N  N9    . A   B 2 9  ? 2.040   10.167  -12.236 1.00 53.04  ? 29 A   B N9    1 
ATOM   504  C  C8    . A   B 2 9  ? 2.808   9.872   -11.135 1.00 50.94  ? 29 A   B C8    1 
ATOM   505  N  N7    . A   B 2 9  ? 3.382   8.693   -11.192 1.00 46.70  ? 29 A   B N7    1 
ATOM   506  C  C5    . A   B 2 9  ? 2.953   8.172   -12.402 1.00 47.99  ? 29 A   B C5    1 
ATOM   507  C  C6    . A   B 2 9  ? 3.215   6.955   -13.060 1.00 48.58  ? 29 A   B C6    1 
ATOM   508  N  N6    . A   B 2 9  ? 4.017   6.006   -12.569 1.00 46.89  ? 29 A   B N6    1 
ATOM   509  N  N1    . A   B 2 9  ? 2.616   6.743   -14.257 1.00 49.53  ? 29 A   B N1    1 
ATOM   510  C  C2    . A   B 2 9  ? 1.809   7.689   -14.744 1.00 49.26  ? 29 A   B C2    1 
ATOM   511  N  N3    . A   B 2 9  ? 1.490   8.872   -14.222 1.00 50.10  ? 29 A   B N3    1 
ATOM   512  C  C4    . A   B 2 9  ? 2.106   9.056   -13.043 1.00 49.76  ? 29 A   B C4    1 
ATOM   513  P  P     . C   B 2 10 ? -2.422  11.415  -9.454  1.00 68.57  ? 30 C   B P     1 
ATOM   514  O  OP1   . C   B 2 10 ? -3.454  12.326  -8.891  1.00 67.76  ? 30 C   B OP1   1 
ATOM   515  O  OP2   . C   B 2 10 ? -1.517  10.681  -8.521  1.00 67.31  ? 30 C   B OP2   1 
ATOM   516  O  "O5'" . C   B 2 10 ? -3.127  10.376  -10.432 1.00 67.64  ? 30 C   B "O5'" 1 
ATOM   517  C  "C5'" . C   B 2 10 ? -3.924  10.867  -11.492 1.00 68.37  ? 30 C   B "C5'" 1 
ATOM   518  C  "C4'" . C   B 2 10 ? -4.071  9.837   -12.577 1.00 69.20  ? 30 C   B "C4'" 1 
ATOM   519  O  "O4'" . C   B 2 10 ? -2.777  9.567   -13.175 1.00 68.17  ? 30 C   B "O4'" 1 
ATOM   520  C  "C3'" . C   B 2 10 ? -4.553  8.449   -12.195 1.00 70.03  ? 30 C   B "C3'" 1 
ATOM   521  O  "O3'" . C   B 2 10 ? -5.950  8.385   -11.923 1.00 72.19  ? 30 C   B "O3'" 1 
ATOM   522  C  "C2'" . C   B 2 10 ? -4.169  7.678   -13.452 1.00 69.22  ? 30 C   B "C2'" 1 
ATOM   523  O  "O2'" . C   B 2 10 ? -4.997  7.966   -14.572 1.00 69.97  ? 30 C   B "O2'" 1 
ATOM   524  C  "C1'" . C   B 2 10 ? -2.777  8.252   -13.712 1.00 67.08  ? 30 C   B "C1'" 1 
ATOM   525  N  N1    . C   B 2 10 ? -1.768  7.466   -13.004 1.00 62.83  ? 30 C   B N1    1 
ATOM   526  C  C2    . C   B 2 10 ? -1.330  6.286   -13.583 1.00 62.48  ? 30 C   B C2    1 
ATOM   527  O  O2    . C   B 2 10 ? -1.779  5.961   -14.692 1.00 61.95  ? 30 C   B O2    1 
ATOM   528  N  N3    . C   B 2 10 ? -0.430  5.530   -12.934 1.00 61.61  ? 30 C   B N3    1 
ATOM   529  C  C4    . C   B 2 10 ? 0.037   5.924   -11.757 1.00 61.80  ? 30 C   B C4    1 
ATOM   530  N  N4    . C   B 2 10 ? 0.924   5.142   -11.156 1.00 64.44  ? 30 C   B N4    1 
ATOM   531  C  C5    . C   B 2 10 ? -0.383  7.135   -11.145 1.00 60.27  ? 30 C   B C5    1 
ATOM   532  C  C6    . C   B 2 10 ? -1.281  7.868   -11.798 1.00 60.43  ? 30 C   B C6    1 
ATOM   533  P  P     . C   B 2 11 ? -6.497  7.344   -10.822 1.00 75.04  ? 31 C   B P     1 
ATOM   534  O  OP1   . C   B 2 11 ? -7.956  7.582   -10.692 1.00 74.99  ? 31 C   B OP1   1 
ATOM   535  O  OP2   . C   B 2 11 ? -5.629  7.390   -9.606  1.00 74.23  ? 31 C   B OP2   1 
ATOM   536  O  "O5'" . C   B 2 11 ? -6.302  5.925   -11.519 1.00 74.09  ? 31 C   B "O5'" 1 
ATOM   537  C  "C5'" . C   B 2 11 ? -7.035  5.587   -12.691 1.00 73.48  ? 31 C   B "C5'" 1 
ATOM   538  C  "C4'" . C   B 2 11 ? -6.603  4.234   -13.201 1.00 73.05  ? 31 C   B "C4'" 1 
ATOM   539  O  "O4'" . C   B 2 11 ? -5.176  4.271   -13.461 1.00 71.56  ? 31 C   B "O4'" 1 
ATOM   540  C  "C3'" . C   B 2 11 ? -6.714  3.089   -12.210 1.00 73.67  ? 31 C   B "C3'" 1 
ATOM   541  O  "O3'" . C   B 2 11 ? -8.011  2.541   -12.109 1.00 74.39  ? 31 C   B "O3'" 1 
ATOM   542  C  "C2'" . C   B 2 11 ? -5.760  2.074   -12.810 1.00 73.05  ? 31 C   B "C2'" 1 
ATOM   543  O  "O2'" . C   B 2 11 ? -6.297  1.421   -13.940 1.00 74.32  ? 31 C   B "O2'" 1 
ATOM   544  C  "C1'" . C   B 2 11 ? -4.618  2.985   -13.226 1.00 70.95  ? 31 C   B "C1'" 1 
ATOM   545  N  N1    . C   B 2 11 ? -3.653  3.074   -12.135 1.00 66.92  ? 31 C   B N1    1 
ATOM   546  C  C2    . C   B 2 11 ? -2.632  2.159   -12.109 1.00 66.33  ? 31 C   B C2    1 
ATOM   547  O  O2    . C   B 2 11 ? -2.602  1.296   -12.992 1.00 65.17  ? 31 C   B O2    1 
ATOM   548  N  N3    . C   B 2 11 ? -1.703  2.219   -11.131 1.00 66.54  ? 31 C   B N3    1 
ATOM   549  C  C4    . C   B 2 11 ? -1.794  3.157   -10.192 1.00 66.57  ? 31 C   B C4    1 
ATOM   550  N  N4    . C   B 2 11 ? -0.853  3.188   -9.241  1.00 67.20  ? 31 C   B N4    1 
ATOM   551  C  C5    . C   B 2 11 ? -2.850  4.105   -10.185 1.00 66.05  ? 31 C   B C5    1 
ATOM   552  C  C6    . C   B 2 11 ? -3.750  4.029   -11.168 1.00 65.55  ? 31 C   B C6    1 
ATOM   553  P  P     . A   B 2 12 ? -8.421  1.756   -10.771 1.00 75.47  ? 32 A   B P     1 
ATOM   554  O  OP1   . A   B 2 12 ? -9.789  1.209   -11.016 1.00 75.92  ? 32 A   B OP1   1 
ATOM   555  O  OP2   . A   B 2 12 ? -8.175  2.648   -9.607  1.00 74.98  ? 32 A   B OP2   1 
ATOM   556  O  "O5'" . A   B 2 12 ? -7.384  0.549   -10.690 1.00 71.53  ? 32 A   B "O5'" 1 
ATOM   557  C  "C5'" . A   B 2 12 ? -7.490  -0.533  -11.593 1.00 69.37  ? 32 A   B "C5'" 1 
ATOM   558  C  "C4'" . A   B 2 12 ? -6.483  -1.608  -11.266 1.00 68.76  ? 32 A   B "C4'" 1 
ATOM   559  O  "O4'" . A   B 2 12 ? -5.133  -1.104  -11.433 1.00 67.49  ? 32 A   B "O4'" 1 
ATOM   560  C  "C3'" . A   B 2 12 ? -6.469  -2.192  -9.862  1.00 66.77  ? 32 A   B "C3'" 1 
ATOM   561  O  "O3'" . A   B 2 12 ? -7.497  -3.159  -9.682  1.00 65.61  ? 32 A   B "O3'" 1 
ATOM   562  C  "C2'" . A   B 2 12 ? -5.111  -2.875  -9.862  1.00 66.50  ? 32 A   B "C2'" 1 
ATOM   563  O  "O2'" . A   B 2 12 ? -5.137  -4.066  -10.628 1.00 65.64  ? 32 A   B "O2'" 1 
ATOM   564  C  "C1'" . A   B 2 12 ? -4.260  -1.835  -10.588 1.00 66.43  ? 32 A   B "C1'" 1 
ATOM   565  N  N9    . A   B 2 12 ? -3.632  -0.909  -9.649  1.00 66.21  ? 32 A   B N9    1 
ATOM   566  C  C8    . A   B 2 12 ? -4.032  0.350   -9.283  1.00 65.40  ? 32 A   B C8    1 
ATOM   567  N  N7    . A   B 2 12 ? -3.242  0.916   -8.406  1.00 64.48  ? 32 A   B N7    1 
ATOM   568  C  C5    . A   B 2 12 ? -2.260  -0.036  -8.178  1.00 63.53  ? 32 A   B C5    1 
ATOM   569  C  C6    . A   B 2 12 ? -1.148  -0.053  -7.339  1.00 63.15  ? 32 A   B C6    1 
ATOM   570  N  N6    . A   B 2 12 ? -0.834  0.942   -6.519  1.00 62.84  ? 32 A   B N6    1 
ATOM   571  N  N1    . A   B 2 12 ? -0.364  -1.146  -7.354  1.00 64.06  ? 32 A   B N1    1 
ATOM   572  C  C2    . A   B 2 12 ? -0.700  -2.161  -8.150  1.00 65.41  ? 32 A   B C2    1 
ATOM   573  N  N3    . A   B 2 12 ? -1.733  -2.274  -8.972  1.00 65.20  ? 32 A   B N3    1 
ATOM   574  C  C4    . A   B 2 12 ? -2.483  -1.159  -8.940  1.00 64.79  ? 32 A   B C4    1 
ATOM   575  P  P     . C   B 2 13 ? -7.821  -3.702  -8.208  1.00 64.21  ? 33 C   B P     1 
ATOM   576  O  OP1   . C   B 2 13 ? -8.866  -4.734  -8.355  1.00 64.66  ? 33 C   B OP1   1 
ATOM   577  O  OP2   . C   B 2 13 ? -8.060  -2.541  -7.320  1.00 63.48  ? 33 C   B OP2   1 
ATOM   578  O  "O5'" . C   B 2 13 ? -6.481  -4.422  -7.734  1.00 62.53  ? 33 C   B "O5'" 1 
ATOM   579  C  "C5'" . C   B 2 13 ? -6.106  -5.684  -8.274  1.00 61.98  ? 33 C   B "C5'" 1 
ATOM   580  C  "C4'" . C   B 2 13 ? -4.883  -6.229  -7.568  1.00 61.17  ? 33 C   B "C4'" 1 
ATOM   581  O  "O4'" . C   B 2 13 ? -3.793  -5.274  -7.667  1.00 60.15  ? 33 C   B "O4'" 1 
ATOM   582  C  "C3'" . C   B 2 13 ? -5.004  -6.463  -6.077  1.00 60.97  ? 33 C   B "C3'" 1 
ATOM   583  O  "O3'" . C   B 2 13 ? -5.633  -7.709  -5.793  1.00 60.55  ? 33 C   B "O3'" 1 
ATOM   584  C  "C2'" . C   B 2 13 ? -3.544  -6.478  -5.646  1.00 60.60  ? 33 C   B "C2'" 1 
ATOM   585  O  "O2'" . C   B 2 13 ? -2.956  -7.720  -5.942  1.00 62.07  ? 33 C   B "O2'" 1 
ATOM   586  C  "C1'" . C   B 2 13 ? -2.937  -5.405  -6.549  1.00 58.72  ? 33 C   B "C1'" 1 
ATOM   587  N  N1    . C   B 2 13 ? -2.840  -4.091  -5.913  1.00 56.20  ? 33 C   B N1    1 
ATOM   588  C  C2    . C   B 2 13 ? -1.746  -3.800  -5.092  1.00 55.27  ? 33 C   B C2    1 
ATOM   589  O  O2    . C   B 2 13 ? -0.849  -4.650  -4.958  1.00 51.99  ? 33 C   B O2    1 
ATOM   590  N  N3    . C   B 2 13 ? -1.694  -2.587  -4.474  1.00 52.11  ? 33 C   B N3    1 
ATOM   591  C  C4    . C   B 2 13 ? -2.670  -1.694  -4.670  1.00 49.45  ? 33 C   B C4    1 
ATOM   592  N  N4    . C   B 2 13 ? -2.601  -0.529  -4.036  1.00 48.35  ? 33 C   B N4    1 
ATOM   593  C  C5    . C   B 2 13 ? -3.766  -1.960  -5.520  1.00 51.69  ? 33 C   B C5    1 
ATOM   594  C  C6    . C   B 2 13 ? -3.817  -3.160  -6.112  1.00 54.61  ? 33 C   B C6    1 
ATOM   595  P  P     . C   B 2 14 ? -6.290  -7.940  -4.350  1.00 61.07  ? 34 C   B P     1 
ATOM   596  O  OP1   . C   B 2 14 ? -7.721  -8.276  -4.528  1.00 57.78  ? 34 C   B OP1   1 
ATOM   597  O  OP2   . C   B 2 14 ? -5.908  -6.805  -3.486  1.00 59.19  ? 34 C   B OP2   1 
ATOM   598  O  "O5'" . C   B 2 14 ? -5.514  -9.193  -3.766  1.00 63.00  ? 34 C   B "O5'" 1 
ATOM   599  C  "C5'" . C   B 2 14 ? -5.314  -9.322  -2.367  1.00 65.63  ? 34 C   B "C5'" 1 
ATOM   600  C  "C4'" . C   B 2 14 ? -3.884  -9.701  -2.076  1.00 67.50  ? 34 C   B "C4'" 1 
ATOM   601  O  "O4'" . C   B 2 14 ? -3.010  -8.817  -2.820  1.00 68.10  ? 34 C   B "O4'" 1 
ATOM   602  C  "C3'" . C   B 2 14 ? -3.465  -9.514  -0.628  1.00 69.13  ? 34 C   B "C3'" 1 
ATOM   603  O  "O3'" . C   B 2 14 ? -3.803  -10.597 0.248   1.00 71.23  ? 34 C   B "O3'" 1 
ATOM   604  C  "C2'" . C   B 2 14 ? -1.967  -9.324  -0.753  1.00 69.62  ? 34 C   B "C2'" 1 
ATOM   605  O  "O2'" . C   B 2 14 ? -1.333  -10.566 -0.955  1.00 71.12  ? 34 C   B "O2'" 1 
ATOM   606  C  "C1'" . C   B 2 14 ? -1.880  -8.486  -2.029  1.00 68.89  ? 34 C   B "C1'" 1 
ATOM   607  N  N1    . C   B 2 14 ? -1.901  -7.032  -1.793  1.00 67.91  ? 34 C   B N1    1 
ATOM   608  C  C2    . C   B 2 14 ? -0.794  -6.422  -1.202  1.00 66.93  ? 34 C   B C2    1 
ATOM   609  O  O2    . C   B 2 14 ? 0.177   -7.119  -0.891  1.00 67.30  ? 34 C   B O2    1 
ATOM   610  N  N3    . C   B 2 14 ? -0.805  -5.088  -0.988  1.00 66.63  ? 34 C   B N3    1 
ATOM   611  C  C4    . C   B 2 14 ? -1.871  -4.367  -1.340  1.00 68.86  ? 34 C   B C4    1 
ATOM   612  N  N4    . C   B 2 14 ? -1.842  -3.052  -1.102  1.00 72.30  ? 34 C   B N4    1 
ATOM   613  C  C5    . C   B 2 14 ? -3.014  -4.959  -1.948  1.00 68.65  ? 34 C   B C5    1 
ATOM   614  C  C6    . C   B 2 14 ? -2.988  -6.285  -2.150  1.00 68.52  ? 34 C   B C6    1 
ATOM   615  O  "O5'" . G   C 1 1  ? -17.173 3.189   24.198  1.00 69.81  ? 2  G   C "O5'" 1 
ATOM   616  C  "C5'" . G   C 1 1  ? -18.035 3.440   25.323  1.00 65.82  ? 2  G   C "C5'" 1 
ATOM   617  C  "C4'" . G   C 1 1  ? -17.396 2.996   26.615  1.00 64.21  ? 2  G   C "C4'" 1 
ATOM   618  O  "O4'" . G   C 1 1  ? -18.448 2.536   27.500  1.00 64.35  ? 2  G   C "O4'" 1 
ATOM   619  C  "C3'" . G   C 1 1  ? -16.454 1.806   26.510  1.00 63.19  ? 2  G   C "C3'" 1 
ATOM   620  O  "O3'" . G   C 1 1  ? -15.140 2.239   26.195  1.00 62.39  ? 2  G   C "O3'" 1 
ATOM   621  C  "C2'" . G   C 1 1  ? -16.499 1.243   27.921  1.00 63.77  ? 2  G   C "C2'" 1 
ATOM   622  O  "O2'" . G   C 1 1  ? -15.672 1.969   28.807  1.00 64.19  ? 2  G   C "O2'" 1 
ATOM   623  C  "C1'" . G   C 1 1  ? -17.967 1.466   28.295  1.00 63.59  ? 2  G   C "C1'" 1 
ATOM   624  N  N9    . G   C 1 1  ? -18.832 0.298   28.102  1.00 62.16  ? 2  G   C N9    1 
ATOM   625  C  C8    . G   C 1 1  ? -19.872 0.139   27.199  1.00 61.80  ? 2  G   C C8    1 
ATOM   626  N  N7    . G   C 1 1  ? -20.451 -1.032  27.284  1.00 60.77  ? 2  G   C N7    1 
ATOM   627  C  C5    . G   C 1 1  ? -19.753 -1.680  28.308  1.00 61.16  ? 2  G   C C5    1 
ATOM   628  C  C6    . G   C 1 1  ? -19.920 -2.976  28.879  1.00 61.67  ? 2  G   C C6    1 
ATOM   629  O  O6    . G   C 1 1  ? -20.748 -3.853  28.589  1.00 65.80  ? 2  G   C O6    1 
ATOM   630  N  N1    . G   C 1 1  ? -19.001 -3.213  29.892  1.00 56.58  ? 2  G   C N1    1 
ATOM   631  C  C2    . G   C 1 1  ? -18.055 -2.340  30.313  1.00 54.74  ? 2  G   C C2    1 
ATOM   632  N  N2    . G   C 1 1  ? -17.282 -2.772  31.301  1.00 54.02  ? 2  G   C N2    1 
ATOM   633  N  N3    . G   C 1 1  ? -17.881 -1.139  29.810  1.00 55.75  ? 2  G   C N3    1 
ATOM   634  C  C4    . G   C 1 1  ? -18.755 -0.873  28.816  1.00 59.86  ? 2  G   C C4    1 
ATOM   635  P  P     . U   C 1 2  ? -14.159 1.279   25.361  1.00 63.43  ? 3  U   C P     1 
ATOM   636  O  OP1   . U   C 1 2  ? -12.912 2.037   25.136  1.00 62.36  ? 3  U   C OP1   1 
ATOM   637  O  OP2   . U   C 1 2  ? -14.901 0.729   24.196  1.00 62.26  ? 3  U   C OP2   1 
ATOM   638  O  "O5'" . U   C 1 2  ? -13.850 0.083   26.364  1.00 61.10  ? 3  U   C "O5'" 1 
ATOM   639  C  "C5'" . U   C 1 2  ? -13.037 0.270   27.511  1.00 59.36  ? 3  U   C "C5'" 1 
ATOM   640  C  "C4'" . U   C 1 2  ? -12.935 -1.027  28.281  1.00 59.38  ? 3  U   C "C4'" 1 
ATOM   641  O  "O4'" . U   C 1 2  ? -14.225 -1.353  28.852  1.00 58.07  ? 3  U   C "O4'" 1 
ATOM   642  C  "C3'" . U   C 1 2  ? -12.616 -2.260  27.454  1.00 59.27  ? 3  U   C "C3'" 1 
ATOM   643  O  "O3'" . U   C 1 2  ? -11.225 -2.391  27.210  1.00 62.42  ? 3  U   C "O3'" 1 
ATOM   644  C  "C2'" . U   C 1 2  ? -13.112 -3.388  28.341  1.00 57.81  ? 3  U   C "C2'" 1 
ATOM   645  O  "O2'" . U   C 1 2  ? -12.216 -3.740  29.361  1.00 60.90  ? 3  U   C "O2'" 1 
ATOM   646  C  "C1'" . U   C 1 2  ? -14.338 -2.754  28.977  1.00 55.95  ? 3  U   C "C1'" 1 
ATOM   647  N  N1    . U   C 1 2  ? -15.537 -3.189  28.276  1.00 52.59  ? 3  U   C N1    1 
ATOM   648  C  C2    . U   C 1 2  ? -16.037 -4.427  28.604  1.00 53.29  ? 3  U   C C2    1 
ATOM   649  O  O2    . U   C 1 2  ? -15.542 -5.145  29.467  1.00 54.10  ? 3  U   C O2    1 
ATOM   650  N  N3    . U   C 1 2  ? -17.135 -4.804  27.890  1.00 51.19  ? 3  U   C N3    1 
ATOM   651  C  C4    . U   C 1 2  ? -17.761 -4.091  26.909  1.00 49.23  ? 3  U   C C4    1 
ATOM   652  O  O4    . U   C 1 2  ? -18.624 -4.643  26.239  1.00 49.13  ? 3  U   C O4    1 
ATOM   653  C  C5    . U   C 1 2  ? -17.200 -2.808  26.654  1.00 49.40  ? 3  U   C C5    1 
ATOM   654  C  C6    . U   C 1 2  ? -16.128 -2.414  27.331  1.00 50.33  ? 3  U   C C6    1 
ATOM   655  P  P     . G   C 1 3  ? -10.726 -3.115  25.868  1.00 64.16  ? 4  G   C P     1 
ATOM   656  O  OP1   . G   C 1 3  ? -9.275  -2.811  25.737  1.00 64.76  ? 4  G   C OP1   1 
ATOM   657  O  OP2   . G   C 1 3  ? -11.663 -2.743  24.773  1.00 63.69  ? 4  G   C OP2   1 
ATOM   658  O  "O5'" . G   C 1 3  ? -10.924 -4.663  26.179  1.00 63.53  ? 4  G   C "O5'" 1 
ATOM   659  C  "C5'" . G   C 1 3  ? -10.276 -5.258  27.292  1.00 63.84  ? 4  G   C "C5'" 1 
ATOM   660  C  "C4'" . G   C 1 3  ? -10.860 -6.621  27.580  1.00 64.28  ? 4  G   C "C4'" 1 
ATOM   661  O  "O4'" . G   C 1 3  ? -12.248 -6.483  27.962  1.00 62.86  ? 4  G   C "O4'" 1 
ATOM   662  C  "C3'" . G   C 1 3  ? -10.938 -7.597  26.423  1.00 65.10  ? 4  G   C "C3'" 1 
ATOM   663  O  "O3'" . G   C 1 3  ? -9.691  -8.215  26.140  1.00 66.20  ? 4  G   C "O3'" 1 
ATOM   664  C  "C2'" . G   C 1 3  ? -11.936 -8.610  26.955  1.00 64.48  ? 4  G   C "C2'" 1 
ATOM   665  O  "O2'" . G   C 1 3  ? -11.356 -9.502  27.883  1.00 64.59  ? 4  G   C "O2'" 1 
ATOM   666  C  "C1'" . G   C 1 3  ? -12.921 -7.694  27.675  1.00 63.46  ? 4  G   C "C1'" 1 
ATOM   667  N  N9    . G   C 1 3  ? -14.100 -7.402  26.875  1.00 61.94  ? 4  G   C N9    1 
ATOM   668  C  C8    . G   C 1 3  ? -14.460 -6.210  26.303  1.00 60.40  ? 4  G   C C8    1 
ATOM   669  N  N7    . G   C 1 3  ? -15.613 -6.264  25.693  1.00 59.72  ? 4  G   C N7    1 
ATOM   670  C  C5    . G   C 1 3  ? -16.028 -7.576  25.866  1.00 60.38  ? 4  G   C C5    1 
ATOM   671  C  C6    . G   C 1 3  ? -17.205 -8.234  25.436  1.00 60.97  ? 4  G   C C6    1 
ATOM   672  O  O6    . G   C 1 3  ? -18.173 -7.760  24.836  1.00 61.82  ? 4  G   C O6    1 
ATOM   673  N  N1    . G   C 1 3  ? -17.200 -9.578  25.789  1.00 60.75  ? 4  G   C N1    1 
ATOM   674  C  C2    . G   C 1 3  ? -16.199 -10.204 26.488  1.00 61.22  ? 4  G   C C2    1 
ATOM   675  N  N2    . G   C 1 3  ? -16.359 -11.517 26.714  1.00 61.86  ? 4  G   C N2    1 
ATOM   676  N  N3    . G   C 1 3  ? -15.114 -9.593  26.927  1.00 59.84  ? 4  G   C N3    1 
ATOM   677  C  C4    . G   C 1 3  ? -15.094 -8.292  26.576  1.00 60.56  ? 4  G   C C4    1 
ATOM   678  P  P     . G   C 1 4  ? -9.445  -8.869  24.690  1.00 67.26  ? 5  G   C P     1 
ATOM   679  O  OP1   . G   C 1 4  ? -8.028  -9.320  24.648  1.00 67.01  ? 5  G   C OP1   1 
ATOM   680  O  OP2   . G   C 1 4  ? -9.938  -7.919  23.661  1.00 66.12  ? 5  G   C OP2   1 
ATOM   681  O  "O5'" . G   C 1 4  ? -10.390 -10.156 24.690  1.00 65.09  ? 5  G   C "O5'" 1 
ATOM   682  C  "C5'" . G   C 1 4  ? -10.051 -11.292 25.472  1.00 63.82  ? 5  G   C "C5'" 1 
ATOM   683  C  "C4'" . G   C 1 4  ? -10.968 -12.448 25.155  1.00 63.37  ? 5  G   C "C4'" 1 
ATOM   684  O  "O4'" . G   C 1 4  ? -12.315 -12.105 25.559  1.00 63.27  ? 5  G   C "O4'" 1 
ATOM   685  C  "C3'" . G   C 1 4  ? -11.102 -12.840 23.694  1.00 63.01  ? 5  G   C "C3'" 1 
ATOM   686  O  "O3'" . G   C 1 4  ? -10.065 -13.727 23.300  1.00 64.09  ? 5  G   C "O3'" 1 
ATOM   687  C  "C2'" . G   C 1 4  ? -12.450 -13.544 23.686  1.00 62.01  ? 5  G   C "C2'" 1 
ATOM   688  O  "O2'" . G   C 1 4  ? -12.358 -14.855 24.211  1.00 62.52  ? 5  G   C "O2'" 1 
ATOM   689  C  "C1'" . G   C 1 4  ? -13.249 -12.663 24.646  1.00 61.33  ? 5  G   C "C1'" 1 
ATOM   690  N  N9    . G   C 1 4  ? -13.941 -11.550 24.007  1.00 58.32  ? 5  G   C N9    1 
ATOM   691  C  C8    . G   C 1 4  ? -13.474 -10.262 23.921  1.00 57.43  ? 5  G   C C8    1 
ATOM   692  N  N7    . G   C 1 4  ? -14.310 -9.453  23.329  1.00 57.52  ? 5  G   C N7    1 
ATOM   693  C  C5    . G   C 1 4  ? -15.393 -10.255 22.987  1.00 55.71  ? 5  G   C C5    1 
ATOM   694  C  C6    . G   C 1 4  ? -16.601 -9.927  22.306  1.00 55.83  ? 5  G   C C6    1 
ATOM   695  O  O6    . G   C 1 4  ? -16.956 -8.829  21.847  1.00 57.64  ? 5  G   C O6    1 
ATOM   696  N  N1    . G   C 1 4  ? -17.430 -11.033 22.174  1.00 52.46  ? 5  G   C N1    1 
ATOM   697  C  C2    . G   C 1 4  ? -17.138 -12.287 22.626  1.00 52.55  ? 5  G   C C2    1 
ATOM   698  N  N2    . G   C 1 4  ? -18.084 -13.194 22.414  1.00 52.03  ? 5  G   C N2    1 
ATOM   699  N  N3    . G   C 1 4  ? -16.007 -12.621 23.247  1.00 53.58  ? 5  G   C N3    1 
ATOM   700  C  C4    . G   C 1 4  ? -15.185 -11.556 23.395  1.00 56.02  ? 5  G   C C4    1 
ATOM   701  P  P     . U   C 1 5  ? -9.606  -13.780 21.758  1.00 67.29  ? 6  U   C P     1 
ATOM   702  O  OP1   . U   C 1 5  ? -8.546  -14.818 21.663  1.00 66.21  ? 6  U   C OP1   1 
ATOM   703  O  OP2   . U   C 1 5  ? -9.314  -12.392 21.297  1.00 65.08  ? 6  U   C OP2   1 
ATOM   704  O  "O5'" . U   C 1 5  ? -10.907 -14.309 20.994  1.00 63.79  ? 6  U   C "O5'" 1 
ATOM   705  C  "C5'" . U   C 1 5  ? -11.328 -15.656 21.133  1.00 62.01  ? 6  U   C "C5'" 1 
ATOM   706  C  "C4'" . U   C 1 5  ? -12.716 -15.848 20.553  1.00 61.73  ? 6  U   C "C4'" 1 
ATOM   707  O  "O4'" . U   C 1 5  ? -13.647 -14.914 21.168  1.00 61.89  ? 6  U   C "O4'" 1 
ATOM   708  C  "C3'" . U   C 1 5  ? -12.926 -15.569 19.076  1.00 61.42  ? 6  U   C "C3'" 1 
ATOM   709  O  "O3'" . U   C 1 5  ? -12.464 -16.632 18.270  1.00 63.77  ? 6  U   C "O3'" 1 
ATOM   710  C  "C2'" . U   C 1 5  ? -14.440 -15.446 19.010  1.00 59.68  ? 6  U   C "C2'" 1 
ATOM   711  O  "O2'" . U   C 1 5  ? -15.066 -16.698 19.154  1.00 57.58  ? 6  U   C "O2'" 1 
ATOM   712  C  "C1'" . U   C 1 5  ? -14.710 -14.626 20.267  1.00 58.11  ? 6  U   C "C1'" 1 
ATOM   713  N  N1    . U   C 1 5  ? -14.713 -13.181 20.009  1.00 53.27  ? 6  U   C N1    1 
ATOM   714  C  C2    . U   C 1 5  ? -15.856 -12.639 19.483  1.00 52.07  ? 6  U   C C2    1 
ATOM   715  O  O2    . U   C 1 5  ? -16.824 -13.307 19.219  1.00 54.62  ? 6  U   C O2    1 
ATOM   716  N  N3    . U   C 1 5  ? -15.827 -11.289 19.272  1.00 50.97  ? 6  U   C N3    1 
ATOM   717  C  C4    . U   C 1 5  ? -14.781 -10.446 19.527  1.00 51.25  ? 6  U   C C4    1 
ATOM   718  O  O4    . U   C 1 5  ? -14.896 -9.242  19.267  1.00 50.84  ? 6  U   C O4    1 
ATOM   719  C  C5    . U   C 1 5  ? -13.611 -11.093 20.069  1.00 51.99  ? 6  U   C C5    1 
ATOM   720  C  C6    . U   C 1 5  ? -13.624 -12.407 20.282  1.00 51.51  ? 6  U   C C6    1 
ATOM   721  P  P     . G   C 1 6  ? -11.933 -16.318 16.792  1.00 65.13  ? 7  G   C P     1 
ATOM   722  O  OP1   . G   C 1 6  ? -11.391 -17.601 16.271  1.00 64.70  ? 7  G   C OP1   1 
ATOM   723  O  OP2   . G   C 1 6  ? -11.065 -15.114 16.832  1.00 63.87  ? 7  G   C OP2   1 
ATOM   724  O  "O5'" . G   C 1 6  ? -13.272 -15.970 16.007  1.00 64.98  ? 7  G   C "O5'" 1 
ATOM   725  C  "C5'" . G   C 1 6  ? -14.254 -16.981 15.816  1.00 64.65  ? 7  G   C "C5'" 1 
ATOM   726  C  "C4'" . G   C 1 6  ? -15.430 -16.444 15.048  1.00 63.51  ? 7  G   C "C4'" 1 
ATOM   727  O  "O4'" . G   C 1 6  ? -16.089 -15.417 15.825  1.00 61.54  ? 7  G   C "O4'" 1 
ATOM   728  C  "C3'" . G   C 1 6  ? -15.098 -15.742 13.751  1.00 63.64  ? 7  G   C "C3'" 1 
ATOM   729  O  "O3'" . G   C 1 6  ? -14.907 -16.677 12.713  1.00 66.08  ? 7  G   C "O3'" 1 
ATOM   730  C  "C2'" . G   C 1 6  ? -16.354 -14.923 13.518  1.00 62.98  ? 7  G   C "C2'" 1 
ATOM   731  O  "O2'" . G   C 1 6  ? -17.369 -15.721 12.940  1.00 63.04  ? 7  G   C "O2'" 1 
ATOM   732  C  "C1'" . G   C 1 6  ? -16.709 -14.496 14.952  1.00 61.12  ? 7  G   C "C1'" 1 
ATOM   733  N  N9    . G   C 1 6  ? -16.250 -13.157 15.309  1.00 57.97  ? 7  G   C N9    1 
ATOM   734  C  C8    . G   C 1 6  ? -15.067 -12.807 15.922  1.00 57.19  ? 7  G   C C8    1 
ATOM   735  N  N7    . G   C 1 6  ? -14.929 -11.514 16.070  1.00 56.55  ? 7  G   C N7    1 
ATOM   736  C  C5    . G   C 1 6  ? -16.096 -10.982 15.532  1.00 58.33  ? 7  G   C C5    1 
ATOM   737  C  C6    . G   C 1 6  ? -16.521 -9.616  15.388  1.00 58.69  ? 7  G   C C6    1 
ATOM   738  O  O6    . G   C 1 6  ? -15.924 -8.583  15.719  1.00 59.74  ? 7  G   C O6    1 
ATOM   739  N  N1    . G   C 1 6  ? -17.774 -9.526  14.774  1.00 56.20  ? 7  G   C N1    1 
ATOM   740  C  C2    . G   C 1 6  ? -18.520 -10.603 14.341  1.00 56.16  ? 7  G   C C2    1 
ATOM   741  N  N2    . G   C 1 6  ? -19.689 -10.311 13.734  1.00 52.54  ? 7  G   C N2    1 
ATOM   742  N  N3    . G   C 1 6  ? -18.140 -11.878 14.481  1.00 56.49  ? 7  G   C N3    1 
ATOM   743  C  C4    . G   C 1 6  ? -16.926 -11.987 15.072  1.00 57.31  ? 7  G   C C4    1 
ATOM   744  P  P     . A   C 1 7  ? -13.449 -16.843 12.065  1.00 71.38  ? 8  A   C P     1 
ATOM   745  O  OP1   . A   C 1 7  ? -12.803 -18.035 12.676  1.00 71.35  ? 8  A   C OP1   1 
ATOM   746  O  OP2   . A   C 1 7  ? -12.770 -15.529 12.134  1.00 70.99  ? 8  A   C OP2   1 
ATOM   747  O  "O5'" . A   C 1 7  ? -13.746 -17.164 10.538  1.00 70.95  ? 8  A   C "O5'" 1 
ATOM   748  C  "C5'" . A   C 1 7  ? -14.302 -16.168 9.693   1.00 72.77  ? 8  A   C "C5'" 1 
ATOM   749  C  "C4'" . A   C 1 7  ? -13.462 -16.024 8.451   1.00 73.94  ? 8  A   C "C4'" 1 
ATOM   750  O  "O4'" . A   C 1 7  ? -13.485 -17.274 7.720   1.00 74.85  ? 8  A   C "O4'" 1 
ATOM   751  C  "C3'" . A   C 1 7  ? -13.922 -14.986 7.440   1.00 72.98  ? 8  A   C "C3'" 1 
ATOM   752  O  "O3'" . A   C 1 7  ? -13.378 -13.731 7.796   1.00 70.52  ? 8  A   C "O3'" 1 
ATOM   753  C  "C2'" . A   C 1 7  ? -13.294 -15.493 6.149   1.00 74.08  ? 8  A   C "C2'" 1 
ATOM   754  O  "O2'" . A   C 1 7  ? -11.937 -15.116 6.026   1.00 74.38  ? 8  A   C "O2'" 1 
ATOM   755  C  "C1'" . A   C 1 7  ? -13.386 -17.010 6.338   1.00 75.55  ? 8  A   C "C1'" 1 
ATOM   756  N  N9    . A   C 1 7  ? -14.550 -17.598 5.694   1.00 77.96  ? 8  A   C N9    1 
ATOM   757  C  C8    . A   C 1 7  ? -15.739 -17.985 6.257   1.00 78.14  ? 8  A   C C8    1 
ATOM   758  N  N7    . A   C 1 7  ? -16.587 -18.488 5.396   1.00 79.85  ? 8  A   C N7    1 
ATOM   759  C  C5    . A   C 1 7  ? -15.910 -18.423 4.185   1.00 80.26  ? 8  A   C C5    1 
ATOM   760  C  C6    . A   C 1 7  ? -16.266 -18.795 2.877   1.00 80.42  ? 8  A   C C6    1 
ATOM   761  N  N6    . A   C 1 7  ? -17.441 -19.342 2.555   1.00 81.41  ? 8  A   C N6    1 
ATOM   762  N  N1    . A   C 1 7  ? -15.361 -18.583 1.897   1.00 81.74  ? 8  A   C N1    1 
ATOM   763  C  C2    . A   C 1 7  ? -14.178 -18.037 2.221   1.00 81.98  ? 8  A   C C2    1 
ATOM   764  N  N3    . A   C 1 7  ? -13.727 -17.651 3.410   1.00 80.17  ? 8  A   C N3    1 
ATOM   765  C  C4    . A   C 1 7  ? -14.654 -17.874 4.358   1.00 79.53  ? 8  A   C C4    1 
ATOM   766  P  P     . A   C 1 8  ? -14.335 -12.469 7.902   1.00 70.05  ? 9  A   C P     1 
ATOM   767  O  OP1   . A   C 1 8  ? -13.592 -11.409 8.617   1.00 70.71  ? 9  A   C OP1   1 
ATOM   768  O  OP2   . A   C 1 8  ? -15.646 -12.917 8.422   1.00 68.65  ? 9  A   C OP2   1 
ATOM   769  O  "O5'" . A   C 1 8  ? -14.537 -12.044 6.381   1.00 69.41  ? 9  A   C "O5'" 1 
ATOM   770  C  "C5'" . A   C 1 8  ? -13.434 -11.667 5.554   1.00 67.97  ? 9  A   C "C5'" 1 
ATOM   771  C  "C4'" . A   C 1 8  ? -13.869 -11.608 4.101   1.00 67.16  ? 9  A   C "C4'" 1 
ATOM   772  O  "O4'" . A   C 1 8  ? -14.140 -12.955 3.633   1.00 67.39  ? 9  A   C "O4'" 1 
ATOM   773  C  "C3'" . A   C 1 8  ? -15.158 -10.839 3.851   1.00 65.87  ? 9  A   C "C3'" 1 
ATOM   774  O  "O3'" . A   C 1 8  ? -14.914 -9.437  3.646   1.00 62.71  ? 9  A   C "O3'" 1 
ATOM   775  C  "C2'" . A   C 1 8  ? -15.683 -11.489 2.570   1.00 67.34  ? 9  A   C "C2'" 1 
ATOM   776  O  "O2'" . A   C 1 8  ? -15.110 -10.932 1.405   1.00 68.96  ? 9  A   C "O2'" 1 
ATOM   777  C  "C1'" . A   C 1 8  ? -15.214 -12.939 2.716   1.00 67.79  ? 9  A   C "C1'" 1 
ATOM   778  N  N9    . A   C 1 8  ? -16.234 -13.883 3.174   1.00 69.85  ? 9  A   C N9    1 
ATOM   779  C  C8    . A   C 1 8  ? -16.646 -14.131 4.463   1.00 71.79  ? 9  A   C C8    1 
ATOM   780  N  N7    . A   C 1 8  ? -17.581 -15.051 4.557   1.00 71.28  ? 9  A   C N7    1 
ATOM   781  C  C5    . A   C 1 8  ? -17.803 -15.432 3.244   1.00 72.24  ? 9  A   C C5    1 
ATOM   782  C  C6    . A   C 1 8  ? -18.677 -16.372 2.667   1.00 73.40  ? 9  A   C C6    1 
ATOM   783  N  N6    . A   C 1 8  ? -19.521 -17.131 3.364   1.00 75.18  ? 9  A   C N6    1 
ATOM   784  N  N1    . A   C 1 8  ? -18.654 -16.508 1.326   1.00 73.65  ? 9  A   C N1    1 
ATOM   785  C  C2    . A   C 1 8  ? -17.805 -15.751 0.621   1.00 74.09  ? 9  A   C C2    1 
ATOM   786  N  N3    . A   C 1 8  ? -16.933 -14.834 1.046   1.00 73.48  ? 9  A   C N3    1 
ATOM   787  C  C4    . A   C 1 8  ? -16.982 -14.720 2.382   1.00 71.94  ? 9  A   C C4    1 
ATOM   788  P  P     . G   C 1 9  ? -15.017 -8.406  4.881   1.00 61.37  ? 10 G   C P     1 
ATOM   789  O  OP1   . G   C 1 9  ? -13.688 -8.274  5.502   1.00 58.60  ? 10 G   C OP1   1 
ATOM   790  O  OP2   . G   C 1 9  ? -16.185 -8.760  5.722   1.00 62.86  ? 10 G   C OP2   1 
ATOM   791  O  "O5'" . G   C 1 9  ? -15.337 -6.998  4.232   1.00 59.82  ? 10 G   C "O5'" 1 
ATOM   792  C  "C5'" . G   C 1 9  ? -16.540 -6.771  3.516   1.00 59.51  ? 10 G   C "C5'" 1 
ATOM   793  C  "C4'" . G   C 1 9  ? -17.111 -5.425  3.888   1.00 59.44  ? 10 G   C "C4'" 1 
ATOM   794  O  "O4'" . G   C 1 9  ? -17.788 -5.554  5.154   1.00 59.35  ? 10 G   C "O4'" 1 
ATOM   795  C  "C3'" . G   C 1 9  ? -16.084 -4.316  4.087   1.00 58.38  ? 10 G   C "C3'" 1 
ATOM   796  O  "O3'" . G   C 1 9  ? -15.856 -3.618  2.867   1.00 57.77  ? 10 G   C "O3'" 1 
ATOM   797  C  "C2'" . G   C 1 9  ? -16.777 -3.416  5.094   1.00 58.81  ? 10 G   C "C2'" 1 
ATOM   798  O  "O2'" . G   C 1 9  ? -17.727 -2.593  4.472   1.00 59.03  ? 10 G   C "O2'" 1 
ATOM   799  C  "C1'" . G   C 1 9  ? -17.498 -4.437  5.970   1.00 59.61  ? 10 G   C "C1'" 1 
ATOM   800  N  N9    . G   C 1 9  ? -16.684 -4.900  7.086   1.00 59.02  ? 10 G   C N9    1 
ATOM   801  C  C8    . G   C 1 9  ? -16.252 -6.182  7.324   1.00 59.28  ? 10 G   C C8    1 
ATOM   802  N  N7    . G   C 1 9  ? -15.474 -6.273  8.364   1.00 59.08  ? 10 G   C N7    1 
ATOM   803  C  C5    . G   C 1 9  ? -15.398 -4.975  8.842   1.00 59.11  ? 10 G   C C5    1 
ATOM   804  C  C6    . G   C 1 9  ? -14.674 -4.454  9.918   1.00 61.92  ? 10 G   C C6    1 
ATOM   805  O  O6    . G   C 1 9  ? -13.914 -5.056  10.693  1.00 65.13  ? 10 G   C O6    1 
ATOM   806  N  N1    . G   C 1 9  ? -14.881 -3.082  10.058  1.00 61.33  ? 10 G   C N1    1 
ATOM   807  C  C2    . G   C 1 9  ? -15.685 -2.325  9.249   1.00 59.41  ? 10 G   C C2    1 
ATOM   808  N  N2    . G   C 1 9  ? -15.761 -1.023  9.539   1.00 58.57  ? 10 G   C N2    1 
ATOM   809  N  N3    . G   C 1 9  ? -16.360 -2.807  8.229   1.00 57.54  ? 10 G   C N3    1 
ATOM   810  C  C4    . G   C 1 9  ? -16.166 -4.126  8.081   1.00 57.37  ? 10 G   C C4    1 
ATOM   811  P  P     . U   C 1 10 ? -14.458 -2.882  2.619   1.00 59.19  ? 11 U   C P     1 
ATOM   812  O  OP1   . U   C 1 10 ? -14.468 -2.400  1.224   1.00 57.49  ? 11 U   C OP1   1 
ATOM   813  O  OP2   . U   C 1 10 ? -13.361 -3.762  3.084   1.00 56.37  ? 11 U   C OP2   1 
ATOM   814  O  "O5'" . U   C 1 10 ? -14.517 -1.610  3.567   1.00 60.23  ? 11 U   C "O5'" 1 
ATOM   815  C  "C5'" . U   C 1 10 ? -15.428 -0.552  3.324   1.00 62.83  ? 11 U   C "C5'" 1 
ATOM   816  C  "C4'" . U   C 1 10 ? -15.212 0.546   4.331   1.00 65.08  ? 11 U   C "C4'" 1 
ATOM   817  O  "O4'" . U   C 1 10 ? -15.533 0.055   5.659   1.00 65.84  ? 11 U   C "O4'" 1 
ATOM   818  C  "C3'" . U   C 1 10 ? -13.768 0.990   4.472   1.00 67.97  ? 11 U   C "C3'" 1 
ATOM   819  O  "O3'" . U   C 1 10 ? -13.389 1.900   3.453   1.00 71.94  ? 11 U   C "O3'" 1 
ATOM   820  C  "C2'" . U   C 1 10 ? -13.757 1.617   5.858   1.00 67.62  ? 11 U   C "C2'" 1 
ATOM   821  O  "O2'" . U   C 1 10 ? -14.264 2.929   5.903   1.00 69.07  ? 11 U   C "O2'" 1 
ATOM   822  C  "C1'" . U   C 1 10 ? -14.679 0.665   6.619   1.00 66.66  ? 11 U   C "C1'" 1 
ATOM   823  N  N1    . U   C 1 10 ? -13.882 -0.369  7.298   1.00 65.66  ? 11 U   C N1    1 
ATOM   824  C  C2    . U   C 1 10 ? -13.214 0.011   8.429   1.00 67.16  ? 11 U   C C2    1 
ATOM   825  O  O2    . U   C 1 10 ? -13.353 1.110   8.933   1.00 69.81  ? 11 U   C O2    1 
ATOM   826  N  N3    . U   C 1 10 ? -12.386 -0.942  8.965   1.00 66.21  ? 11 U   C N3    1 
ATOM   827  C  C4    . U   C 1 10 ? -12.191 -2.217  8.514   1.00 64.73  ? 11 U   C C4    1 
ATOM   828  O  O4    . U   C 1 10 ? -11.338 -2.920  9.053   1.00 63.81  ? 11 U   C O4    1 
ATOM   829  C  C5    . U   C 1 10 ? -12.966 -2.562  7.372   1.00 64.42  ? 11 U   C C5    1 
ATOM   830  C  C6    . U   C 1 10 ? -13.766 -1.648  6.814   1.00 65.48  ? 11 U   C C6    1 
ATOM   831  P  P     . C   C 1 11 ? -11.861 1.947   2.969   1.00 75.70  ? 12 C   C P     1 
ATOM   832  O  OP1   . C   C 1 11 ? -11.841 2.685   1.676   1.00 76.49  ? 12 C   C OP1   1 
ATOM   833  O  OP2   . C   C 1 11 ? -11.264 0.588   3.034   1.00 74.66  ? 12 C   C OP2   1 
ATOM   834  O  "O5'" . C   C 1 11 ? -11.205 2.845   4.103   1.00 76.56  ? 12 C   C "O5'" 1 
ATOM   835  C  "C5'" . C   C 1 11 ? -11.820 4.071   4.487   1.00 79.01  ? 12 C   C "C5'" 1 
ATOM   836  C  "C4'" . C   C 1 11 ? -11.195 4.595   5.757   1.00 80.75  ? 12 C   C "C4'" 1 
ATOM   837  O  "O4'" . C   C 1 11 ? -11.489 3.685   6.845   1.00 79.98  ? 12 C   C "O4'" 1 
ATOM   838  C  "C3'" . C   C 1 11 ? -9.679  4.698   5.761   1.00 81.97  ? 12 C   C "C3'" 1 
ATOM   839  O  "O3'" . C   C 1 11 ? -9.259  5.923   5.176   1.00 84.27  ? 12 C   C "O3'" 1 
ATOM   840  C  "C2'" . C   C 1 11 ? -9.367  4.674   7.249   1.00 80.91  ? 12 C   C "C2'" 1 
ATOM   841  O  "O2'" . C   C 1 11 ? -9.588  5.928   7.849   1.00 81.42  ? 12 C   C "O2'" 1 
ATOM   842  C  "C1'" . C   C 1 11 ? -10.415 3.689   7.763   1.00 79.76  ? 12 C   C "C1'" 1 
ATOM   843  N  N1    . C   C 1 11 ? -9.900  2.330   7.858   1.00 78.10  ? 12 C   C N1    1 
ATOM   844  C  C2    . C   C 1 11 ? -9.031  2.032   8.879   1.00 79.47  ? 12 C   C C2    1 
ATOM   845  O  O2    . C   C 1 11 ? -8.737  2.922   9.677   1.00 80.45  ? 12 C   C O2    1 
ATOM   846  N  N3    . C   C 1 11 ? -8.529  0.785   8.982   1.00 80.33  ? 12 C   C N3    1 
ATOM   847  C  C4    . C   C 1 11 ? -8.887  -0.147  8.102   1.00 80.48  ? 12 C   C C4    1 
ATOM   848  N  N4    . C   C 1 11 ? -8.366  -1.374  8.236   1.00 80.99  ? 12 C   C N4    1 
ATOM   849  C  C5    . C   C 1 11 ? -9.791  0.132   7.046   1.00 80.05  ? 12 C   C C5    1 
ATOM   850  C  C6    . C   C 1 11 ? -10.268 1.377   6.961   1.00 79.08  ? 12 C   C C6    1 
ATOM   851  P  P     . G   C 1 12 ? -7.794  6.035   4.518   1.00 87.98  ? 13 G   C P     1 
ATOM   852  O  OP1   . G   C 1 12 ? -7.715  7.384   3.900   1.00 87.47  ? 13 G   C OP1   1 
ATOM   853  O  OP2   . G   C 1 12 ? -7.514  4.831   3.687   1.00 86.80  ? 13 G   C OP2   1 
ATOM   854  O  "O5'" . G   C 1 12 ? -6.812  5.979   5.771   1.00 87.84  ? 13 G   C "O5'" 1 
ATOM   855  C  "C5'" . G   C 1 12 ? -6.849  6.975   6.783   1.00 88.05  ? 13 G   C "C5'" 1 
ATOM   856  C  "C4'" . G   C 1 12 ? -5.947  6.577   7.920   1.00 88.28  ? 13 G   C "C4'" 1 
ATOM   857  O  "O4'" . G   C 1 12 ? -6.457  5.360   8.523   1.00 87.91  ? 13 G   C "O4'" 1 
ATOM   858  C  "C3'" . G   C 1 12 ? -4.540  6.192   7.515   1.00 89.17  ? 13 G   C "C3'" 1 
ATOM   859  O  "O3'" . G   C 1 12 ? -3.717  7.330   7.345   1.00 91.00  ? 13 G   C "O3'" 1 
ATOM   860  C  "C2'" . G   C 1 12 ? -4.089  5.352   8.698   1.00 88.98  ? 13 G   C "C2'" 1 
ATOM   861  O  "O2'" . G   C 1 12 ? -3.676  6.153   9.782   1.00 88.42  ? 13 G   C "O2'" 1 
ATOM   862  C  "C1'" . G   C 1 12 ? -5.380  4.606   9.053   1.00 88.49  ? 13 G   C "C1'" 1 
ATOM   863  N  N9    . G   C 1 12 ? -5.459  3.242   8.529   1.00 87.60  ? 13 G   C N9    1 
ATOM   864  C  C8    . G   C 1 12 ? -6.215  2.803   7.469   1.00 87.76  ? 13 G   C C8    1 
ATOM   865  N  N7    . G   C 1 12 ? -6.091  1.521   7.245   1.00 86.66  ? 13 G   C N7    1 
ATOM   866  C  C5    . G   C 1 12 ? -5.197  1.086   8.215   1.00 86.64  ? 13 G   C C5    1 
ATOM   867  C  C6    . G   C 1 12 ? -4.677  -0.221  8.480   1.00 86.91  ? 13 G   C C6    1 
ATOM   868  O  O6    . G   C 1 12 ? -4.909  -1.288  7.886   1.00 85.51  ? 13 G   C O6    1 
ATOM   869  N  N1    . G   C 1 12 ? -3.803  -0.211  9.562   1.00 86.45  ? 13 G   C N1    1 
ATOM   870  C  C2    . G   C 1 12 ? -3.466  0.899   10.294  1.00 86.57  ? 13 G   C C2    1 
ATOM   871  N  N2    . G   C 1 12 ? -2.603  0.701   11.304  1.00 86.38  ? 13 G   C N2    1 
ATOM   872  N  N3    . G   C 1 12 ? -3.939  2.115   10.058  1.00 86.37  ? 13 G   C N3    1 
ATOM   873  C  C4    . G   C 1 12 ? -4.793  2.134   9.013   1.00 86.84  ? 13 G   C C4    1 
ATOM   874  P  P     . C   C 1 13 ? -2.406  7.224   6.425   1.00 93.44  ? 14 C   C P     1 
ATOM   875  O  OP1   . C   C 1 13 ? -1.804  8.580   6.336   1.00 93.10  ? 14 C   C OP1   1 
ATOM   876  O  OP2   . C   C 1 13 ? -2.739  6.489   5.184   1.00 93.00  ? 14 C   C OP2   1 
ATOM   877  O  "O5'" . C   C 1 13 ? -1.435  6.295   7.268   1.00 94.39  ? 14 C   C "O5'" 1 
ATOM   878  C  "C5'" . C   C 1 13 ? -0.847  6.759   8.471   1.00 96.34  ? 14 C   C "C5'" 1 
ATOM   879  C  "C4'" . C   C 1 13 ? 0.107   5.726   8.984   1.00 97.86  ? 14 C   C "C4'" 1 
ATOM   880  O  "O4'" . C   C 1 13 ? -0.648  4.574   9.442   1.00 98.17  ? 14 C   C "O4'" 1 
ATOM   881  C  "C3'" . C   C 1 13 ? 0.994   5.148   7.898   1.00 99.03  ? 14 C   C "C3'" 1 
ATOM   882  O  "O3'" . C   C 1 13 ? 2.114   5.972   7.618   1.00 99.95  ? 14 C   C "O3'" 1 
ATOM   883  C  "C2'" . C   C 1 13 ? 1.389   3.810   8.497   1.00 99.09  ? 14 C   C "C2'" 1 
ATOM   884  O  "O2'" . C   C 1 13 ? 2.403   3.926   9.468   1.00 100.12 ? 14 C   C "O2'" 1 
ATOM   885  C  "C1'" . C   C 1 13 ? 0.078   3.387   9.158   1.00 98.97  ? 14 C   C "C1'" 1 
ATOM   886  N  N1    . C   C 1 13 ? -0.720  2.536   8.262   1.00 98.98  ? 14 C   C N1    1 
ATOM   887  C  C2    . C   C 1 13 ? -0.628  1.150   8.412   1.00 99.05  ? 14 C   C C2    1 
ATOM   888  O  O2    . C   C 1 13 ? 0.094   0.694   9.312   1.00 99.00  ? 14 C   C O2    1 
ATOM   889  N  N3    . C   C 1 13 ? -1.329  0.342   7.579   1.00 98.07  ? 14 C   C N3    1 
ATOM   890  C  C4    . C   C 1 13 ? -2.104  0.873   6.632   1.00 97.93  ? 14 C   C C4    1 
ATOM   891  N  N4    . C   C 1 13 ? -2.776  0.037   5.835   1.00 97.50  ? 14 C   C N4    1 
ATOM   892  C  C5    . C   C 1 13 ? -2.226  2.285   6.461   1.00 98.36  ? 14 C   C C5    1 
ATOM   893  C  C6    . C   C 1 13 ? -1.522  3.074   7.291   1.00 99.11  ? 14 C   C C6    1 
ATOM   894  P  P     . G   C 1 14 ? 2.767   5.942   6.150   1.00 101.05 ? 15 G   C P     1 
ATOM   895  O  OP1   . G   C 1 14 ? 3.846   6.963   6.138   1.00 101.48 ? 15 G   C OP1   1 
ATOM   896  O  OP2   . G   C 1 14 ? 1.676   6.005   5.137   1.00 100.93 ? 15 G   C OP2   1 
ATOM   897  O  "O5'" . G   C 1 14 ? 3.471   4.516   6.081   1.00 99.78  ? 15 G   C "O5'" 1 
ATOM   898  C  "C5'" . G   C 1 14 ? 4.532   4.219   6.972   1.00 97.68  ? 15 G   C "C5'" 1 
ATOM   899  C  "C4'" . G   C 1 14 ? 4.744   2.730   7.089   1.00 96.09  ? 15 G   C "C4'" 1 
ATOM   900  O  "O4'" . G   C 1 14 ? 3.504   2.058   7.438   1.00 95.00  ? 15 G   C "O4'" 1 
ATOM   901  C  "C3'" . G   C 1 14 ? 5.150   1.962   5.851   1.00 95.03  ? 15 G   C "C3'" 1 
ATOM   902  O  "O3'" . G   C 1 14 ? 6.497   2.181   5.477   1.00 92.95  ? 15 G   C "O3'" 1 
ATOM   903  C  "C2'" . G   C 1 14 ? 4.935   0.534   6.335   1.00 95.35  ? 15 G   C "C2'" 1 
ATOM   904  O  "O2'" . G   C 1 14 ? 5.945   0.086   7.222   1.00 95.85  ? 15 G   C "O2'" 1 
ATOM   905  C  "C1'" . G   C 1 14 ? 3.620   0.683   7.099   1.00 94.36  ? 15 G   C "C1'" 1 
ATOM   906  N  N9    . G   C 1 14 ? 2.507   0.295   6.241   1.00 93.23  ? 15 G   C N9    1 
ATOM   907  C  C8    . G   C 1 14 ? 1.546   1.095   5.682   1.00 92.90  ? 15 G   C C8    1 
ATOM   908  N  N7    . G   C 1 14 ? 0.715   0.433   4.922   1.00 91.70  ? 15 G   C N7    1 
ATOM   909  C  C5    . G   C 1 14 ? 1.149   -0.877  5.000   1.00 92.31  ? 15 G   C C5    1 
ATOM   910  C  C6    . G   C 1 14 ? 0.644   -2.045  4.396   1.00 93.10  ? 15 G   C C6    1 
ATOM   911  O  O6    . G   C 1 14 ? -0.332  -2.163  3.657   1.00 95.10  ? 15 G   C O6    1 
ATOM   912  N  N1    . G   C 1 14 ? 1.395   -3.166  4.729   1.00 93.11  ? 15 G   C N1    1 
ATOM   913  C  C2    . G   C 1 14 ? 2.488   -3.164  5.549   1.00 93.27  ? 15 G   C C2    1 
ATOM   914  N  N2    . G   C 1 14 ? 3.088   -4.353  5.738   1.00 92.20  ? 15 G   C N2    1 
ATOM   915  N  N3    . G   C 1 14 ? 2.961   -2.079  6.137   1.00 93.37  ? 15 G   C N3    1 
ATOM   916  C  C4    . G   C 1 14 ? 2.250   -0.980  5.815   1.00 92.68  ? 15 G   C C4    1 
ATOM   917  P  P     . G   C 1 15 ? 6.916   1.993   3.944   1.00 92.24  ? 16 G   C P     1 
ATOM   918  O  OP1   . G   C 1 15 ? 8.342   2.369   3.815   1.00 91.96  ? 16 G   C OP1   1 
ATOM   919  O  OP2   . G   C 1 15 ? 5.899   2.688   3.123   1.00 91.63  ? 16 G   C OP2   1 
ATOM   920  O  "O5'" . G   C 1 15 ? 6.771   0.424   3.698   1.00 90.34  ? 16 G   C "O5'" 1 
ATOM   921  C  "C5'" . G   C 1 15 ? 7.512   -0.507  4.477   1.00 87.96  ? 16 G   C "C5'" 1 
ATOM   922  C  "C4'" . G   C 1 15 ? 7.206   -1.919  4.043   1.00 86.74  ? 16 G   C "C4'" 1 
ATOM   923  O  "O4'" . G   C 1 15 ? 5.809   -2.217  4.291   1.00 86.04  ? 16 G   C "O4'" 1 
ATOM   924  C  "C3'" . G   C 1 15 ? 7.363   -2.214  2.563   1.00 87.17  ? 16 G   C "C3'" 1 
ATOM   925  O  "O3'" . G   C 1 15 ? 8.722   -2.265  2.099   1.00 88.33  ? 16 G   C "O3'" 1 
ATOM   926  C  "C2'" . G   C 1 15 ? 6.522   -3.479  2.400   1.00 86.63  ? 16 G   C "C2'" 1 
ATOM   927  O  "O2'" . G   C 1 15 ? 7.183   -4.666  2.785   1.00 86.91  ? 16 G   C "O2'" 1 
ATOM   928  C  "C1'" . G   C 1 15 ? 5.363   -3.197  3.362   1.00 85.22  ? 16 G   C "C1'" 1 
ATOM   929  N  N9    . G   C 1 15 ? 4.194   -2.679  2.657   1.00 82.27  ? 16 G   C N9    1 
ATOM   930  C  C8    . G   C 1 15 ? 3.815   -1.364  2.522   1.00 80.73  ? 16 G   C C8    1 
ATOM   931  N  N7    . G   C 1 15 ? 2.755   -1.211  1.776   1.00 78.71  ? 16 G   C N7    1 
ATOM   932  C  C5    . G   C 1 15 ? 2.404   -2.503  1.408   1.00 78.28  ? 16 G   C C5    1 
ATOM   933  C  C6    . G   C 1 15 ? 1.335   -2.976  0.586   1.00 76.59  ? 16 G   C C6    1 
ATOM   934  O  O6    . G   C 1 15 ? 0.461   -2.317  -0.004  1.00 73.93  ? 16 G   C O6    1 
ATOM   935  N  N1    . G   C 1 15 ? 1.352   -4.367  0.480   1.00 75.03  ? 16 G   C N1    1 
ATOM   936  C  C2    . G   C 1 15 ? 2.274   -5.194  1.075   1.00 74.25  ? 16 G   C C2    1 
ATOM   937  N  N2    . G   C 1 15 ? 2.134   -6.496  0.840   1.00 71.69  ? 16 G   C N2    1 
ATOM   938  N  N3    . G   C 1 15 ? 3.267   -4.770  1.841   1.00 75.54  ? 16 G   C N3    1 
ATOM   939  C  C4    . G   C 1 15 ? 3.274   -3.423  1.960   1.00 79.58  ? 16 G   C C4    1 
ATOM   940  O  "O5'" . C   D 2 1  ? -1.748  -10.619 2.676   1.00 78.94  ? 21 C   D "O5'" 1 
ATOM   941  C  "C5'" . C   D 2 1  ? -0.760  -11.582 3.052   1.00 79.97  ? 21 C   D "C5'" 1 
ATOM   942  C  "C4'" . C   D 2 1  ? 0.423   -10.971 3.766   1.00 80.65  ? 21 C   D "C4'" 1 
ATOM   943  O  "O4'" . C   D 2 1  ? 1.022   -9.956  2.915   1.00 79.81  ? 21 C   D "O4'" 1 
ATOM   944  C  "C3'" . C   D 2 1  ? 0.083   -10.212 5.033   1.00 82.85  ? 21 C   D "C3'" 1 
ATOM   945  O  "O3'" . C   D 2 1  ? -0.087  -11.066 6.151   1.00 86.59  ? 21 C   D "O3'" 1 
ATOM   946  C  "C2'" . C   D 2 1  ? 1.272   -9.275  5.158   1.00 81.40  ? 21 C   D "C2'" 1 
ATOM   947  O  "O2'" . C   D 2 1  ? 2.438   -9.919  5.616   1.00 82.29  ? 21 C   D "O2'" 1 
ATOM   948  C  "C1'" . C   D 2 1  ? 1.444   -8.853  3.701   1.00 78.59  ? 21 C   D "C1'" 1 
ATOM   949  N  N1    . C   D 2 1  ? 0.563   -7.717  3.396   1.00 74.95  ? 21 C   D N1    1 
ATOM   950  C  C2    . C   D 2 1  ? 1.017   -6.427  3.666   1.00 73.36  ? 21 C   D C2    1 
ATOM   951  O  O2    . C   D 2 1  ? 2.173   -6.275  4.102   1.00 73.16  ? 21 C   D O2    1 
ATOM   952  N  N3    . C   D 2 1  ? 0.191   -5.378  3.437   1.00 69.00  ? 21 C   D N3    1 
ATOM   953  C  C4    . C   D 2 1  ? -1.033  -5.588  2.948   1.00 67.49  ? 21 C   D C4    1 
ATOM   954  N  N4    . C   D 2 1  ? -1.815  -4.531  2.744   1.00 66.93  ? 21 C   D N4    1 
ATOM   955  C  C5    . C   D 2 1  ? -1.508  -6.890  2.645   1.00 68.14  ? 21 C   D C5    1 
ATOM   956  C  C6    . C   D 2 1  ? -0.686  -7.916  2.878   1.00 71.23  ? 21 C   D C6    1 
ATOM   957  P  P     . G   D 2 2  ? -1.179  -10.687 7.270   1.00 89.91  ? 22 G   D P     1 
ATOM   958  O  OP1   . G   D 2 2  ? -1.559  -11.925 7.993   1.00 89.08  ? 22 G   D OP1   1 
ATOM   959  O  OP2   . G   D 2 2  ? -2.237  -9.852  6.633   1.00 89.24  ? 22 G   D OP2   1 
ATOM   960  O  "O5'" . G   D 2 2  ? -0.353  -9.763  8.257   1.00 89.88  ? 22 G   D "O5'" 1 
ATOM   961  C  "C5'" . G   D 2 2  ? 0.928   -10.171 8.699   1.00 92.29  ? 22 G   D "C5'" 1 
ATOM   962  C  "C4'" . G   D 2 2  ? 1.659   -8.993  9.257   1.00 94.58  ? 22 G   D "C4'" 1 
ATOM   963  O  "O4'" . G   D 2 2  ? 1.936   -8.061  8.179   1.00 94.51  ? 22 G   D "O4'" 1 
ATOM   964  C  "C3'" . G   D 2 2  ? 0.823   -8.180  10.225  1.00 96.36  ? 22 G   D "C3'" 1 
ATOM   965  O  "O3'" . G   D 2 2  ? 0.806   -8.739  11.526  1.00 99.09  ? 22 G   D "O3'" 1 
ATOM   966  C  "C2'" . G   D 2 2  ? 1.499   -6.826  10.149  1.00 95.88  ? 22 G   D "C2'" 1 
ATOM   967  O  "O2'" . G   D 2 2  ? 2.720   -6.800  10.862  1.00 95.38  ? 22 G   D "O2'" 1 
ATOM   968  C  "C1'" . G   D 2 2  ? 1.750   -6.731  8.643   1.00 94.87  ? 22 G   D "C1'" 1 
ATOM   969  N  N9    . G   D 2 2  ? 0.602   -6.165  7.942   1.00 94.03  ? 22 G   D N9    1 
ATOM   970  C  C8    . G   D 2 2  ? -0.355  -6.840  7.216   1.00 93.67  ? 22 G   D C8    1 
ATOM   971  N  N7    . G   D 2 2  ? -1.253  -6.047  6.690   1.00 92.85  ? 22 G   D N7    1 
ATOM   972  C  C5    . G   D 2 2  ? -0.865  -4.774  7.095   1.00 91.60  ? 22 G   D C5    1 
ATOM   973  C  C6    . G   D 2 2  ? -1.437  -3.501  6.822   1.00 89.80  ? 22 G   D C6    1 
ATOM   974  O  O6    . G   D 2 2  ? -2.420  -3.225  6.128   1.00 87.71  ? 22 G   D O6    1 
ATOM   975  N  N1    . G   D 2 2  ? -0.729  -2.483  7.446   1.00 89.73  ? 22 G   D N1    1 
ATOM   976  C  C2    . G   D 2 2  ? 0.386   -2.657  8.221   1.00 90.66  ? 22 G   D C2    1 
ATOM   977  N  N2    . G   D 2 2  ? 0.915   -1.552  8.749   1.00 91.26  ? 22 G   D N2    1 
ATOM   978  N  N3    . G   D 2 2  ? 0.941   -3.828  8.466   1.00 91.36  ? 22 G   D N3    1 
ATOM   979  C  C4    . G   D 2 2  ? 0.270   -4.835  7.878   1.00 92.59  ? 22 G   D C4    1 
ATOM   980  P  P     . C   D 2 3  ? -0.592  -8.833  12.314  1.00 101.19 ? 23 C   D P     1 
ATOM   981  O  OP1   . C   D 2 3  ? -0.531  -10.004 13.232  1.00 101.10 ? 23 C   D OP1   1 
ATOM   982  O  OP2   . C   D 2 3  ? -1.684  -8.746  11.305  1.00 101.93 ? 23 C   D OP2   1 
ATOM   983  O  "O5'" . C   D 2 3  ? -0.622  -7.489  13.164  1.00 99.80  ? 23 C   D "O5'" 1 
ATOM   984  C  "C5'" . C   D 2 3  ? 0.483   -7.126  13.979  1.00 97.53  ? 23 C   D "C5'" 1 
ATOM   985  C  "C4'" . C   D 2 3  ? 0.456   -5.645  14.250  1.00 96.17  ? 23 C   D "C4'" 1 
ATOM   986  O  "O4'" . C   D 2 3  ? 0.699   -4.937  13.008  1.00 95.05  ? 23 C   D "O4'" 1 
ATOM   987  C  "C3'" . C   D 2 3  ? -0.877  -5.097  14.734  1.00 95.11  ? 23 C   D "C3'" 1 
ATOM   988  O  "O3'" . C   D 2 3  ? -1.049  -5.275  16.134  1.00 94.98  ? 23 C   D "O3'" 1 
ATOM   989  C  "C2'" . C   D 2 3  ? -0.772  -3.634  14.332  1.00 94.07  ? 23 C   D "C2'" 1 
ATOM   990  O  "O2'" . C   D 2 3  ? 0.030   -2.877  15.210  1.00 93.50  ? 23 C   D "O2'" 1 
ATOM   991  C  "C1'" . C   D 2 3  ? -0.077  -3.753  12.976  1.00 93.86  ? 23 C   D "C1'" 1 
ATOM   992  N  N1    . C   D 2 3  ? -1.045  -3.889  11.888  1.00 92.90  ? 23 C   D N1    1 
ATOM   993  C  C2    . C   D 2 3  ? -1.639  -2.738  11.385  1.00 92.76  ? 23 C   D C2    1 
ATOM   994  O  O2    . C   D 2 3  ? -1.308  -1.642  11.859  1.00 94.66  ? 23 C   D O2    1 
ATOM   995  N  N3    . C   D 2 3  ? -2.558  -2.844  10.399  1.00 91.38  ? 23 C   D N3    1 
ATOM   996  C  C4    . C   D 2 3  ? -2.882  -4.044  9.918   1.00 90.70  ? 23 C   D C4    1 
ATOM   997  N  N4    . C   D 2 3  ? -3.807  -4.100  8.955   1.00 89.43  ? 23 C   D N4    1 
ATOM   998  C  C5    . C   D 2 3  ? -2.277  -5.239  10.408  1.00 91.16  ? 23 C   D C5    1 
ATOM   999  C  C6    . C   D 2 3  ? -1.370  -5.116  11.382  1.00 91.32  ? 23 C   D C6    1 
ATOM   1000 P  P     . G   D 2 4  ? -2.533  -5.323  16.753  1.00 95.73  ? 24 G   D P     1 
ATOM   1001 O  OP1   . G   D 2 4  ? -2.372  -5.535  18.206  1.00 97.32  ? 24 G   D OP1   1 
ATOM   1002 O  OP2   . G   D 2 4  ? -3.375  -6.264  15.975  1.00 95.46  ? 24 G   D OP2   1 
ATOM   1003 O  "O5'" . G   D 2 4  ? -3.055  -3.830  16.561  1.00 93.92  ? 24 G   D "O5'" 1 
ATOM   1004 C  "C5'" . G   D 2 4  ? -2.477  -2.789  17.326  1.00 92.47  ? 24 G   D "C5'" 1 
ATOM   1005 C  "C4'" . G   D 2 4  ? -3.041  -1.448  16.934  1.00 91.56  ? 24 G   D "C4'" 1 
ATOM   1006 O  "O4'" . G   D 2 4  ? -2.654  -1.125  15.573  1.00 91.08  ? 24 G   D "O4'" 1 
ATOM   1007 C  "C3'" . G   D 2 4  ? -4.549  -1.296  16.934  1.00 91.23  ? 24 G   D "C3'" 1 
ATOM   1008 O  "O3'" . G   D 2 4  ? -5.064  -1.083  18.246  1.00 91.90  ? 24 G   D "O3'" 1 
ATOM   1009 C  "C2'" . G   D 2 4  ? -4.708  -0.062  16.061  1.00 90.67  ? 24 G   D "C2'" 1 
ATOM   1010 O  "O2'" . G   D 2 4  ? -4.381  1.118   16.764  1.00 89.63  ? 24 G   D "O2'" 1 
ATOM   1011 C  "C1'" . G   D 2 4  ? -3.671  -0.344  14.966  1.00 90.07  ? 24 G   D "C1'" 1 
ATOM   1012 N  N9    . G   D 2 4  ? -4.262  -1.140  13.896  1.00 88.28  ? 24 G   D N9    1 
ATOM   1013 C  C8    . G   D 2 4  ? -4.116  -2.491  13.700  1.00 88.21  ? 24 G   D C8    1 
ATOM   1014 N  N7    . G   D 2 4  ? -4.845  -2.948  12.720  1.00 86.37  ? 24 G   D N7    1 
ATOM   1015 C  C5    . G   D 2 4  ? -5.494  -1.830  12.228  1.00 84.94  ? 24 G   D C5    1 
ATOM   1016 C  C6    . G   D 2 4  ? -6.432  -1.715  11.195  1.00 84.15  ? 24 G   D C6    1 
ATOM   1017 O  O6    . G   D 2 4  ? -6.918  -2.610  10.499  1.00 83.80  ? 24 G   D O6    1 
ATOM   1018 N  N1    . G   D 2 4  ? -6.829  -0.398  11.011  1.00 83.45  ? 24 G   D N1    1 
ATOM   1019 C  C2    . G   D 2 4  ? -6.392  0.667   11.755  1.00 84.39  ? 24 G   D C2    1 
ATOM   1020 N  N2    . G   D 2 4  ? -6.904  1.860   11.437  1.00 84.42  ? 24 G   D N2    1 
ATOM   1021 N  N3    . G   D 2 4  ? -5.523  0.569   12.742  1.00 84.72  ? 24 G   D N3    1 
ATOM   1022 C  C4    . G   D 2 4  ? -5.120  -0.701  12.923  1.00 85.80  ? 24 G   D C4    1 
ATOM   1023 P  P     . U   D 2 5  ? -6.601  -1.447  18.573  1.00 92.63  ? 25 U   D P     1 
ATOM   1024 O  OP1   . U   D 2 5  ? -6.782  -1.215  20.027  1.00 92.30  ? 25 U   D OP1   1 
ATOM   1025 O  OP2   . U   D 2 5  ? -6.941  -2.781  18.005  1.00 92.32  ? 25 U   D OP2   1 
ATOM   1026 O  "O5'" . U   D 2 5  ? -7.420  -0.327  17.780  1.00 92.40  ? 25 U   D "O5'" 1 
ATOM   1027 C  "C5'" . U   D 2 5  ? -7.304  1.042   18.157  1.00 91.91  ? 25 U   D "C5'" 1 
ATOM   1028 C  "C4'" . U   D 2 5  ? -8.228  1.911   17.339  1.00 91.30  ? 25 U   D "C4'" 1 
ATOM   1029 O  "O4'" . U   D 2 5  ? -7.768  1.975   15.963  1.00 91.58  ? 25 U   D "O4'" 1 
ATOM   1030 C  "C3'" . U   D 2 5  ? -9.662  1.458   17.169  1.00 90.95  ? 25 U   D "C3'" 1 
ATOM   1031 O  "O3'" . U   D 2 5  ? -10.483 1.696   18.288  1.00 89.94  ? 25 U   D "O3'" 1 
ATOM   1032 C  "C2'" . U   D 2 5  ? -10.100 2.339   16.017  1.00 91.63  ? 25 U   D "C2'" 1 
ATOM   1033 O  "O2'" . U   D 2 5  ? -10.335 3.670   16.435  1.00 91.83  ? 25 U   D "O2'" 1 
ATOM   1034 C  "C1'" . U   D 2 5  ? -8.874  2.250   15.107  1.00 92.15  ? 25 U   D "C1'" 1 
ATOM   1035 N  N1    . U   D 2 5  ? -9.065  1.121   14.186  1.00 92.23  ? 25 U   D N1    1 
ATOM   1036 C  C2    . U   D 2 5  ? -9.865  1.335   13.076  1.00 92.55  ? 25 U   D C2    1 
ATOM   1037 O  O2    . U   D 2 5  ? -10.291 2.436   12.768  1.00 92.28  ? 25 U   D O2    1 
ATOM   1038 N  N3    . U   D 2 5  ? -10.138 0.214   12.332  1.00 92.03  ? 25 U   D N3    1 
ATOM   1039 C  C4    . U   D 2 5  ? -9.673  -1.066  12.558  1.00 92.02  ? 25 U   D C4    1 
ATOM   1040 O  O4    . U   D 2 5  ? -10.101 -1.996  11.867  1.00 91.52  ? 25 U   D O4    1 
ATOM   1041 C  C5    . U   D 2 5  ? -8.789  -1.190  13.680  1.00 92.06  ? 25 U   D C5    1 
ATOM   1042 C  C6    . U   D 2 5  ? -8.522  -0.118  14.437  1.00 92.31  ? 25 U   D C6    1 
ATOM   1043 P  P     . C   D 2 6  ? -11.708 0.698   18.570  1.00 90.43  ? 26 C   D P     1 
ATOM   1044 O  OP1   . C   D 2 6  ? -12.220 0.922   19.945  1.00 90.77  ? 26 C   D OP1   1 
ATOM   1045 O  OP2   . C   D 2 6  ? -11.236 -0.653  18.171  1.00 91.05  ? 26 C   D OP2   1 
ATOM   1046 O  "O5'" . C   D 2 6  ? -12.831 1.120   17.524  1.00 88.00  ? 26 C   D "O5'" 1 
ATOM   1047 C  "C5'" . C   D 2 6  ? -13.213 2.475   17.357  1.00 84.25  ? 26 C   D "C5'" 1 
ATOM   1048 C  "C4'" . C   D 2 6  ? -14.039 2.621   16.107  1.00 81.47  ? 26 C   D "C4'" 1 
ATOM   1049 O  "O4'" . C   D 2 6  ? -13.234 2.239   14.958  1.00 80.48  ? 26 C   D "O4'" 1 
ATOM   1050 C  "C3'" . C   D 2 6  ? -15.209 1.666   15.987  1.00 80.69  ? 26 C   D "C3'" 1 
ATOM   1051 O  "O3'" . C   D 2 6  ? -16.343 2.063   16.716  1.00 79.64  ? 26 C   D "O3'" 1 
ATOM   1052 C  "C2'" . C   D 2 6  ? -15.494 1.718   14.500  1.00 80.83  ? 26 C   D "C2'" 1 
ATOM   1053 O  "O2'" . C   D 2 6  ? -16.179 2.892   14.122  1.00 82.18  ? 26 C   D "O2'" 1 
ATOM   1054 C  "C1'" . C   D 2 6  ? -14.077 1.722   13.936  1.00 79.46  ? 26 C   D "C1'" 1 
ATOM   1055 N  N1    . C   D 2 6  ? -13.686 0.343   13.623  1.00 76.93  ? 26 C   D N1    1 
ATOM   1056 C  C2    . C   D 2 6  ? -14.232 -0.239  12.493  1.00 76.91  ? 26 C   D C2    1 
ATOM   1057 O  O2    . C   D 2 6  ? -14.954 0.462   11.762  1.00 79.52  ? 26 C   D O2    1 
ATOM   1058 N  N3    . C   D 2 6  ? -13.967 -1.537  12.214  1.00 72.77  ? 26 C   D N3    1 
ATOM   1059 C  C4    . C   D 2 6  ? -13.169 -2.231  13.013  1.00 70.36  ? 26 C   D C4    1 
ATOM   1060 N  N4    . C   D 2 6  ? -12.961 -3.504  12.719  1.00 67.81  ? 26 C   D N4    1 
ATOM   1061 C  C5    . C   D 2 6  ? -12.558 -1.649  14.156  1.00 72.13  ? 26 C   D C5    1 
ATOM   1062 C  C6    . C   D 2 6  ? -12.840 -0.368  14.423  1.00 74.65  ? 26 C   D C6    1 
ATOM   1063 P  P     . A   D 2 7  ? -17.445 0.965   17.078  1.00 79.60  ? 27 A   D P     1 
ATOM   1064 O  OP1   . A   D 2 7  ? -18.517 1.630   17.849  1.00 80.80  ? 27 A   D OP1   1 
ATOM   1065 O  OP2   . A   D 2 7  ? -16.756 -0.212  17.646  1.00 79.91  ? 27 A   D OP2   1 
ATOM   1066 O  "O5'" . A   D 2 7  ? -18.034 0.516   15.673  1.00 79.06  ? 27 A   D "O5'" 1 
ATOM   1067 C  "C5'" . A   D 2 7  ? -18.791 1.411   14.869  1.00 77.00  ? 27 A   D "C5'" 1 
ATOM   1068 C  "C4'" . A   D 2 7  ? -19.228 0.716   13.602  1.00 75.81  ? 27 A   D "C4'" 1 
ATOM   1069 O  "O4'" . A   D 2 7  ? -18.049 0.247   12.888  1.00 74.38  ? 27 A   D "O4'" 1 
ATOM   1070 C  "C3'" . A   D 2 7  ? -20.013 -0.568  13.802  1.00 75.45  ? 27 A   D "C3'" 1 
ATOM   1071 O  "O3'" . A   D 2 7  ? -21.376 -0.330  14.090  1.00 74.81  ? 27 A   D "O3'" 1 
ATOM   1072 C  "C2'" . A   D 2 7  ? -19.837 -1.245  12.456  1.00 74.78  ? 27 A   D "C2'" 1 
ATOM   1073 O  "O2'" . A   D 2 7  ? -20.640 -0.674  11.451  1.00 76.38  ? 27 A   D "O2'" 1 
ATOM   1074 C  "C1'" . A   D 2 7  ? -18.370 -0.940  12.173  1.00 74.00  ? 27 A   D "C1'" 1 
ATOM   1075 N  N9    . A   D 2 7  ? -17.549 -2.045  12.660  1.00 70.87  ? 27 A   D N9    1 
ATOM   1076 C  C8    . A   D 2 7  ? -16.670 -2.111  13.706  1.00 69.63  ? 27 A   D C8    1 
ATOM   1077 N  N7    . A   D 2 7  ? -16.150 -3.302  13.879  1.00 68.52  ? 27 A   D N7    1 
ATOM   1078 C  C5    . A   D 2 7  ? -16.718 -4.063  12.868  1.00 68.17  ? 27 A   D C5    1 
ATOM   1079 C  C6    . A   D 2 7  ? -16.585 -5.419  12.506  1.00 67.76  ? 27 A   D C6    1 
ATOM   1080 N  N6    . A   D 2 7  ? -15.812 -6.291  13.150  1.00 68.68  ? 27 A   D N6    1 
ATOM   1081 N  N1    . A   D 2 7  ? -17.292 -5.855  11.447  1.00 66.98  ? 27 A   D N1    1 
ATOM   1082 C  C2    . A   D 2 7  ? -18.078 -4.987  10.805  1.00 67.92  ? 27 A   D C2    1 
ATOM   1083 N  N3    . A   D 2 7  ? -18.287 -3.698  11.050  1.00 67.81  ? 27 A   D N3    1 
ATOM   1084 C  C4    . A   D 2 7  ? -17.569 -3.297  12.106  1.00 68.95  ? 27 A   D C4    1 
ATOM   1085 P  P     . C   D 2 8  ? -22.056 -1.088  15.330  1.00 74.99  ? 28 C   D P     1 
ATOM   1086 O  OP1   . C   D 2 8  ? -23.279 -0.337  15.698  1.00 74.91  ? 28 C   D OP1   1 
ATOM   1087 O  OP2   . C   D 2 8  ? -20.989 -1.310  16.342  1.00 73.80  ? 28 C   D OP2   1 
ATOM   1088 O  "O5'" . C   D 2 8  ? -22.485 -2.509  14.755  1.00 71.93  ? 28 C   D "O5'" 1 
ATOM   1089 C  "C5'" . C   D 2 8  ? -23.370 -2.615  13.651  1.00 67.61  ? 28 C   D "C5'" 1 
ATOM   1090 C  "C4'" . C   D 2 8  ? -23.302 -4.005  13.072  1.00 64.58  ? 28 C   D "C4'" 1 
ATOM   1091 O  "O4'" . C   D 2 8  ? -21.958 -4.276  12.592  1.00 63.17  ? 28 C   D "O4'" 1 
ATOM   1092 C  "C3'" . C   D 2 8  ? -23.491 -5.106  14.084  1.00 63.60  ? 28 C   D "C3'" 1 
ATOM   1093 O  "O3'" . C   D 2 8  ? -24.844 -5.302  14.395  1.00 63.93  ? 28 C   D "O3'" 1 
ATOM   1094 C  "C2'" . C   D 2 8  ? -22.902 -6.300  13.367  1.00 62.52  ? 28 C   D "C2'" 1 
ATOM   1095 O  "O2'" . C   D 2 8  ? -23.781 -6.770  12.371  1.00 62.49  ? 28 C   D "O2'" 1 
ATOM   1096 C  "C1'" . C   D 2 8  ? -21.671 -5.661  12.738  1.00 61.89  ? 28 C   D "C1'" 1 
ATOM   1097 N  N1    . C   D 2 8  ? -20.494 -5.796  13.597  1.00 60.20  ? 28 C   D N1    1 
ATOM   1098 C  C2    . C   D 2 8  ? -19.892 -7.054  13.722  1.00 61.61  ? 28 C   D C2    1 
ATOM   1099 O  O2    . C   D 2 8  ? -20.350 -8.008  13.070  1.00 61.85  ? 28 C   D O2    1 
ATOM   1100 N  N3    . C   D 2 8  ? -18.825 -7.198  14.544  1.00 62.60  ? 28 C   D N3    1 
ATOM   1101 C  C4    . C   D 2 8  ? -18.355 -6.141  15.218  1.00 62.82  ? 28 C   D C4    1 
ATOM   1102 N  N4    . C   D 2 8  ? -17.312 -6.326  16.038  1.00 63.62  ? 28 C   D N4    1 
ATOM   1103 C  C5    . C   D 2 8  ? -18.939 -4.843  15.086  1.00 62.21  ? 28 C   D C5    1 
ATOM   1104 C  C6    . C   D 2 8  ? -19.996 -4.719  14.274  1.00 60.87  ? 28 C   D C6    1 
ATOM   1105 P  P     . A   D 2 9  ? -25.226 -5.660  15.893  1.00 63.87  ? 29 A   D P     1 
ATOM   1106 O  OP1   . A   D 2 9  ? -26.680 -5.454  16.071  1.00 64.51  ? 29 A   D OP1   1 
ATOM   1107 O  OP2   . A   D 2 9  ? -24.257 -4.928  16.747  1.00 63.11  ? 29 A   D OP2   1 
ATOM   1108 O  "O5'" . A   D 2 9  ? -24.916 -7.210  15.992  1.00 62.70  ? 29 A   D "O5'" 1 
ATOM   1109 C  "C5'" . A   D 2 9  ? -25.515 -8.113  15.093  1.00 60.21  ? 29 A   D "C5'" 1 
ATOM   1110 C  "C4'" . A   D 2 9  ? -24.876 -9.451  15.250  1.00 58.99  ? 29 A   D "C4'" 1 
ATOM   1111 O  "O4'" . A   D 2 9  ? -23.464 -9.319  14.947  1.00 58.44  ? 29 A   D "O4'" 1 
ATOM   1112 C  "C3'" . A   D 2 9  ? -24.834 -9.943  16.675  1.00 59.50  ? 29 A   D "C3'" 1 
ATOM   1113 O  "O3'" . A   D 2 9  ? -26.091 -10.434 17.091  1.00 63.23  ? 29 A   D "O3'" 1 
ATOM   1114 C  "C2'" . A   D 2 9  ? -23.728 -10.985 16.592  1.00 58.63  ? 29 A   D "C2'" 1 
ATOM   1115 O  "O2'" . A   D 2 9  ? -24.101 -12.168 15.901  1.00 57.02  ? 29 A   D "O2'" 1 
ATOM   1116 C  "C1'" . A   D 2 9  ? -22.717 -10.227 15.742  1.00 56.63  ? 29 A   D "C1'" 1 
ATOM   1117 N  N9    . A   D 2 9  ? -21.719 -9.463  16.494  1.00 53.34  ? 29 A   D N9    1 
ATOM   1118 C  C8    . A   D 2 9  ? -21.674 -8.110  16.721  1.00 52.18  ? 29 A   D C8    1 
ATOM   1119 N  N7    . A   D 2 9  ? -20.584 -7.717  17.334  1.00 50.43  ? 29 A   D N7    1 
ATOM   1120 C  C5    . A   D 2 9  ? -19.876 -8.891  17.544  1.00 50.75  ? 29 A   D C5    1 
ATOM   1121 C  C6    . A   D 2 9  ? -18.615 -9.155  18.122  1.00 51.96  ? 29 A   D C6    1 
ATOM   1122 N  N6    . A   D 2 9  ? -17.794 -8.201  18.586  1.00 50.82  ? 29 A   D N6    1 
ATOM   1123 N  N1    . A   D 2 9  ? -18.215 -10.447 18.197  1.00 52.67  ? 29 A   D N1    1 
ATOM   1124 C  C2    . A   D 2 9  ? -19.025 -11.394 17.709  1.00 52.01  ? 29 A   D C2    1 
ATOM   1125 N  N3    . A   D 2 9  ? -20.215 -11.266 17.127  1.00 51.46  ? 29 A   D N3    1 
ATOM   1126 C  C4    . A   D 2 9  ? -20.584 -9.976  17.070  1.00 50.91  ? 29 A   D C4    1 
ATOM   1127 P  P     . C   D 2 10 ? -26.626 -10.084 18.567  1.00 66.21  ? 30 C   D P     1 
ATOM   1128 O  OP1   . C   D 2 10 ? -28.094 -10.321 18.552  1.00 65.67  ? 30 C   D OP1   1 
ATOM   1129 O  OP2   . C   D 2 10 ? -26.103 -8.751  18.999  1.00 65.00  ? 30 C   D OP2   1 
ATOM   1130 O  "O5'" . C   D 2 10 ? -25.967 -11.237 19.441  1.00 64.21  ? 30 C   D "O5'" 1 
ATOM   1131 C  "C5'" . C   D 2 10 ? -26.302 -12.583 19.168  1.00 63.99  ? 30 C   D "C5'" 1 
ATOM   1132 C  "C4'" . C   D 2 10 ? -25.246 -13.509 19.704  1.00 64.69  ? 30 C   D "C4'" 1 
ATOM   1133 O  "O4'" . C   D 2 10 ? -23.990 -13.213 19.042  1.00 63.25  ? 30 C   D "O4'" 1 
ATOM   1134 C  "C3'" . C   D 2 10 ? -24.892 -13.390 21.180  1.00 66.43  ? 30 C   D "C3'" 1 
ATOM   1135 O  "O3'" . C   D 2 10 ? -25.823 -14.055 22.034  1.00 69.78  ? 30 C   D "O3'" 1 
ATOM   1136 C  "C2'" . C   D 2 10 ? -23.539 -14.085 21.200  1.00 65.02  ? 30 C   D "C2'" 1 
ATOM   1137 O  "O2'" . C   D 2 10 ? -23.672 -15.493 21.121  1.00 66.38  ? 30 C   D "O2'" 1 
ATOM   1138 C  "C1'" . C   D 2 10 ? -22.918 -13.550 19.905  1.00 62.14  ? 30 C   D "C1'" 1 
ATOM   1139 N  N1    . C   D 2 10 ? -22.133 -12.343 20.154  1.00 56.75  ? 30 C   D N1    1 
ATOM   1140 C  C2    . C   D 2 10 ? -20.863 -12.484 20.679  1.00 56.93  ? 30 C   D C2    1 
ATOM   1141 O  O2    . C   D 2 10 ? -20.414 -13.624 20.839  1.00 58.33  ? 30 C   D O2    1 
ATOM   1142 N  N3    . C   D 2 10 ? -20.147 -11.387 20.989  1.00 55.35  ? 30 C   D N3    1 
ATOM   1143 C  C4    . C   D 2 10 ? -20.659 -10.183 20.761  1.00 53.61  ? 30 C   D C4    1 
ATOM   1144 N  N4    . C   D 2 10 ? -19.931 -9.124  21.099  1.00 54.56  ? 30 C   D N4    1 
ATOM   1145 C  C5    . C   D 2 10 ? -21.945 -10.012 20.181  1.00 52.16  ? 30 C   D C5    1 
ATOM   1146 C  C6    . C   D 2 10 ? -22.643 -11.109 19.899  1.00 52.77  ? 30 C   D C6    1 
ATOM   1147 P  P     . C   D 2 11 ? -26.029 -13.539 23.549  1.00 74.94  ? 31 C   D P     1 
ATOM   1148 O  OP1   . C   D 2 11 ? -27.178 -14.305 24.113  1.00 73.24  ? 31 C   D OP1   1 
ATOM   1149 O  OP2   . C   D 2 11 ? -26.052 -12.042 23.573  1.00 73.08  ? 31 C   D OP2   1 
ATOM   1150 O  "O5'" . C   D 2 11 ? -24.704 -14.020 24.294  1.00 73.28  ? 31 C   D "O5'" 1 
ATOM   1151 C  "C5'" . C   D 2 11 ? -24.477 -15.401 24.560  1.00 72.98  ? 31 C   D "C5'" 1 
ATOM   1152 C  "C4'" . C   D 2 11 ? -23.130 -15.594 25.211  1.00 72.79  ? 31 C   D "C4'" 1 
ATOM   1153 O  "O4'" . C   D 2 11 ? -22.097 -15.101 24.308  1.00 71.38  ? 31 C   D "O4'" 1 
ATOM   1154 C  "C3'" . C   D 2 11 ? -22.863 -14.785 26.471  1.00 73.25  ? 31 C   D "C3'" 1 
ATOM   1155 O  "O3'" . C   D 2 11 ? -23.424 -15.320 27.655  1.00 74.09  ? 31 C   D "O3'" 1 
ATOM   1156 C  "C2'" . C   D 2 11 ? -21.352 -14.839 26.530  1.00 72.50  ? 31 C   D "C2'" 1 
ATOM   1157 O  "O2'" . C   D 2 11 ? -20.890 -16.119 26.921  1.00 73.26  ? 31 C   D "O2'" 1 
ATOM   1158 C  "C1'" . C   D 2 11 ? -21.016 -14.565 25.069  1.00 70.89  ? 31 C   D "C1'" 1 
ATOM   1159 N  N1    . C   D 2 11 ? -20.956 -13.110 24.857  1.00 67.90  ? 31 C   D N1    1 
ATOM   1160 C  C2    . C   D 2 11 ? -19.781 -12.441 25.173  1.00 66.62  ? 31 C   D C2    1 
ATOM   1161 O  O2    . C   D 2 11 ? -18.824 -13.095 25.588  1.00 65.41  ? 31 C   D O2    1 
ATOM   1162 N  N3    . C   D 2 11 ? -19.714 -11.107 25.016  1.00 64.82  ? 31 C   D N3    1 
ATOM   1163 C  C4    . C   D 2 11 ? -20.768 -10.444 24.548  1.00 65.86  ? 31 C   D C4    1 
ATOM   1164 N  N4    . C   D 2 11 ? -20.660 -9.127  24.400  1.00 68.09  ? 31 C   D N4    1 
ATOM   1165 C  C5    . C   D 2 11 ? -21.982 -11.101 24.209  1.00 65.71  ? 31 C   D C5    1 
ATOM   1166 C  C6    . C   D 2 11 ? -22.032 -12.423 24.375  1.00 66.53  ? 31 C   D C6    1 
ATOM   1167 P  P     . A   D 2 12 ? -23.743 -14.333 28.888  1.00 75.38  ? 32 A   D P     1 
ATOM   1168 O  OP1   . A   D 2 12 ? -24.276 -15.220 29.955  1.00 77.19  ? 32 A   D OP1   1 
ATOM   1169 O  OP2   . A   D 2 12 ? -24.544 -13.153 28.443  1.00 74.24  ? 32 A   D OP2   1 
ATOM   1170 O  "O5'" . A   D 2 12 ? -22.318 -13.770 29.332  1.00 72.83  ? 32 A   D "O5'" 1 
ATOM   1171 C  "C5'" . A   D 2 12 ? -21.331 -14.637 29.869  1.00 69.50  ? 32 A   D "C5'" 1 
ATOM   1172 C  "C4'" . A   D 2 12 ? -20.119 -13.850 30.303  1.00 67.78  ? 32 A   D "C4'" 1 
ATOM   1173 O  "O4'" . A   D 2 12 ? -19.536 -13.169 29.162  1.00 66.25  ? 32 A   D "O4'" 1 
ATOM   1174 C  "C3'" . A   D 2 12 ? -20.361 -12.719 31.281  1.00 66.66  ? 32 A   D "C3'" 1 
ATOM   1175 O  "O3'" . A   D 2 12 ? -20.450 -13.188 32.618  1.00 66.02  ? 32 A   D "O3'" 1 
ATOM   1176 C  "C2'" . A   D 2 12 ? -19.096 -11.896 31.107  1.00 66.10  ? 32 A   D "C2'" 1 
ATOM   1177 O  "O2'" . A   D 2 12 ? -18.016 -12.508 31.778  1.00 66.36  ? 32 A   D "O2'" 1 
ATOM   1178 C  "C1'" . A   D 2 12 ? -18.890 -11.982 29.596  1.00 64.95  ? 32 A   D "C1'" 1 
ATOM   1179 N  N9    . A   D 2 12 ? -19.483 -10.839 28.902  1.00 63.43  ? 32 A   D N9    1 
ATOM   1180 C  C8    . A   D 2 12 ? -20.699 -10.763 28.263  1.00 63.29  ? 32 A   D C8    1 
ATOM   1181 N  N7    . A   D 2 12 ? -20.958 -9.578  27.760  1.00 60.43  ? 32 A   D N7    1 
ATOM   1182 C  C5    . A   D 2 12 ? -19.840 -8.827  28.088  1.00 59.55  ? 32 A   D C5    1 
ATOM   1183 C  C6    . A   D 2 12 ? -19.515 -7.491  27.868  1.00 57.56  ? 32 A   D C6    1 
ATOM   1184 N  N6    . A   D 2 12 ? -20.323 -6.645  27.245  1.00 55.81  ? 32 A   D N6    1 
ATOM   1185 N  N1    . A   D 2 12 ? -18.327 -7.044  28.323  1.00 57.65  ? 32 A   D N1    1 
ATOM   1186 C  C2    . A   D 2 12 ? -17.527 -7.898  28.969  1.00 59.11  ? 32 A   D C2    1 
ATOM   1187 N  N3    . A   D 2 12 ? -17.727 -9.185  29.250  1.00 60.13  ? 32 A   D N3    1 
ATOM   1188 C  C4    . A   D 2 12 ? -18.918 -9.592  28.779  1.00 61.24  ? 32 A   D C4    1 
ATOM   1189 P  P     . C   D 2 13 ? -20.957 -12.190 33.761  1.00 64.59  ? 33 C   D P     1 
ATOM   1190 O  OP1   . C   D 2 13 ? -20.896 -12.955 35.018  1.00 64.77  ? 33 C   D OP1   1 
ATOM   1191 O  OP2   . C   D 2 13 ? -22.242 -11.594 33.324  1.00 62.97  ? 33 C   D OP2   1 
ATOM   1192 O  "O5'" . C   D 2 13 ? -19.864 -11.030 33.802  1.00 62.19  ? 33 C   D "O5'" 1 
ATOM   1193 C  "C5'" . C   D 2 13 ? -18.593 -11.249 34.403  1.00 60.84  ? 33 C   D "C5'" 1 
ATOM   1194 C  "C4'" . C   D 2 13 ? -17.828 -9.949  34.523  1.00 59.86  ? 33 C   D "C4'" 1 
ATOM   1195 O  "O4'" . C   D 2 13 ? -17.634 -9.386  33.198  1.00 59.08  ? 33 C   D "O4'" 1 
ATOM   1196 C  "C3'" . C   D 2 13 ? -18.495 -8.823  35.286  1.00 59.56  ? 33 C   D "C3'" 1 
ATOM   1197 O  "O3'" . C   D 2 13 ? -18.326 -8.967  36.693  1.00 59.29  ? 33 C   D "O3'" 1 
ATOM   1198 C  "C2'" . C   D 2 13 ? -17.747 -7.610  34.751  1.00 59.24  ? 33 C   D "C2'" 1 
ATOM   1199 O  "O2'" . C   D 2 13 ? -16.470 -7.502  35.325  1.00 60.73  ? 33 C   D "O2'" 1 
ATOM   1200 C  "C1'" . C   D 2 13 ? -17.576 -7.976  33.277  1.00 57.94  ? 33 C   D "C1'" 1 
ATOM   1201 N  N1    . C   D 2 13 ? -18.643 -7.435  32.428  1.00 55.93  ? 33 C   D N1    1 
ATOM   1202 C  C2    . C   D 2 13 ? -18.537 -6.122  31.952  1.00 54.98  ? 33 C   D C2    1 
ATOM   1203 O  O2    . C   D 2 13 ? -17.507 -5.476  32.196  1.00 51.86  ? 33 C   D O2    1 
ATOM   1204 N  N3    . C   D 2 13 ? -19.561 -5.599  31.226  1.00 51.25  ? 33 C   D N3    1 
ATOM   1205 C  C4    . C   D 2 13 ? -20.633 -6.345  30.952  1.00 49.10  ? 33 C   D C4    1 
ATOM   1206 N  N4    . C   D 2 13 ? -21.623 -5.794  30.248  1.00 45.67  ? 33 C   D N4    1 
ATOM   1207 C  C5    . C   D 2 13 ? -20.740 -7.694  31.389  1.00 50.59  ? 33 C   D C5    1 
ATOM   1208 C  C6    . C   D 2 13 ? -19.735 -8.195  32.119  1.00 52.32  ? 33 C   D C6    1 
ATOM   1209 P  P     . C   D 2 14 ? -19.337 -8.211  37.695  1.00 60.75  ? 34 C   D P     1 
ATOM   1210 O  OP1   . C   D 2 14 ? -19.250 -8.847  39.032  1.00 58.65  ? 34 C   D OP1   1 
ATOM   1211 O  OP2   . C   D 2 14 ? -20.647 -8.121  37.012  1.00 59.90  ? 34 C   D OP2   1 
ATOM   1212 O  "O5'" . C   D 2 14 ? -18.746 -6.737  37.802  1.00 59.92  ? 34 C   D "O5'" 1 
ATOM   1213 C  "C5'" . C   D 2 14 ? -17.590 -6.474  38.592  1.00 62.17  ? 34 C   D "C5'" 1 
ATOM   1214 C  "C4'" . C   D 2 14 ? -17.180 -5.028  38.461  1.00 63.33  ? 34 C   D "C4'" 1 
ATOM   1215 O  "O4'" . C   D 2 14 ? -16.925 -4.728  37.068  1.00 64.35  ? 34 C   D "O4'" 1 
ATOM   1216 C  "C3'" . C   D 2 14 ? -18.238 -4.016  38.850  1.00 64.60  ? 34 C   D "C3'" 1 
ATOM   1217 O  "O3'" . C   D 2 14 ? -18.320 -3.854  40.263  1.00 67.21  ? 34 C   D "O3'" 1 
ATOM   1218 C  "C2'" . C   D 2 14 ? -17.784 -2.767  38.107  1.00 64.98  ? 34 C   D "C2'" 1 
ATOM   1219 O  "O2'" . C   D 2 14 ? -16.760 -2.068  38.780  1.00 66.58  ? 34 C   D "O2'" 1 
ATOM   1220 C  "C1'" . C   D 2 14 ? -17.242 -3.369  36.808  1.00 63.89  ? 34 C   D "C1'" 1 
ATOM   1221 N  N1    . C   D 2 14 ? -18.226 -3.311  35.721  1.00 61.49  ? 34 C   D N1    1 
ATOM   1222 C  C2    . C   D 2 14 ? -18.263 -2.173  34.916  1.00 59.88  ? 34 C   D C2    1 
ATOM   1223 O  O2    . C   D 2 14 ? -17.427 -1.281  35.102  1.00 57.74  ? 34 C   D O2    1 
ATOM   1224 N  N3    . C   D 2 14 ? -19.204 -2.074  33.957  1.00 60.27  ? 34 C   D N3    1 
ATOM   1225 C  C4    . C   D 2 14 ? -20.084 -3.060  33.782  1.00 62.45  ? 34 C   D C4    1 
ATOM   1226 N  N4    . C   D 2 14 ? -21.020 -2.898  32.848  1.00 65.52  ? 34 C   D N4    1 
ATOM   1227 C  C5    . C   D 2 14 ? -20.047 -4.250  34.564  1.00 62.44  ? 34 C   D C5    1 
ATOM   1228 C  C6    . C   D 2 14 ? -19.107 -4.334  35.512  1.00 62.29  ? 34 C   D C6    1 
HETATM 1229 C  C1    . NMY E 3 .  ? 9.091   8.527   -17.352 1.00 59.24  ? 17 NMY A C1    1 
HETATM 1230 O  O1    . NMY E 3 .  ? 10.223  8.888   -18.166 1.00 65.89  ? 17 NMY A O1    1 
HETATM 1231 C  C2    . NMY E 3 .  ? 8.050   7.998   -18.348 1.00 57.89  ? 17 NMY A C2    1 
HETATM 1232 N  N2    . NMY E 3 .  ? 8.619   6.964   -19.232 1.00 55.68  ? 17 NMY A N2    1 
HETATM 1233 C  C3    . NMY E 3 .  ? 7.483   9.137   -19.236 1.00 57.56  ? 17 NMY A C3    1 
HETATM 1234 O  O3    . NMY E 3 .  ? 6.485   8.632   -20.120 1.00 55.01  ? 17 NMY A O3    1 
HETATM 1235 C  C4    . NMY E 3 .  ? 6.906   10.260  -18.351 1.00 57.42  ? 17 NMY A C4    1 
HETATM 1236 O  O4    . NMY E 3 .  ? 6.388   11.288  -19.133 1.00 55.78  ? 17 NMY A O4    1 
HETATM 1237 C  C5    . NMY E 3 .  ? 8.016   10.812  -17.430 1.00 58.43  ? 17 NMY A C5    1 
HETATM 1238 O  O5    . NMY E 3 .  ? 8.543   9.703   -16.625 1.00 59.38  ? 17 NMY A O5    1 
HETATM 1239 C  C6    . NMY E 3 .  ? 7.482   11.928  -16.527 1.00 60.05  ? 17 NMY A C6    1 
HETATM 1240 C  C7    . NMY E 3 .  ? 14.522  9.015   -17.931 1.00 71.89  ? 17 NMY A C7    1 
HETATM 1241 N  N7    . NMY E 3 .  ? 15.922  9.195   -17.444 1.00 72.58  ? 17 NMY A N7    1 
HETATM 1242 C  C12   . NMY E 3 .  ? 13.788  7.947   -17.054 1.00 71.26  ? 17 NMY A C12   1 
HETATM 1243 C  C11   . NMY E 3 .  ? 12.278  7.724   -17.513 1.00 70.52  ? 17 NMY A C11   1 
HETATM 1244 O  O11   . NMY E 3 .  ? 11.534  6.952   -16.514 1.00 71.65  ? 17 NMY A O11   1 
HETATM 1245 C  C10   . NMY E 3 .  ? 11.534  9.079   -17.571 1.00 68.54  ? 17 NMY A C10   1 
HETATM 1246 C  C9    . NMY E 3 .  ? 12.268  10.139  -18.442 1.00 67.46  ? 17 NMY A C9    1 
HETATM 1247 N  N9    . NMY E 3 .  ? 11.495  11.410  -18.435 1.00 66.94  ? 17 NMY A N9    1 
HETATM 1248 C  C8    . NMY E 3 .  ? 13.715  10.380  -17.896 1.00 70.24  ? 17 NMY A C8    1 
HETATM 1249 C  C13   . NMY E 3 .  ? 11.484  5.532   -16.606 1.00 74.40  ? 17 NMY A C13   1 
HETATM 1250 C  C14   . NMY E 3 .  ? 11.127  4.817   -15.264 1.00 76.32  ? 17 NMY A C14   1 
HETATM 1251 C  C15   . NMY E 3 .  ? 10.475  3.583   -15.818 1.00 77.73  ? 17 NMY A C15   1 
HETATM 1252 C  C16   . NMY E 3 .  ? 9.609   4.103   -16.976 1.00 75.52  ? 17 NMY A C16   1 
HETATM 1253 O  O16   . NMY E 3 .  ? 10.498  5.069   -17.563 1.00 74.55  ? 17 NMY A O16   1 
HETATM 1254 C  C17   . NMY E 3 .  ? 8.256   4.765   -16.558 1.00 75.69  ? 17 NMY A C17   1 
HETATM 1255 C  C21   . NMY E 3 .  ? 10.914  -1.480  -17.365 1.00 85.32  ? 17 NMY A C21   1 
HETATM 1256 C  C20   . NMY E 3 .  ? 12.126  -1.158  -16.333 1.00 85.84  ? 17 NMY A C20   1 
HETATM 1257 C  C19   . NMY E 3 .  ? 12.561  0.385   -16.346 1.00 85.12  ? 17 NMY A C19   1 
HETATM 1258 C  C18   . NMY E 3 .  ? 11.274  1.270   -16.240 1.00 84.19  ? 17 NMY A C18   1 
HETATM 1259 O  O18   . NMY E 3 .  ? 11.538  2.672   -16.289 1.00 81.65  ? 17 NMY A O18   1 
HETATM 1260 C  C22   . NMY E 3 .  ? 9.727   -0.485  -17.125 1.00 84.84  ? 17 NMY A C22   1 
HETATM 1261 O  O22   . NMY E 3 .  ? 10.298  0.857   -17.319 1.00 84.38  ? 17 NMY A O22   1 
HETATM 1262 C  C23   . NMY E 3 .  ? 8.500   -0.683  -18.088 1.00 86.03  ? 17 NMY A C23   1 
HETATM 1263 N  N6    . NMY E 3 .  ? 8.376   12.223  -15.380 1.00 59.33  ? 17 NMY A N6    1 
HETATM 1264 O  O14   . NMY E 3 .  ? 12.243  4.580   -14.405 1.00 78.74  ? 17 NMY A O14   1 
HETATM 1265 O  O20   . NMY E 3 .  ? 11.720  -1.496  -14.989 1.00 86.30  ? 17 NMY A O20   1 
HETATM 1266 O  O21   . NMY E 3 .  ? 11.412  -1.304  -18.692 1.00 86.50  ? 17 NMY A O21   1 
HETATM 1267 O  O17   . NMY E 3 .  ? 7.248   4.417   -17.497 1.00 73.37  ? 17 NMY A O17   1 
HETATM 1268 O  O12   . NMY E 3 .  ? 14.546  6.724   -17.143 1.00 72.74  ? 17 NMY A O12   1 
HETATM 1269 N  N19   . NMY E 3 .  ? 7.294   0.113   -17.732 1.00 86.79  ? 17 NMY A N19   1 
HETATM 1270 N  N23   . NMY E 3 .  ? 13.349  0.708   -17.574 1.00 84.76  ? 17 NMY A N23   1 
HETATM 1271 C  C1    . NMY F 3 .  ? 25.098  16.866  -17.345 1.00 74.11  ? 18 NMY A C1    1 
HETATM 1272 O  O1    . NMY F 3 .  ? 23.787  16.252  -17.170 1.00 74.45  ? 18 NMY A O1    1 
HETATM 1273 C  C2    . NMY F 3 .  ? 25.780  17.044  -15.947 1.00 74.80  ? 18 NMY A C2    1 
HETATM 1274 N  N2    . NMY F 3 .  ? 25.650  15.846  -15.084 1.00 74.44  ? 18 NMY A N2    1 
HETATM 1275 C  C3    . NMY F 3 .  ? 25.206  18.236  -15.150 1.00 74.86  ? 18 NMY A C3    1 
HETATM 1276 O  O3    . NMY F 3 .  ? 25.909  18.356  -13.912 1.00 74.81  ? 18 NMY A O3    1 
HETATM 1277 C  C4    . NMY F 3 .  ? 25.290  19.551  -16.014 1.00 74.96  ? 18 NMY A C4    1 
HETATM 1278 O  O4    . NMY F 3 .  ? 24.789  20.672  -15.292 1.00 71.92  ? 18 NMY A O4    1 
HETATM 1279 C  C5    . NMY F 3 .  ? 24.458  19.340  -17.331 1.00 73.57  ? 18 NMY A C5    1 
HETATM 1280 O  O5    . NMY F 3 .  ? 24.983  18.177  -18.065 1.00 72.87  ? 18 NMY A O5    1 
HETATM 1281 C  C6    . NMY F 3 .  ? 24.464  20.555  -18.277 1.00 72.34  ? 18 NMY A C6    1 
HETATM 1282 C  C7    . NMY F 3 .  ? 20.916  14.417  -19.854 1.00 71.51  ? 18 NMY A C7    1 
HETATM 1283 N  N7    . NMY F 3 .  ? 20.052  14.167  -21.049 1.00 70.94  ? 18 NMY A N7    1 
HETATM 1284 C  C12   . NMY F 3 .  ? 22.463  14.365  -20.233 1.00 72.54  ? 18 NMY A C12   1 
HETATM 1285 C  C11   . NMY F 3 .  ? 23.361  14.653  -18.941 1.00 74.04  ? 18 NMY A C11   1 
HETATM 1286 O  O11   . NMY F 3 .  ? 24.805  14.692  -19.249 1.00 73.79  ? 18 NMY A O11   1 
HETATM 1287 C  C10   . NMY F 3 .  ? 22.990  16.016  -18.357 1.00 73.73  ? 18 NMY A C10   1 
HETATM 1288 C  C9    . NMY F 3 .  ? 21.480  16.081  -17.970 1.00 73.47  ? 18 NMY A C9    1 
HETATM 1289 N  N9    . NMY F 3 .  ? 21.152  17.410  -17.402 1.00 74.35  ? 18 NMY A N9    1 
HETATM 1290 C  C8    . NMY F 3 .  ? 20.579  15.822  -19.233 1.00 72.43  ? 18 NMY A C8    1 
HETATM 1291 C  C13   . NMY F 3 .  ? 25.543  13.460  -19.160 1.00 74.49  ? 18 NMY A C13   1 
HETATM 1292 C  C14   . NMY F 3 .  ? 26.835  13.456  -20.003 1.00 73.82  ? 18 NMY A C14   1 
HETATM 1293 C  C15   . NMY F 3 .  ? 27.733  12.563  -19.134 1.00 73.15  ? 18 NMY A C15   1 
HETATM 1294 C  C16   . NMY F 3 .  ? 27.323  12.860  -17.674 1.00 72.60  ? 18 NMY A C16   1 
HETATM 1295 O  O16   . NMY F 3 .  ? 25.929  13.130  -17.799 1.00 72.14  ? 18 NMY A O16   1 
HETATM 1296 C  C17   . NMY F 3 .  ? 28.053  14.056  -16.985 1.00 71.60  ? 18 NMY A C17   1 
HETATM 1297 C  C21   . NMY F 3 .  ? 29.858  7.636   -18.169 1.00 66.98  ? 18 NMY A C21   1 
HETATM 1298 C  C20   . NMY F 3 .  ? 29.977  8.104   -19.735 1.00 68.27  ? 18 NMY A C20   1 
HETATM 1299 C  C19   . NMY F 3 .  ? 28.762  9.060   -20.169 1.00 68.93  ? 18 NMY A C19   1 
HETATM 1300 C  C18   . NMY F 3 .  ? 28.644  10.241  -19.151 1.00 68.99  ? 18 NMY A C18   1 
HETATM 1301 O  O18   . NMY F 3 .  ? 27.542  11.132  -19.464 1.00 70.03  ? 18 NMY A O18   1 
HETATM 1302 C  C22   . NMY F 3 .  ? 29.672  8.892   -17.217 1.00 65.82  ? 18 NMY A C22   1 
HETATM 1303 O  O22   . NMY F 3 .  ? 28.498  9.666   -17.734 1.00 67.68  ? 18 NMY A O22   1 
HETATM 1304 C  C23   . NMY F 3 .  ? 29.484  8.505   -15.667 1.00 64.71  ? 18 NMY A C23   1 
HETATM 1305 N  N6    . NMY F 3 .  ? 23.582  21.637  -17.787 1.00 70.92  ? 18 NMY A N6    1 
HETATM 1306 O  O14   . NMY F 3 .  ? 26.595  13.009  -21.353 1.00 75.24  ? 18 NMY A O14   1 
HETATM 1307 O  O20   . NMY F 3 .  ? 31.257  8.788   -19.997 1.00 68.59  ? 18 NMY A O20   1 
HETATM 1308 O  O21   . NMY F 3 .  ? 28.738  6.744   -18.042 1.00 62.99  ? 18 NMY A O21   1 
HETATM 1309 O  O17   . NMY F 3 .  ? 28.997  13.522  -16.059 1.00 70.60  ? 18 NMY A O17   1 
HETATM 1310 O  O12   . NMY F 3 .  ? 22.769  13.044  -20.781 1.00 73.16  ? 18 NMY A O12   1 
HETATM 1311 N  N19   . NMY F 3 .  ? 30.539  7.649   -15.034 1.00 61.76  ? 18 NMY A N19   1 
HETATM 1312 N  N23   . NMY F 3 .  ? 27.473  8.288   -20.195 1.00 66.99  ? 18 NMY A N23   1 
HETATM 1313 MG MG    . MG  G 4 .  ? 2.528   3.637   -2.055  1.00 41.18  ? 41 MG  A MG    1 
HETATM 1314 C  C1    . NMY H 3 .  ? -13.846 -9.348  12.298  1.00 57.03  ? 1  NMY C C1    1 
HETATM 1315 O  O1    . NMY H 3 .  ? -12.988 -9.281  11.149  1.00 62.81  ? 1  NMY C O1    1 
HETATM 1316 C  C2    . NMY H 3 .  ? -13.595 -10.727 12.925  1.00 56.41  ? 1  NMY C C2    1 
HETATM 1317 N  N2    . NMY H 3 .  ? -12.151 -10.991 13.119  1.00 53.74  ? 1  NMY C N2    1 
HETATM 1318 C  C3    . NMY H 3 .  ? -14.184 -11.871 12.049  1.00 56.12  ? 1  NMY C C3    1 
HETATM 1319 O  O3    . NMY H 3 .  ? -13.977 -13.130 12.677  1.00 52.96  ? 1  NMY C O3    1 
HETATM 1320 C  C4    . NMY H 3 .  ? -15.690 -11.619 11.788  1.00 55.40  ? 1  NMY C C4    1 
HETATM 1321 O  O4    . NMY H 3 .  ? -16.237 -12.649 11.019  1.00 52.61  ? 1  NMY C O4    1 
HETATM 1322 C  C5    . NMY H 3 .  ? -15.839 -10.258 11.061  1.00 56.29  ? 1  NMY C C5    1 
HETATM 1323 O  O5    . NMY H 3 .  ? -15.261 -9.209  11.896  1.00 55.95  ? 1  NMY C O5    1 
HETATM 1324 C  C6    . NMY H 3 .  ? -17.285 -9.925  10.764  1.00 58.57  ? 1  NMY C C6    1 
HETATM 1325 C  C7    . NMY H 3 .  ? -10.684 -6.389  8.976   1.00 68.69  ? 1  NMY C C7    1 
HETATM 1326 N  N7    . NMY H 3 .  ? -10.183 -5.134  8.344   1.00 68.62  ? 1  NMY C N7    1 
HETATM 1327 C  C12   . NMY H 3 .  ? -10.818 -6.184  10.533  1.00 68.75  ? 1  NMY C C12   1 
HETATM 1328 C  C11   . NMY H 3 .  ? -11.370 -7.474  11.280  1.00 68.34  ? 1  NMY C C11   1 
HETATM 1329 O  O11   . NMY H 3 .  ? -11.837 -7.127  12.623  1.00 69.42  ? 1  NMY C O11   1 
HETATM 1330 C  C10   . NMY H 3 .  ? -12.645 -7.988  10.590  1.00 66.72  ? 1  NMY C C10   1 
HETATM 1331 C  C9    . NMY H 3 .  ? -12.509 -8.165  9.046   1.00 65.63  ? 1  NMY C C9    1 
HETATM 1332 N  N9    . NMY H 3 .  ? -13.812 -8.631  8.493   1.00 65.82  ? 1  NMY C N9    1 
HETATM 1333 C  C8    . NMY H 3 .  ? -12.079 -6.822  8.370   1.00 66.21  ? 1  NMY C C8    1 
HETATM 1334 C  C13   . NMY H 3 .  ? -10.929 -7.087  13.734  1.00 72.85  ? 1  NMY C C13   1 
HETATM 1335 C  C14   . NMY H 3 .  ? -11.440 -6.210  14.929  1.00 74.68  ? 1  NMY C C14   1 
HETATM 1336 C  C15   . NMY H 3 .  ? -10.780 -6.940  16.069  1.00 74.93  ? 1  NMY C C15   1 
HETATM 1337 C  C16   . NMY H 3 .  ? -10.947 -8.430  15.702  1.00 72.57  ? 1  NMY C C16   1 
HETATM 1338 O  O16   . NMY H 3 .  ? -10.689 -8.398  14.297  1.00 72.84  ? 1  NMY C O16   1 
HETATM 1339 C  C17   . NMY H 3 .  ? -12.358 -9.045  15.989  1.00 72.87  ? 1  NMY C C17   1 
HETATM 1340 C  C21   . NMY H 3 .  ? -6.392  -8.408  18.640  1.00 82.86  ? 1  NMY C C21   1 
HETATM 1341 C  C20   . NMY H 3 .  ? -6.169  -6.838  18.253  1.00 82.18  ? 1  NMY C C20   1 
HETATM 1342 C  C19   . NMY H 3 .  ? -7.054  -6.372  17.007  1.00 81.26  ? 1  NMY C C19   1 
HETATM 1343 C  C18   . NMY H 3 .  ? -8.526  -6.859  17.219  1.00 80.40  ? 1  NMY C C18   1 
HETATM 1344 O  O18   . NMY H 3 .  ? -9.363  -6.514  16.097  1.00 78.71  ? 1  NMY C O18   1 
HETATM 1345 C  C22   . NMY H 3 .  ? -7.918  -8.729  18.782  1.00 81.00  ? 1  NMY C C22   1 
HETATM 1346 O  O22   . NMY H 3 .  ? -8.513  -8.356  17.490  1.00 81.10  ? 1  NMY C O22   1 
HETATM 1347 C  C23   . NMY H 3 .  ? -8.238  -10.240 19.121  1.00 80.52  ? 1  NMY C C23   1 
HETATM 1348 N  N6    . NMY H 3 .  ? -17.548 -8.465  10.882  1.00 61.44  ? 1  NMY C N6    1 
HETATM 1349 O  O14   . NMY H 3 .  ? -11.106 -4.816  14.815  1.00 76.09  ? 1  NMY C O14   1 
HETATM 1350 O  O20   . NMY H 3 .  ? -6.513  -6.000  19.376  1.00 81.38  ? 1  NMY C O20   1 
HETATM 1351 O  O21   . NMY H 3 .  ? -5.848  -9.210  17.587  1.00 85.75  ? 1  NMY C O21   1 
HETATM 1352 O  O17   . NMY H 3 .  ? -12.242 -10.439 16.261  1.00 67.45  ? 1  NMY C O17   1 
HETATM 1353 O  O12   . NMY H 3 .  ? -9.515  -5.825  11.041  1.00 70.47  ? 1  NMY C O12   1 
HETATM 1354 N  N19   . NMY H 3 .  ? -9.558  -10.477 19.764  1.00 79.37  ? 1  NMY C N19   1 
HETATM 1355 N  N23   . NMY H 3 .  ? -6.496  -6.895  15.718  1.00 80.18  ? 1  NMY C N23   1 
HETATM 1356 C  C1    . NMY I 3 .  ? -10.260 1.150   -2.987  1.00 72.28  ? 17 NMY C C1    1 
HETATM 1357 O  O1    . NMY I 3 .  ? -10.052 0.652   -1.638  1.00 71.30  ? 17 NMY C O1    1 
HETATM 1358 C  C2    . NMY I 3 .  ? -9.737  2.598   -2.830  1.00 72.17  ? 17 NMY C C2    1 
HETATM 1359 N  N2    . NMY I 3 .  ? -8.364  2.603   -2.330  1.00 72.95  ? 17 NMY C N2    1 
HETATM 1360 C  C3    . NMY I 3 .  ? -10.588 3.419   -1.820  1.00 72.22  ? 17 NMY C C3    1 
HETATM 1361 O  O3    . NMY I 3 .  ? -10.089 4.747   -1.693  1.00 68.51  ? 17 NMY C O3    1 
HETATM 1362 C  C4    . NMY I 3 .  ? -12.076 3.437   -2.282  1.00 72.04  ? 17 NMY C C4    1 
HETATM 1363 O  O4    . NMY I 3 .  ? -12.875 4.196   -1.373  1.00 72.18  ? 17 NMY C O4    1 
HETATM 1364 C  C5    . NMY I 3 .  ? -12.613 1.946   -2.402  1.00 71.66  ? 17 NMY C C5    1 
HETATM 1365 O  O5    . NMY I 3 .  ? -11.726 1.164   -3.336  1.00 71.43  ? 17 NMY C O5    1 
HETATM 1366 C  C6    . NMY I 3 .  ? -14.084 1.861   -2.882  1.00 72.03  ? 17 NMY C C6    1 
HETATM 1367 C  C7    . NMY I 3 .  ? -9.772  -3.075  0.531   1.00 70.33  ? 17 NMY C C7    1 
HETATM 1368 N  N7    . NMY I 3 .  ? -9.718  -4.544  0.793   1.00 68.57  ? 17 NMY C N7    1 
HETATM 1369 C  C12   . NMY I 3 .  ? -8.562  -2.584  -0.372  1.00 70.82  ? 17 NMY C C12   1 
HETATM 1370 C  C11   . NMY I 3 .  ? -8.687  -1.017  -0.620  1.00 71.13  ? 17 NMY C C11   1 
HETATM 1371 O  O11   . NMY I 3 .  ? -7.551  -0.441  -1.369  1.00 70.32  ? 17 NMY C O11   1 
HETATM 1372 C  C10   . NMY I 3 .  ? -9.977  -0.749  -1.372  1.00 70.70  ? 17 NMY C C10   1 
HETATM 1373 C  C9    . NMY I 3 .  ? -11.228 -1.190  -0.489  1.00 69.47  ? 17 NMY C C9    1 
HETATM 1374 N  N9    . NMY I 3 .  ? -12.543 -0.927  -1.183  1.00 71.38  ? 17 NMY C N9    1 
HETATM 1375 C  C8    . NMY I 3 .  ? -11.118 -2.732  -0.184  1.00 69.57  ? 17 NMY C C8    1 
HETATM 1376 C  C13   . NMY I 3 .  ? -6.337  -0.141  -0.620  1.00 71.30  ? 17 NMY C C13   1 
HETATM 1377 C  C14   . NMY I 3 .  ? -5.009  -0.350  -1.431  1.00 70.78  ? 17 NMY C C14   1 
HETATM 1378 C  C15   . NMY I 3 .  ? -4.150  0.794   -0.875  1.00 70.78  ? 17 NMY C C15   1 
HETATM 1379 C  C16   . NMY I 3 .  ? -5.134  1.924   -0.500  1.00 71.02  ? 17 NMY C C16   1 
HETATM 1380 O  O16   . NMY I 3 .  ? -6.321  1.226   -0.132  1.00 69.46  ? 17 NMY C O16   1 
HETATM 1381 C  C17   . NMY I 3 .  ? -5.447  2.949   -1.625  1.00 69.43  ? 17 NMY C C17   1 
HETATM 1382 C  C21   . NMY I 3 .  ? -0.149  2.535   2.404   1.00 66.56  ? 17 NMY C C21   1 
HETATM 1383 C  C20   . NMY I 3 .  ? 0.203   1.089   1.778   1.00 66.13  ? 17 NMY C C20   1 
HETATM 1384 C  C19   . NMY I 3 .  ? -1.107  0.190   1.453   1.00 66.57  ? 17 NMY C C19   1 
HETATM 1385 C  C18   . NMY I 3 .  ? -2.137  1.053   0.619   1.00 67.84  ? 17 NMY C C18   1 
HETATM 1386 O  O18   . NMY I 3 .  ? -3.382  0.340   0.309   1.00 69.59  ? 17 NMY C O18   1 
HETATM 1387 C  C22   . NMY I 3 .  ? -1.216  3.275   1.483   1.00 67.08  ? 17 NMY C C22   1 
HETATM 1388 O  O22   . NMY I 3 .  ? -2.396  2.373   1.377   1.00 67.98  ? 17 NMY C O22   1 
HETATM 1389 C  C23   . NMY I 3 .  ? -1.664  4.707   2.014   1.00 67.21  ? 17 NMY C C23   1 
HETATM 1390 N  N6    . NMY I 3 .  ? -14.316 2.671   -4.129  1.00 66.96  ? 17 NMY C N6    1 
HETATM 1391 O  O14   . NMY I 3 .  ? -4.441  -1.684  -1.280  1.00 70.88  ? 17 NMY C O14   1 
HETATM 1392 O  O20   . NMY I 3 .  ? 0.951   1.290   0.549   1.00 65.16  ? 17 NMY C O20   1 
HETATM 1393 O  O21   . NMY I 3 .  ? -0.663  2.338   3.732   1.00 63.74  ? 17 NMY C O21   1 
HETATM 1394 O  O17   . NMY I 3 .  ? -5.950  4.146   -1.024  1.00 69.10  ? 17 NMY C O17   1 
HETATM 1395 O  O12   . NMY I 3 .  ? -7.312  -2.882  0.313   1.00 72.38  ? 17 NMY C O12   1 
HETATM 1396 N  N19   . NMY I 3 .  ? -1.988  4.781   3.472   1.00 65.15  ? 17 NMY C N19   1 
HETATM 1397 N  N23   . NMY I 3 .  ? -1.744  -0.341  2.713   1.00 62.75  ? 17 NMY C N23   1 
HETATM 1398 MG MG    . MG  J 4 .  ? -22.251 -1.456  25.306  1.00 41.18  ? 48 MG  C MG    1 
HETATM 1399 O  O     . HOH K 5 .  ? 19.260  10.637  -6.885  1.00 59.81  ? 42 HOH A O     1 
HETATM 1400 O  O     . HOH K 5 .  ? 21.325  9.272   -17.351 1.00 55.42  ? 43 HOH A O     1 
HETATM 1401 O  O     . HOH K 5 .  ? 33.991  5.750   -15.266 1.00 41.18  ? 44 HOH A O     1 
HETATM 1402 O  O     . HOH K 5 .  ? 29.796  12.500  -10.455 1.00 41.18  ? 45 HOH A O     1 
HETATM 1403 O  O     . HOH K 5 .  ? 22.860  15.773  -9.960  1.00 41.18  ? 46 HOH A O     1 
HETATM 1404 O  O     . HOH K 5 .  ? 5.689   15.248  -20.868 1.00 61.07  ? 47 HOH A O     1 
HETATM 1405 O  O     . HOH L 5 .  ? 17.321  8.611   -3.720  1.00 59.81  ? 35 HOH B O     1 
HETATM 1406 O  O     . HOH L 5 .  ? -7.421  0.811   -8.365  1.00 59.81  ? 36 HOH B O     1 
HETATM 1407 O  O     . HOH L 5 .  ? -12.251 0.748   -9.476  1.00 41.18  ? 37 HOH B O     1 
HETATM 1408 O  O     . HOH L 5 .  ? -4.405  -1.206  -14.450 1.00 37.93  ? 38 HOH B O     1 
HETATM 1409 O  O     . HOH M 5 .  ? -18.731 -19.815 4.820   1.00 67.01  ? 49 HOH C O     1 
HETATM 1410 O  O     . HOH M 5 .  ? -10.695 -12.587 17.582  1.00 59.81  ? 50 HOH C O     1 
HETATM 1411 O  O     . HOH M 5 .  ? -8.246  -4.244  20.340  1.00 55.42  ? 51 HOH C O     1 
HETATM 1412 O  O     . HOH M 5 .  ? -19.539 -15.158 6.615   1.00 41.18  ? 52 HOH C O     1 
HETATM 1413 O  O     . HOH M 5 .  ? -7.280  8.725   1.420   1.00 41.18  ? 53 HOH C O     1 
HETATM 1414 O  O     . HOH M 5 .  ? -6.226  -0.496  4.923   1.00 36.14  ? 54 HOH C O     1 
HETATM 1415 O  O     . HOH N 5 .  ? -18.033 2.290   20.579  1.00 61.54  ? 6  HOH D O     1 
HETATM 1416 O  O     . HOH N 5 .  ? -23.306 -10.345 36.668  1.00 37.93  ? 10 HOH D O     1 
HETATM 1417 O  O     . HOH N 5 .  ? -23.100 -11.263 36.129  1.00 59.81  ? 14 HOH D O     1 
HETATM 1418 O  O     . HOH N 5 .  ? -23.872 -8.185  27.378  1.00 59.81  ? 15 HOH D O     1 
# 
